data_9JQ4
#
_entry.id   9JQ4
#
loop_
_entity.id
_entity.type
_entity.pdbx_description
1 polymer 'Isovaleryl-CoA dehydrogenase, mitochondrial'
2 non-polymer 'Butyryl Coenzyme A'
3 non-polymer 'FLAVIN-ADENINE DINUCLEOTIDE'
#
_entity_poly.entity_id   1
_entity_poly.type   'polypeptide(L)'
_entity_poly.pdbx_seq_one_letter_code
;MAEMATATRLLGWRVASWRLRPPLAGFVSQRAHSLLPVDDAINGLSEEQRQLRQTMAKFLQEHLAPKAQEIDRSNEFKNL
REFWKQLGNLGVLGITAPVQYGGSGLGYLEHVLVMEEISRASGAVGLSYGAHSNLCINQLVRNGNEAQKEKYLPKLISGE
YIGALAMSEPNAGSDVVSMKLKAEKKGNHYILNGNKFWITNGPDADVLIVYAKTDLAAVPASRGITAFIVEKGMPGFSTS
KKLDKLGMRGSNTCELIFEDCKIPAANILGHENKGVYVLMSGLDLARLVLAGGPLGLMQAVLDHTIPYLHVREAFGQKIG
HFQLMQGKMADMYTRLMACRQYVYNVAKACDEGHCTAKDCAGVILYSAECATQVALDGIQCFGGNGYINDFPMGRFLRDA
KLYEIGAGTSEVRRLVIGRAFNADFH
;
_entity_poly.pdbx_strand_id   A,B,C,D
#
# COMPACT_ATOMS: atom_id res chain seq x y z
N VAL A 38 8.54 9.45 26.88
CA VAL A 38 7.49 9.84 25.94
C VAL A 38 6.59 8.65 25.63
N ASP A 39 6.95 7.49 26.15
CA ASP A 39 6.16 6.28 25.92
C ASP A 39 4.88 6.32 26.76
N ASP A 40 4.03 5.32 26.56
CA ASP A 40 2.76 5.21 27.24
C ASP A 40 2.68 3.87 27.96
N ALA A 41 1.78 3.81 28.95
CA ALA A 41 1.62 2.62 29.76
C ALA A 41 0.79 1.53 29.08
N ILE A 42 0.47 1.69 27.80
CA ILE A 42 -0.33 0.69 27.09
C ILE A 42 0.42 -0.64 26.95
N ASN A 43 1.76 -0.61 27.04
CA ASN A 43 2.55 -1.82 26.87
C ASN A 43 2.25 -2.86 27.94
N GLY A 44 1.75 -2.44 29.10
CA GLY A 44 1.43 -3.39 30.16
C GLY A 44 2.62 -3.94 30.91
N LEU A 45 3.80 -3.33 30.79
CA LEU A 45 4.97 -3.80 31.50
C LEU A 45 4.87 -3.51 32.99
N SER A 46 5.52 -4.34 33.79
CA SER A 46 5.49 -4.19 35.23
C SER A 46 6.35 -3.00 35.67
N GLU A 47 6.32 -2.72 36.97
CA GLU A 47 7.09 -1.60 37.51
C GLU A 47 8.58 -1.86 37.39
N GLU A 48 9.01 -3.11 37.58
CA GLU A 48 10.43 -3.44 37.43
C GLU A 48 10.89 -3.26 35.98
N GLN A 49 10.05 -3.67 35.02
CA GLN A 49 10.39 -3.49 33.62
C GLN A 49 10.35 -2.01 33.22
N ARG A 50 9.51 -1.22 33.89
CA ARG A 50 9.47 0.21 33.62
C ARG A 50 10.74 0.90 34.10
N GLN A 51 11.35 0.39 35.18
CA GLN A 51 12.59 0.98 35.67
C GLN A 51 13.72 0.82 34.66
N LEU A 52 13.81 -0.35 34.03
CA LEU A 52 14.84 -0.57 33.01
C LEU A 52 14.60 0.31 31.79
N ARG A 53 13.34 0.64 31.52
CA ARG A 53 13.03 1.50 30.39
C ARG A 53 13.58 2.90 30.58
N GLN A 54 13.37 3.48 31.77
CA GLN A 54 13.85 4.83 32.04
C GLN A 54 15.34 4.85 32.39
N THR A 55 15.86 3.75 32.92
CA THR A 55 17.29 3.70 33.25
C THR A 55 18.14 3.82 32.00
N MET A 56 17.80 3.07 30.96
CA MET A 56 18.54 3.17 29.70
C MET A 56 18.23 4.49 28.98
N ALA A 57 17.06 5.07 29.26
CA ALA A 57 16.67 6.31 28.60
C ALA A 57 17.62 7.45 28.98
N LYS A 58 17.92 7.61 30.26
CA LYS A 58 18.81 8.67 30.69
C LYS A 58 20.27 8.36 30.38
N PHE A 59 20.62 7.09 30.26
CA PHE A 59 22.01 6.72 29.98
C PHE A 59 22.35 6.92 28.51
N LEU A 60 21.48 6.43 27.61
CA LEU A 60 21.78 6.48 26.18
C LEU A 60 21.68 7.90 25.64
N GLN A 61 20.84 8.74 26.24
CA GLN A 61 20.71 10.12 25.76
C GLN A 61 21.90 10.99 26.11
N GLU A 62 22.89 10.48 26.84
CA GLU A 62 24.09 11.24 27.17
C GLU A 62 25.34 10.48 26.76
N HIS A 63 25.24 9.15 26.64
CA HIS A 63 26.39 8.34 26.27
C HIS A 63 26.36 7.90 24.82
N LEU A 64 25.18 7.64 24.26
CA LEU A 64 25.05 7.10 22.91
C LEU A 64 24.37 8.05 21.94
N ALA A 65 23.32 8.74 22.38
CA ALA A 65 22.57 9.62 21.48
C ALA A 65 23.40 10.79 20.93
N PRO A 66 24.14 11.56 21.75
CA PRO A 66 24.86 12.71 21.18
C PRO A 66 25.98 12.34 20.22
N LYS A 67 26.44 11.08 20.22
CA LYS A 67 27.48 10.66 19.30
C LYS A 67 26.98 9.75 18.18
N ALA A 68 25.66 9.64 18.00
CA ALA A 68 25.12 8.78 16.95
C ALA A 68 25.51 9.28 15.56
N GLN A 69 25.42 10.60 15.34
CA GLN A 69 25.79 11.15 14.04
C GLN A 69 27.28 10.95 13.76
N GLU A 70 28.12 11.09 14.80
CA GLU A 70 29.55 10.88 14.64
C GLU A 70 29.85 9.43 14.27
N ILE A 71 29.19 8.48 14.94
CA ILE A 71 29.40 7.07 14.62
C ILE A 71 28.91 6.76 13.21
N ASP A 72 27.81 7.41 12.80
CA ASP A 72 27.28 7.17 11.46
C ASP A 72 28.20 7.71 10.39
N ARG A 73 28.73 8.92 10.57
CA ARG A 73 29.57 9.51 9.53
C ARG A 73 31.00 8.96 9.54
N SER A 74 31.48 8.49 10.68
CA SER A 74 32.82 7.94 10.75
C SER A 74 32.86 6.44 10.53
N ASN A 75 31.73 5.74 10.75
CA ASN A 75 31.64 4.29 10.57
C ASN A 75 32.66 3.56 11.44
N GLU A 76 32.82 4.04 12.67
CA GLU A 76 33.78 3.43 13.60
C GLU A 76 33.41 3.85 15.02
N PHE A 77 33.12 2.87 15.88
CA PHE A 77 32.81 3.12 17.27
C PHE A 77 34.11 3.10 18.05
N LYS A 78 34.66 4.29 18.31
CA LYS A 78 35.92 4.39 19.04
C LYS A 78 35.77 3.93 20.48
N ASN A 79 34.63 4.22 21.10
CA ASN A 79 34.35 3.82 22.48
C ASN A 79 33.58 2.50 22.56
N LEU A 80 33.77 1.60 21.59
CA LEU A 80 33.00 0.37 21.55
C LEU A 80 33.20 -0.46 22.81
N ARG A 81 34.45 -0.74 23.16
CA ARG A 81 34.72 -1.58 24.32
C ARG A 81 34.35 -0.89 25.63
N GLU A 82 34.58 0.43 25.72
CA GLU A 82 34.19 1.16 26.92
C GLU A 82 32.67 1.15 27.10
N PHE A 83 31.93 1.37 26.01
CA PHE A 83 30.48 1.32 26.08
C PHE A 83 29.99 -0.09 26.42
N TRP A 84 30.66 -1.11 25.88
CA TRP A 84 30.30 -2.49 26.21
C TRP A 84 30.52 -2.78 27.68
N LYS A 85 31.64 -2.31 28.24
CA LYS A 85 31.90 -2.53 29.65
C LYS A 85 30.91 -1.77 30.52
N GLN A 86 30.55 -0.55 30.12
CA GLN A 86 29.56 0.21 30.87
C GLN A 86 28.19 -0.48 30.84
N LEU A 87 27.83 -1.06 29.69
CA LEU A 87 26.57 -1.81 29.61
C LEU A 87 26.64 -3.09 30.45
N GLY A 88 27.80 -3.75 30.47
CA GLY A 88 27.95 -4.92 31.33
C GLY A 88 27.84 -4.58 32.79
N ASN A 89 28.29 -3.39 33.18
CA ASN A 89 28.12 -2.93 34.55
C ASN A 89 26.63 -2.74 34.88
N LEU A 90 25.84 -2.36 33.87
CA LEU A 90 24.40 -2.21 34.07
C LEU A 90 23.66 -3.53 34.07
N GLY A 91 24.28 -4.60 33.56
CA GLY A 91 23.65 -5.90 33.52
C GLY A 91 22.72 -6.14 32.34
N VAL A 92 22.75 -5.29 31.32
CA VAL A 92 21.87 -5.47 30.16
C VAL A 92 22.43 -6.45 29.15
N LEU A 93 23.73 -6.79 29.23
CA LEU A 93 24.29 -7.76 28.29
C LEU A 93 23.79 -9.16 28.60
N GLY A 94 23.97 -9.62 29.83
CA GLY A 94 23.46 -10.91 30.25
C GLY A 94 22.09 -10.80 30.87
N ILE A 95 21.23 -9.98 30.26
CA ILE A 95 19.89 -9.75 30.82
C ILE A 95 19.03 -11.01 30.72
N THR A 96 19.36 -11.90 29.78
CA THR A 96 18.65 -13.17 29.65
C THR A 96 19.42 -14.35 30.23
N ALA A 97 20.63 -14.11 30.75
CA ALA A 97 21.44 -15.17 31.32
C ALA A 97 21.03 -15.43 32.77
N PRO A 98 21.28 -16.64 33.27
CA PRO A 98 21.03 -16.91 34.69
C PRO A 98 21.92 -16.05 35.58
N VAL A 99 21.52 -15.96 36.86
CA VAL A 99 22.24 -15.13 37.81
C VAL A 99 23.51 -15.79 38.32
N GLN A 100 23.79 -17.04 37.91
CA GLN A 100 24.97 -17.73 38.38
C GLN A 100 26.25 -17.19 37.73
N TYR A 101 26.17 -16.77 36.46
CA TYR A 101 27.33 -16.28 35.72
C TYR A 101 27.38 -14.75 35.69
N GLY A 102 26.74 -14.08 36.65
CA GLY A 102 26.74 -12.64 36.69
C GLY A 102 25.68 -11.98 35.84
N GLY A 103 24.70 -12.73 35.36
CA GLY A 103 23.66 -12.17 34.53
C GLY A 103 22.56 -11.50 35.34
N SER A 104 21.37 -11.39 34.76
CA SER A 104 20.22 -10.77 35.42
C SER A 104 19.12 -11.74 35.74
N GLY A 105 18.87 -12.73 34.89
CA GLY A 105 17.82 -13.70 35.12
C GLY A 105 16.43 -13.27 34.66
N LEU A 106 16.34 -12.19 33.88
CA LEU A 106 15.05 -11.69 33.42
C LEU A 106 14.61 -12.48 32.19
N GLY A 107 13.54 -12.02 31.54
CA GLY A 107 12.99 -12.70 30.39
C GLY A 107 13.35 -12.01 29.07
N TYR A 108 12.68 -12.46 28.01
CA TYR A 108 12.95 -11.91 26.69
C TYR A 108 12.33 -10.53 26.49
N LEU A 109 11.29 -10.19 27.26
CA LEU A 109 10.63 -8.89 27.09
C LEU A 109 11.56 -7.76 27.49
N GLU A 110 12.31 -7.94 28.59
CA GLU A 110 13.27 -6.92 29.00
C GLU A 110 14.37 -6.74 27.97
N HIS A 111 14.87 -7.84 27.40
CA HIS A 111 15.86 -7.74 26.34
C HIS A 111 15.29 -7.02 25.12
N VAL A 112 14.04 -7.31 24.77
CA VAL A 112 13.42 -6.66 23.62
C VAL A 112 13.29 -5.16 23.85
N LEU A 113 12.88 -4.75 25.05
CA LEU A 113 12.72 -3.32 25.32
C LEU A 113 14.07 -2.61 25.39
N VAL A 114 15.09 -3.28 25.93
CA VAL A 114 16.42 -2.68 25.94
C VAL A 114 16.95 -2.53 24.52
N MET A 115 16.72 -3.54 23.68
CA MET A 115 17.12 -3.44 22.28
C MET A 115 16.38 -2.30 21.58
N GLU A 116 15.09 -2.15 21.85
CA GLU A 116 14.33 -1.05 21.26
C GLU A 116 14.87 0.31 21.69
N GLU A 117 15.21 0.45 22.98
CA GLU A 117 15.75 1.71 23.46
C GLU A 117 17.10 2.01 22.84
N ILE A 118 17.97 1.00 22.73
CA ILE A 118 19.29 1.21 22.16
C ILE A 118 19.19 1.55 20.67
N SER A 119 18.23 0.93 19.98
CA SER A 119 18.02 1.25 18.57
C SER A 119 17.45 2.65 18.39
N ARG A 120 16.59 3.09 19.32
CA ARG A 120 16.11 4.47 19.29
C ARG A 120 17.26 5.43 19.51
N ALA A 121 18.19 5.09 20.41
CA ALA A 121 19.37 5.92 20.61
C ALA A 121 20.30 5.86 19.40
N SER A 122 20.61 4.64 18.95
CA SER A 122 21.47 4.46 17.78
C SER A 122 21.17 3.10 17.18
N GLY A 123 20.60 3.08 15.98
CA GLY A 123 20.24 1.81 15.35
C GLY A 123 21.46 0.96 15.03
N ALA A 124 22.58 1.60 14.70
CA ALA A 124 23.79 0.85 14.37
C ALA A 124 24.33 0.12 15.60
N VAL A 125 24.34 0.78 16.74
CA VAL A 125 24.83 0.14 17.96
C VAL A 125 23.84 -0.89 18.48
N GLY A 126 22.54 -0.69 18.21
CA GLY A 126 21.56 -1.66 18.65
C GLY A 126 21.71 -3.01 17.97
N LEU A 127 21.99 -3.00 16.67
CA LEU A 127 22.20 -4.26 15.95
C LEU A 127 23.37 -5.04 16.53
N SER A 128 24.49 -4.35 16.78
CA SER A 128 25.66 -5.00 17.38
C SER A 128 25.35 -5.51 18.78
N TYR A 129 24.68 -4.69 19.59
CA TYR A 129 24.32 -5.11 20.95
C TYR A 129 23.47 -6.38 20.92
N GLY A 130 22.46 -6.42 20.05
CA GLY A 130 21.64 -7.60 19.96
C GLY A 130 22.40 -8.82 19.47
N ALA A 131 23.07 -8.68 18.32
CA ALA A 131 23.81 -9.80 17.73
C ALA A 131 24.92 -10.30 18.64
N HIS A 132 25.40 -9.48 19.57
CA HIS A 132 26.33 -9.98 20.59
C HIS A 132 25.55 -10.68 21.70
N SER A 133 24.73 -9.91 22.43
CA SER A 133 24.11 -10.42 23.65
C SER A 133 23.27 -11.65 23.37
N ASN A 134 22.22 -11.51 22.56
CA ASN A 134 21.36 -12.67 22.30
C ASN A 134 22.15 -13.79 21.63
N LEU A 135 22.65 -13.52 20.43
CA LEU A 135 23.23 -14.56 19.57
C LEU A 135 24.47 -15.20 20.16
N CYS A 136 24.97 -14.70 21.30
CA CYS A 136 26.04 -15.42 21.99
C CYS A 136 25.58 -16.02 23.31
N ILE A 137 25.04 -15.21 24.21
CA ILE A 137 24.72 -15.68 25.55
C ILE A 137 23.57 -16.69 25.50
N ASN A 138 22.52 -16.42 24.72
CA ASN A 138 21.41 -17.36 24.67
C ASN A 138 21.84 -18.68 24.04
N GLN A 139 22.65 -18.61 22.98
CA GLN A 139 23.13 -19.83 22.34
C GLN A 139 24.03 -20.63 23.27
N LEU A 140 24.78 -19.95 24.14
CA LEU A 140 25.66 -20.66 25.06
C LEU A 140 24.88 -21.26 26.23
N VAL A 141 23.86 -20.56 26.72
CA VAL A 141 23.13 -21.07 27.89
C VAL A 141 22.13 -22.15 27.47
N ARG A 142 21.68 -22.14 26.21
CA ARG A 142 20.68 -23.11 25.80
C ARG A 142 21.31 -24.44 25.37
N ASN A 143 22.55 -24.40 24.88
CA ASN A 143 23.19 -25.60 24.35
C ASN A 143 24.59 -25.86 24.89
N GLY A 144 25.19 -24.93 25.64
CA GLY A 144 26.51 -25.15 26.16
C GLY A 144 26.52 -26.04 27.39
N ASN A 145 27.61 -26.78 27.55
CA ASN A 145 27.74 -27.68 28.68
C ASN A 145 28.13 -26.89 29.94
N GLU A 146 28.44 -27.65 31.01
CA GLU A 146 28.77 -27.01 32.29
C GLU A 146 30.11 -26.28 32.23
N ALA A 147 31.03 -26.73 31.38
CA ALA A 147 32.34 -26.12 31.32
C ALA A 147 32.35 -24.90 30.39
N GLN A 148 31.69 -25.00 29.24
CA GLN A 148 31.67 -23.89 28.29
C GLN A 148 30.94 -22.68 28.85
N LYS A 149 29.90 -22.92 29.65
CA LYS A 149 29.19 -21.81 30.29
C LYS A 149 30.07 -21.11 31.32
N GLU A 150 30.76 -21.89 32.15
CA GLU A 150 31.62 -21.30 33.17
C GLU A 150 32.83 -20.61 32.56
N LYS A 151 33.26 -21.04 31.36
CA LYS A 151 34.49 -20.51 30.79
C LYS A 151 34.27 -19.15 30.13
N TYR A 152 33.20 -19.00 29.36
CA TYR A 152 33.01 -17.82 28.52
C TYR A 152 31.99 -16.83 29.05
N LEU A 153 30.93 -17.29 29.71
CA LEU A 153 29.84 -16.38 30.08
C LEU A 153 30.24 -15.26 31.03
N PRO A 154 31.10 -15.47 32.04
CA PRO A 154 31.45 -14.33 32.93
C PRO A 154 32.01 -13.13 32.20
N LYS A 155 33.08 -13.31 31.41
CA LYS A 155 33.69 -12.19 30.71
C LYS A 155 32.82 -11.69 29.56
N LEU A 156 31.91 -12.52 29.06
CA LEU A 156 30.99 -12.06 28.02
C LEU A 156 29.94 -11.12 28.61
N ILE A 157 29.40 -11.47 29.79
CA ILE A 157 28.44 -10.60 30.45
C ILE A 157 29.11 -9.34 30.98
N SER A 158 30.33 -9.49 31.51
CA SER A 158 31.04 -8.34 32.06
C SER A 158 31.45 -7.33 30.99
N GLY A 159 31.38 -7.70 29.71
CA GLY A 159 31.73 -6.81 28.64
C GLY A 159 33.15 -6.92 28.13
N GLU A 160 33.99 -7.75 28.76
CA GLU A 160 35.37 -7.89 28.31
C GLU A 160 35.45 -8.67 27.00
N TYR A 161 34.60 -9.67 26.82
CA TYR A 161 34.57 -10.48 25.61
C TYR A 161 33.32 -10.12 24.80
N ILE A 162 33.50 -9.95 23.50
CA ILE A 162 32.40 -9.67 22.58
C ILE A 162 32.06 -10.96 21.84
N GLY A 163 30.77 -11.15 21.55
CA GLY A 163 30.31 -12.36 20.90
C GLY A 163 29.71 -12.12 19.54
N ALA A 164 29.68 -13.15 18.70
CA ALA A 164 29.12 -13.06 17.36
C ALA A 164 28.66 -14.44 16.91
N LEU A 165 27.83 -14.44 15.87
CA LEU A 165 27.31 -15.67 15.29
C LEU A 165 27.72 -15.75 13.83
N ALA A 166 28.29 -16.87 13.43
CA ALA A 166 28.80 -17.08 12.07
C ALA A 166 28.00 -18.19 11.41
N MET A 167 26.95 -17.82 10.68
CA MET A 167 26.10 -18.76 9.98
C MET A 167 25.98 -18.46 8.48
N SER A 168 25.97 -17.18 8.12
CA SER A 168 25.81 -16.79 6.73
C SER A 168 27.10 -17.04 5.94
N GLU A 169 26.96 -17.05 4.62
CA GLU A 169 28.08 -17.27 3.71
C GLU A 169 27.90 -16.36 2.50
N PRO A 170 28.99 -16.09 1.77
CA PRO A 170 28.87 -15.22 0.58
C PRO A 170 27.97 -15.82 -0.50
N ASN A 171 27.83 -17.15 -0.50
CA ASN A 171 27.02 -17.84 -1.50
C ASN A 171 25.74 -18.40 -0.91
N ALA A 172 25.49 -18.17 0.38
CA ALA A 172 24.27 -18.65 1.02
C ALA A 172 23.81 -17.70 2.11
N GLY A 173 22.89 -16.80 1.77
CA GLY A 173 22.34 -15.87 2.74
C GLY A 173 21.12 -16.42 3.45
N SER A 174 20.11 -16.84 2.68
CA SER A 174 18.91 -17.40 3.28
C SER A 174 19.01 -18.92 3.36
N ASP A 175 19.66 -19.55 2.39
CA ASP A 175 19.83 -21.01 2.36
C ASP A 175 21.02 -21.43 3.23
N VAL A 176 20.86 -21.28 4.55
CA VAL A 176 21.95 -21.55 5.47
C VAL A 176 22.32 -23.03 5.50
N VAL A 177 21.40 -23.92 5.13
CA VAL A 177 21.69 -25.36 5.14
C VAL A 177 22.69 -25.73 4.05
N SER A 178 22.86 -24.88 3.05
CA SER A 178 23.80 -25.12 1.96
C SER A 178 25.18 -24.52 2.21
N MET A 179 25.57 -24.37 3.47
CA MET A 179 26.88 -23.80 3.78
C MET A 179 28.00 -24.68 3.25
N LYS A 180 29.15 -24.05 2.95
CA LYS A 180 30.29 -24.75 2.38
C LYS A 180 31.43 -24.97 3.36
N LEU A 181 31.39 -24.34 4.54
CA LEU A 181 32.44 -24.53 5.52
C LEU A 181 32.41 -25.97 6.05
N LYS A 182 33.54 -26.65 5.97
CA LYS A 182 33.64 -28.05 6.36
C LYS A 182 34.65 -28.21 7.49
N ALA A 183 34.47 -29.28 8.27
CA ALA A 183 35.37 -29.61 9.37
C ALA A 183 35.74 -31.09 9.28
N GLU A 184 37.00 -31.39 9.58
CA GLU A 184 37.51 -32.75 9.51
C GLU A 184 38.20 -33.10 10.82
N LYS A 185 37.97 -34.30 11.30
CA LYS A 185 38.50 -34.73 12.59
C LYS A 185 39.93 -35.25 12.43
N LYS A 186 40.90 -34.46 12.88
CA LYS A 186 42.30 -34.88 12.91
C LYS A 186 42.67 -35.39 14.31
N GLY A 187 42.09 -36.54 14.65
CA GLY A 187 42.22 -37.08 15.99
C GLY A 187 41.23 -36.43 16.94
N ASN A 188 41.73 -35.95 18.09
CA ASN A 188 40.91 -35.17 19.01
C ASN A 188 40.97 -33.68 18.70
N HIS A 189 40.69 -33.31 17.45
CA HIS A 189 40.74 -31.92 17.00
C HIS A 189 39.85 -31.78 15.78
N TYR A 190 39.49 -30.53 15.46
CA TYR A 190 38.68 -30.21 14.29
C TYR A 190 39.38 -29.14 13.48
N ILE A 191 39.68 -29.46 12.22
CA ILE A 191 40.36 -28.54 11.31
C ILE A 191 39.27 -27.89 10.46
N LEU A 192 38.91 -26.65 10.81
CA LEU A 192 37.87 -25.93 10.10
C LEU A 192 38.46 -25.24 8.87
N ASN A 193 37.77 -25.36 7.74
CA ASN A 193 38.18 -24.73 6.50
C ASN A 193 36.96 -24.12 5.81
N GLY A 194 37.12 -22.90 5.32
CA GLY A 194 36.05 -22.15 4.68
C GLY A 194 36.06 -20.70 5.12
N ASN A 195 35.01 -20.00 4.71
CA ASN A 195 34.86 -18.58 5.02
C ASN A 195 33.44 -18.28 5.45
N LYS A 196 33.30 -17.21 6.23
CA LYS A 196 32.00 -16.74 6.70
C LYS A 196 31.85 -15.26 6.37
N PHE A 197 30.61 -14.86 6.10
CA PHE A 197 30.33 -13.50 5.66
C PHE A 197 29.10 -12.97 6.38
N TRP A 198 28.98 -11.65 6.41
CA TRP A 198 27.89 -10.92 7.07
C TRP A 198 27.86 -11.13 8.58
N ILE A 199 29.02 -11.25 9.22
CA ILE A 199 29.09 -11.43 10.67
C ILE A 199 29.16 -10.05 11.32
N THR A 200 28.25 -9.79 12.25
CA THR A 200 28.29 -8.55 13.02
C THR A 200 29.36 -8.64 14.10
N ASN A 201 30.07 -7.54 14.31
CA ASN A 201 31.16 -7.44 15.28
C ASN A 201 32.28 -8.44 15.00
N GLY A 202 32.68 -8.61 13.74
CA GLY A 202 33.68 -9.56 13.36
C GLY A 202 35.03 -9.35 14.03
N PRO A 203 35.70 -8.25 13.72
CA PRO A 203 37.05 -8.03 14.29
C PRO A 203 37.02 -7.76 15.78
N ASP A 204 35.85 -7.49 16.36
CA ASP A 204 35.76 -7.14 17.78
C ASP A 204 35.38 -8.32 18.66
N ALA A 205 34.73 -9.32 18.09
CA ALA A 205 34.29 -10.47 18.88
C ALA A 205 35.48 -11.31 19.32
N ASP A 206 35.54 -11.63 20.61
CA ASP A 206 36.57 -12.50 21.14
C ASP A 206 36.14 -13.95 21.18
N VAL A 207 34.85 -14.22 21.30
CA VAL A 207 34.29 -15.56 21.28
C VAL A 207 33.20 -15.61 20.22
N LEU A 208 33.36 -16.50 19.24
CA LEU A 208 32.45 -16.56 18.11
C LEU A 208 31.89 -17.98 17.98
N ILE A 209 30.59 -18.07 17.69
CA ILE A 209 29.92 -19.34 17.45
C ILE A 209 29.87 -19.55 15.94
N VAL A 210 30.56 -20.58 15.46
CA VAL A 210 30.69 -20.86 14.04
C VAL A 210 30.11 -22.25 13.76
N TYR A 211 29.26 -22.33 12.75
CA TYR A 211 28.68 -23.61 12.32
C TYR A 211 29.51 -24.18 11.18
N ALA A 212 29.88 -25.45 11.30
CA ALA A 212 30.69 -26.12 10.31
C ALA A 212 30.14 -27.51 10.04
N LYS A 213 30.16 -27.90 8.76
CA LYS A 213 29.69 -29.22 8.34
C LYS A 213 30.78 -30.25 8.63
N THR A 214 30.48 -31.19 9.54
CA THR A 214 31.41 -32.25 9.86
C THR A 214 31.22 -33.50 9.00
N ASP A 215 30.08 -33.65 8.36
CA ASP A 215 29.80 -34.80 7.50
C ASP A 215 29.08 -34.33 6.26
N LEU A 216 29.45 -34.91 5.11
CA LEU A 216 28.83 -34.58 3.84
C LEU A 216 28.23 -35.77 3.11
N ALA A 217 28.38 -36.99 3.63
CA ALA A 217 27.84 -38.17 2.99
C ALA A 217 26.42 -38.49 3.42
N ALA A 218 25.88 -37.79 4.41
CA ALA A 218 24.52 -38.03 4.85
C ALA A 218 23.53 -37.60 3.77
N VAL A 219 22.42 -38.34 3.67
CA VAL A 219 21.39 -38.04 2.69
C VAL A 219 20.74 -36.70 3.00
N PRO A 220 20.33 -36.40 4.24
CA PRO A 220 19.84 -35.05 4.54
C PRO A 220 21.02 -34.09 4.70
N ALA A 221 20.91 -32.93 4.05
CA ALA A 221 21.97 -31.93 4.12
C ALA A 221 22.07 -31.30 5.50
N SER A 222 21.00 -31.34 6.30
CA SER A 222 21.03 -30.70 7.61
C SER A 222 21.78 -31.54 8.63
N ARG A 223 21.84 -32.83 8.42
CA ARG A 223 22.50 -33.70 9.38
C ARG A 223 24.01 -33.59 9.46
N GLY A 224 24.60 -32.78 8.60
CA GLY A 224 26.04 -32.59 8.64
C GLY A 224 26.52 -31.36 9.37
N ILE A 225 25.64 -30.37 9.58
CA ILE A 225 26.03 -29.10 10.18
C ILE A 225 26.23 -29.29 11.68
N THR A 226 27.33 -28.72 12.19
CA THR A 226 27.67 -28.79 13.60
C THR A 226 28.21 -27.44 14.05
N ALA A 227 27.92 -27.09 15.30
CA ALA A 227 28.30 -25.80 15.87
C ALA A 227 29.59 -25.94 16.65
N PHE A 228 30.44 -24.90 16.56
CA PHE A 228 31.72 -24.87 17.24
C PHE A 228 31.94 -23.51 17.88
N ILE A 229 32.71 -23.50 18.97
CA ILE A 229 33.08 -22.26 19.65
C ILE A 229 34.50 -21.89 19.23
N VAL A 230 34.63 -20.73 18.60
CA VAL A 230 35.92 -20.24 18.10
C VAL A 230 36.31 -18.99 18.88
N GLU A 231 37.52 -18.99 19.43
CA GLU A 231 38.04 -17.86 20.17
C GLU A 231 38.90 -16.99 19.27
N LYS A 232 39.08 -15.74 19.68
CA LYS A 232 39.93 -14.83 18.93
C LYS A 232 41.40 -15.10 19.20
N GLY A 233 42.20 -15.07 18.14
CA GLY A 233 43.62 -15.35 18.27
C GLY A 233 44.02 -16.79 18.05
N MET A 234 43.09 -17.66 17.69
CA MET A 234 43.43 -19.05 17.45
C MET A 234 44.24 -19.17 16.16
N PRO A 235 45.15 -20.13 16.05
CA PRO A 235 45.92 -20.30 14.82
C PRO A 235 45.02 -20.64 13.64
N GLY A 236 45.06 -19.81 12.61
CA GLY A 236 44.25 -19.98 11.43
C GLY A 236 42.98 -19.17 11.39
N PHE A 237 42.75 -18.30 12.37
CA PHE A 237 41.57 -17.45 12.40
C PHE A 237 41.99 -15.99 12.21
N SER A 238 41.35 -15.31 11.28
CA SER A 238 41.67 -13.93 10.98
C SER A 238 40.47 -13.26 10.32
N THR A 239 40.54 -11.93 10.21
CA THR A 239 39.50 -11.14 9.57
C THR A 239 40.10 -10.37 8.41
N SER A 240 39.34 -10.27 7.32
CA SER A 240 39.84 -9.63 6.10
C SER A 240 39.83 -8.11 6.21
N LYS A 241 38.64 -7.52 6.30
CA LYS A 241 38.51 -6.07 6.35
C LYS A 241 37.06 -5.72 6.64
N LYS A 242 36.87 -4.59 7.32
CA LYS A 242 35.52 -4.08 7.58
C LYS A 242 34.90 -3.56 6.28
N LEU A 243 33.68 -4.00 6.00
CA LEU A 243 32.98 -3.56 4.80
C LEU A 243 32.12 -2.34 5.10
N ASP A 244 31.80 -1.60 4.05
CA ASP A 244 30.99 -0.38 4.17
C ASP A 244 29.58 -0.67 3.70
N LYS A 245 28.59 -0.24 4.48
CA LYS A 245 27.18 -0.46 4.19
C LYS A 245 26.47 0.87 4.03
N LEU A 246 25.31 0.83 3.37
CA LEU A 246 24.50 2.04 3.21
C LEU A 246 24.01 2.55 4.56
N GLY A 247 23.52 1.65 5.40
CA GLY A 247 23.06 2.02 6.72
C GLY A 247 23.79 1.25 7.81
N MET A 248 23.37 1.42 9.05
CA MET A 248 24.01 0.78 10.20
C MET A 248 25.50 1.07 10.26
N ARG A 249 25.88 2.29 9.86
CA ARG A 249 27.28 2.67 9.83
C ARG A 249 27.82 2.78 11.25
N GLY A 250 29.03 2.25 11.46
CA GLY A 250 29.60 2.13 12.79
C GLY A 250 29.54 0.75 13.37
N SER A 251 28.66 -0.12 12.87
CA SER A 251 28.62 -1.51 13.31
C SER A 251 29.61 -2.32 12.47
N ASN A 252 30.65 -2.85 13.12
CA ASN A 252 31.73 -3.51 12.41
C ASN A 252 31.25 -4.85 11.84
N THR A 253 31.41 -5.02 10.53
CA THR A 253 31.09 -6.25 9.84
C THR A 253 32.21 -6.57 8.87
N CYS A 254 32.65 -7.83 8.86
CA CYS A 254 33.78 -8.23 8.05
C CYS A 254 33.56 -9.66 7.57
N GLU A 255 34.59 -10.25 6.98
CA GLU A 255 34.58 -11.63 6.52
C GLU A 255 35.51 -12.47 7.38
N LEU A 256 35.02 -13.63 7.81
CA LEU A 256 35.80 -14.56 8.62
C LEU A 256 36.54 -15.52 7.70
N ILE A 257 37.83 -15.71 7.95
CA ILE A 257 38.69 -16.58 7.14
C ILE A 257 39.27 -17.64 8.06
N PHE A 258 38.99 -18.90 7.73
CA PHE A 258 39.51 -20.05 8.47
C PHE A 258 40.53 -20.78 7.59
N GLU A 259 41.79 -20.80 8.03
CA GLU A 259 42.87 -21.45 7.29
C GLU A 259 43.51 -22.50 8.21
N ASP A 260 42.98 -23.72 8.16
CA ASP A 260 43.47 -24.83 8.97
C ASP A 260 43.40 -24.49 10.46
N CYS A 261 42.24 -24.00 10.89
CA CYS A 261 42.06 -23.63 12.28
C CYS A 261 41.88 -24.89 13.14
N LYS A 262 42.73 -25.04 14.14
CA LYS A 262 42.72 -26.23 15.00
C LYS A 262 41.85 -25.95 16.23
N ILE A 263 40.54 -26.11 16.04
CA ILE A 263 39.60 -25.93 17.14
C ILE A 263 39.57 -27.19 17.99
N PRO A 264 39.70 -27.09 19.31
CA PRO A 264 39.67 -28.30 20.16
C PRO A 264 38.30 -28.96 20.13
N ALA A 265 38.29 -30.24 20.48
CA ALA A 265 37.03 -31.00 20.49
C ALA A 265 36.13 -30.57 21.63
N ALA A 266 36.69 -29.99 22.69
CA ALA A 266 35.89 -29.55 23.83
C ALA A 266 35.09 -28.28 23.53
N ASN A 267 35.35 -27.61 22.41
CA ASN A 267 34.66 -26.38 22.05
C ASN A 267 33.42 -26.62 21.21
N ILE A 268 32.96 -27.87 21.10
CA ILE A 268 31.77 -28.17 20.32
C ILE A 268 30.53 -27.73 21.07
N LEU A 269 29.65 -26.98 20.40
CA LEU A 269 28.39 -26.54 20.97
C LEU A 269 27.31 -27.54 20.62
N GLY A 270 26.59 -28.02 21.63
CA GLY A 270 25.56 -29.01 21.42
C GLY A 270 26.09 -30.43 21.40
N HIS A 271 25.85 -31.14 20.29
CA HIS A 271 26.29 -32.52 20.15
C HIS A 271 26.85 -32.72 18.74
N GLU A 272 27.37 -33.92 18.50
CA GLU A 272 27.91 -34.26 17.20
C GLU A 272 26.80 -34.33 16.16
N ASN A 273 27.00 -33.62 15.04
CA ASN A 273 26.05 -33.58 13.93
C ASN A 273 24.67 -33.09 14.35
N LYS A 274 24.62 -32.18 15.32
CA LYS A 274 23.36 -31.64 15.82
C LYS A 274 23.29 -30.13 15.71
N GLY A 275 24.03 -29.53 14.78
CA GLY A 275 24.10 -28.08 14.69
C GLY A 275 22.84 -27.42 14.17
N VAL A 276 22.08 -28.09 13.29
CA VAL A 276 20.88 -27.48 12.74
C VAL A 276 19.81 -27.32 13.80
N TYR A 277 19.68 -28.29 14.71
CA TYR A 277 18.74 -28.15 15.82
C TYR A 277 19.15 -27.03 16.76
N VAL A 278 20.45 -26.75 16.86
CA VAL A 278 20.92 -25.61 17.64
C VAL A 278 20.75 -24.32 16.84
N LEU A 279 20.99 -24.39 15.53
CA LEU A 279 20.90 -23.20 14.70
C LEU A 279 19.45 -22.73 14.57
N MET A 280 18.54 -23.66 14.21
CA MET A 280 17.14 -23.29 14.04
C MET A 280 16.52 -22.81 15.34
N SER A 281 16.98 -23.33 16.49
CA SER A 281 16.48 -22.86 17.77
C SER A 281 16.90 -21.41 18.02
N GLY A 282 18.16 -21.09 17.73
CA GLY A 282 18.61 -19.71 17.87
C GLY A 282 18.08 -18.81 16.78
N LEU A 283 17.80 -19.38 15.60
CA LEU A 283 17.27 -18.59 14.49
C LEU A 283 15.88 -18.06 14.81
N ASP A 284 15.06 -18.84 15.52
CA ASP A 284 13.72 -18.38 15.87
C ASP A 284 13.75 -17.33 16.97
N LEU A 285 14.76 -17.38 17.84
CA LEU A 285 14.84 -16.44 18.95
C LEU A 285 15.48 -15.12 18.57
N ALA A 286 16.38 -15.11 17.58
CA ALA A 286 17.03 -13.87 17.18
C ALA A 286 16.06 -12.96 16.44
N ARG A 287 15.05 -13.54 15.79
CA ARG A 287 14.07 -12.73 15.07
C ARG A 287 13.17 -11.95 16.04
N LEU A 288 12.88 -12.54 17.19
CA LEU A 288 12.03 -11.88 18.18
C LEU A 288 12.80 -10.77 18.90
N VAL A 289 14.05 -11.04 19.26
CA VAL A 289 14.84 -10.06 20.00
C VAL A 289 15.18 -8.86 19.11
N LEU A 290 15.57 -9.11 17.87
CA LEU A 290 15.92 -8.02 16.96
C LEU A 290 14.71 -7.24 16.46
N ALA A 291 13.51 -7.60 16.90
CA ALA A 291 12.32 -6.85 16.50
C ALA A 291 12.28 -5.45 17.10
N GLY A 292 13.01 -5.21 18.20
CA GLY A 292 13.04 -3.89 18.79
C GLY A 292 13.78 -2.86 17.96
N GLY A 293 14.64 -3.31 17.05
CA GLY A 293 15.36 -2.41 16.17
C GLY A 293 14.44 -1.57 15.32
N PRO A 294 13.60 -2.22 14.51
CA PRO A 294 12.56 -1.46 13.78
C PRO A 294 11.65 -0.67 14.71
N LEU A 295 11.30 -1.24 15.86
CA LEU A 295 10.51 -0.50 16.84
C LEU A 295 11.25 0.72 17.35
N GLY A 296 12.54 0.58 17.64
CA GLY A 296 13.32 1.72 18.10
C GLY A 296 13.42 2.82 17.07
N LEU A 297 13.64 2.44 15.80
CA LEU A 297 13.73 3.43 14.73
C LEU A 297 12.39 4.12 14.50
N MET A 298 11.30 3.35 14.55
CA MET A 298 9.97 3.93 14.36
C MET A 298 9.55 4.79 15.53
N GLN A 299 10.11 4.55 16.72
CA GLN A 299 9.89 5.46 17.85
C GLN A 299 10.74 6.72 17.71
N ALA A 300 11.97 6.58 17.24
CA ALA A 300 12.86 7.72 17.12
C ALA A 300 12.40 8.68 16.02
N VAL A 301 11.89 8.16 14.90
CA VAL A 301 11.42 9.04 13.84
C VAL A 301 10.24 9.87 14.31
N LEU A 302 9.41 9.30 15.19
CA LEU A 302 8.27 10.05 15.73
C LEU A 302 8.74 11.04 16.80
N ASP A 303 9.73 10.64 17.61
CA ASP A 303 10.26 11.55 18.62
C ASP A 303 10.99 12.73 17.98
N HIS A 304 11.48 12.57 16.76
CA HIS A 304 12.15 13.65 16.06
C HIS A 304 11.23 14.43 15.13
N THR A 305 10.14 13.83 14.66
CA THR A 305 9.26 14.45 13.68
C THR A 305 8.21 15.34 14.33
N ILE A 306 7.55 14.84 15.37
CA ILE A 306 6.46 15.55 16.03
C ILE A 306 6.93 16.90 16.58
N PRO A 307 8.05 16.99 17.30
CA PRO A 307 8.50 18.32 17.77
C PRO A 307 8.94 19.24 16.64
N TYR A 308 9.17 18.72 15.43
CA TYR A 308 9.59 19.56 14.31
C TYR A 308 8.40 20.24 13.62
N LEU A 309 7.27 19.54 13.53
CA LEU A 309 6.10 20.14 12.88
C LEU A 309 5.49 21.23 13.73
N HIS A 310 5.79 21.25 15.04
CA HIS A 310 5.26 22.27 15.93
C HIS A 310 6.11 23.54 15.95
N VAL A 311 7.19 23.59 15.18
CA VAL A 311 8.08 24.74 15.14
C VAL A 311 8.01 25.45 13.79
N ARG A 312 8.19 24.71 12.70
CA ARG A 312 8.18 25.30 11.37
C ARG A 312 6.77 25.70 10.97
N GLU A 313 6.64 26.88 10.38
CA GLU A 313 5.36 27.43 9.97
C GLU A 313 5.33 27.62 8.46
N ALA A 314 4.16 27.41 7.86
CA ALA A 314 3.97 27.60 6.43
C ALA A 314 2.58 28.15 6.17
N PHE A 315 2.50 29.06 5.21
CA PHE A 315 1.26 29.73 4.81
C PHE A 315 0.60 30.48 5.96
N GLY A 316 1.39 30.92 6.95
CA GLY A 316 0.88 31.67 8.07
C GLY A 316 0.54 30.87 9.30
N GLN A 317 0.77 29.56 9.30
CA GLN A 317 0.48 28.71 10.44
C GLN A 317 1.46 27.54 10.48
N LYS A 318 1.49 26.86 11.62
CA LYS A 318 2.38 25.73 11.77
C LYS A 318 1.97 24.59 10.84
N ILE A 319 2.97 23.84 10.36
CA ILE A 319 2.69 22.74 9.43
C ILE A 319 1.97 21.61 10.12
N GLY A 320 2.04 21.53 11.45
CA GLY A 320 1.36 20.49 12.20
C GLY A 320 -0.15 20.60 12.21
N HIS A 321 -0.70 21.75 11.80
CA HIS A 321 -2.14 21.94 11.80
C HIS A 321 -2.81 21.52 10.50
N PHE A 322 -2.04 21.22 9.45
CA PHE A 322 -2.62 20.78 8.20
C PHE A 322 -3.09 19.33 8.29
N GLN A 323 -4.17 19.02 7.58
CA GLN A 323 -4.76 17.68 7.67
C GLN A 323 -3.86 16.63 7.04
N LEU A 324 -3.13 16.99 5.97
CA LEU A 324 -2.27 16.02 5.31
C LEU A 324 -1.11 15.58 6.20
N MET A 325 -0.65 16.47 7.08
CA MET A 325 0.40 16.08 8.03
C MET A 325 -0.18 15.33 9.22
N GLN A 326 -1.37 15.74 9.68
CA GLN A 326 -2.01 15.06 10.81
C GLN A 326 -2.36 13.62 10.46
N GLY A 327 -2.82 13.38 9.22
CA GLY A 327 -3.12 12.02 8.81
C GLY A 327 -1.90 11.13 8.81
N LYS A 328 -0.78 11.65 8.30
CA LYS A 328 0.46 10.87 8.28
C LYS A 328 0.97 10.61 9.68
N MET A 329 0.89 11.63 10.55
CA MET A 329 1.30 11.43 11.94
C MET A 329 0.43 10.37 12.62
N ALA A 330 -0.88 10.41 12.39
CA ALA A 330 -1.77 9.42 12.96
C ALA A 330 -1.44 8.03 12.45
N ASP A 331 -1.22 7.88 11.15
CA ASP A 331 -0.88 6.59 10.59
C ASP A 331 0.42 6.05 11.18
N MET A 332 1.44 6.91 11.28
CA MET A 332 2.72 6.47 11.83
C MET A 332 2.58 6.06 13.29
N TYR A 333 1.84 6.85 14.08
CA TYR A 333 1.67 6.52 15.49
C TYR A 333 0.91 5.21 15.67
N THR A 334 -0.18 5.03 14.91
CA THR A 334 -0.94 3.79 15.02
C THR A 334 -0.10 2.59 14.60
N ARG A 335 0.68 2.73 13.52
CA ARG A 335 1.53 1.63 13.07
C ARG A 335 2.59 1.29 14.11
N LEU A 336 3.24 2.30 14.68
CA LEU A 336 4.25 2.08 15.71
C LEU A 336 3.65 1.39 16.91
N MET A 337 2.50 1.88 17.40
CA MET A 337 1.88 1.28 18.58
C MET A 337 1.44 -0.15 18.31
N ALA A 338 0.88 -0.41 17.12
CA ALA A 338 0.44 -1.76 16.79
C ALA A 338 1.63 -2.71 16.76
N CYS A 339 2.72 -2.31 16.09
CA CYS A 339 3.89 -3.17 16.02
C CYS A 339 4.51 -3.39 17.40
N ARG A 340 4.53 -2.35 18.23
CA ARG A 340 5.11 -2.48 19.56
C ARG A 340 4.29 -3.44 20.41
N GLN A 341 2.96 -3.29 20.39
CA GLN A 341 2.11 -4.20 21.16
C GLN A 341 2.23 -5.63 20.64
N TYR A 342 2.31 -5.78 19.32
CA TYR A 342 2.51 -7.11 18.72
C TYR A 342 3.77 -7.77 19.25
N VAL A 343 4.90 -7.05 19.17
CA VAL A 343 6.18 -7.61 19.60
C VAL A 343 6.15 -7.91 21.10
N TYR A 344 5.60 -6.99 21.89
CA TYR A 344 5.60 -7.18 23.34
C TYR A 344 4.70 -8.33 23.76
N ASN A 345 3.61 -8.57 23.02
CA ASN A 345 2.73 -9.68 23.37
C ASN A 345 3.31 -11.01 22.90
N VAL A 346 3.99 -11.03 21.76
CA VAL A 346 4.62 -12.26 21.30
C VAL A 346 5.80 -12.62 22.20
N ALA A 347 6.50 -11.61 22.71
CA ALA A 347 7.62 -11.86 23.61
C ALA A 347 7.16 -12.53 24.90
N LYS A 348 6.04 -12.05 25.46
CA LYS A 348 5.53 -12.62 26.71
C LYS A 348 5.15 -14.09 26.53
N ALA A 349 4.67 -14.46 25.35
CA ALA A 349 4.25 -15.83 25.12
C ALA A 349 5.45 -16.78 25.11
N CYS A 350 6.60 -16.30 24.63
CA CYS A 350 7.79 -17.16 24.55
C CYS A 350 8.40 -17.41 25.93
N ASP A 351 8.15 -16.54 26.90
CA ASP A 351 8.70 -16.77 28.25
C ASP A 351 7.87 -17.79 29.02
N GLU A 352 6.58 -17.89 28.70
CA GLU A 352 5.72 -18.86 29.39
C GLU A 352 6.11 -20.29 29.03
N GLY A 353 6.60 -20.49 27.82
CA GLY A 353 7.02 -21.81 27.38
C GLY A 353 6.32 -22.29 26.13
N HIS A 354 5.74 -21.35 25.37
CA HIS A 354 5.01 -21.65 24.14
C HIS A 354 5.53 -20.72 23.05
N CYS A 355 6.56 -21.15 22.34
CA CYS A 355 7.15 -20.39 21.26
C CYS A 355 6.95 -21.09 19.92
N THR A 356 6.81 -20.29 18.87
CA THR A 356 6.61 -20.79 17.52
C THR A 356 7.52 -20.02 16.56
N ALA A 357 7.90 -20.69 15.47
CA ALA A 357 8.79 -20.06 14.50
C ALA A 357 8.03 -19.13 13.56
N LYS A 358 6.72 -19.36 13.39
CA LYS A 358 5.92 -18.53 12.50
C LYS A 358 5.78 -17.11 13.06
N ASP A 359 5.42 -17.00 14.34
CA ASP A 359 5.20 -15.68 14.93
C ASP A 359 6.49 -14.88 15.01
N CYS A 360 7.61 -15.56 15.29
CA CYS A 360 8.89 -14.86 15.44
C CYS A 360 9.32 -14.22 14.12
N ALA A 361 9.04 -14.88 13.00
CA ALA A 361 9.35 -14.29 11.70
C ALA A 361 8.32 -13.23 11.32
N GLY A 362 7.05 -13.49 11.64
CA GLY A 362 6.01 -12.53 11.30
C GLY A 362 6.20 -11.19 11.98
N VAL A 363 6.56 -11.20 13.26
CA VAL A 363 6.70 -9.96 14.01
C VAL A 363 7.84 -9.12 13.45
N ILE A 364 8.98 -9.76 13.15
CA ILE A 364 10.12 -9.00 12.65
C ILE A 364 9.86 -8.50 11.23
N LEU A 365 9.19 -9.32 10.39
CA LEU A 365 8.84 -8.85 9.05
C LEU A 365 7.91 -7.64 9.11
N TYR A 366 6.85 -7.73 9.91
CA TYR A 366 5.89 -6.63 10.02
C TYR A 366 6.56 -5.39 10.59
N SER A 367 7.40 -5.56 11.62
CA SER A 367 8.07 -4.42 12.23
C SER A 367 9.01 -3.75 11.25
N ALA A 368 9.78 -4.53 10.48
CA ALA A 368 10.70 -3.95 9.52
C ALA A 368 9.96 -3.20 8.42
N GLU A 369 8.93 -3.82 7.86
CA GLU A 369 8.16 -3.16 6.81
C GLU A 369 7.51 -1.87 7.31
N CYS A 370 6.90 -1.91 8.50
CA CYS A 370 6.23 -0.73 9.02
C CYS A 370 7.22 0.36 9.39
N ALA A 371 8.39 -0.01 9.93
CA ALA A 371 9.40 0.99 10.24
C ALA A 371 9.92 1.66 8.97
N THR A 372 10.15 0.88 7.91
CA THR A 372 10.57 1.47 6.65
C THR A 372 9.52 2.43 6.10
N GLN A 373 8.25 1.99 6.08
CA GLN A 373 7.18 2.82 5.54
C GLN A 373 6.95 4.06 6.40
N VAL A 374 7.23 3.99 7.70
CA VAL A 374 7.05 5.15 8.56
C VAL A 374 8.21 6.12 8.40
N ALA A 375 9.44 5.60 8.25
CA ALA A 375 10.58 6.48 8.01
C ALA A 375 10.46 7.18 6.66
N LEU A 376 9.87 6.51 5.67
CA LEU A 376 9.64 7.15 4.37
C LEU A 376 8.82 8.42 4.53
N ASP A 377 7.77 8.38 5.35
CA ASP A 377 6.95 9.57 5.58
C ASP A 377 7.64 10.55 6.52
N GLY A 378 8.43 10.03 7.47
CA GLY A 378 9.11 10.90 8.42
C GLY A 378 10.15 11.78 7.76
N ILE A 379 10.84 11.26 6.74
CA ILE A 379 11.79 12.09 6.00
C ILE A 379 11.04 13.16 5.21
N GLN A 380 9.89 12.80 4.65
CA GLN A 380 9.12 13.76 3.84
C GLN A 380 8.53 14.86 4.70
N CYS A 381 8.23 14.56 5.97
CA CYS A 381 7.64 15.57 6.86
C CYS A 381 8.60 16.72 7.14
N PHE A 382 9.90 16.48 7.07
CA PHE A 382 10.88 17.54 7.28
C PHE A 382 11.08 18.41 6.05
N GLY A 383 10.57 17.99 4.90
CA GLY A 383 10.75 18.76 3.68
C GLY A 383 12.19 18.67 3.20
N GLY A 384 12.77 19.83 2.88
CA GLY A 384 14.14 19.87 2.41
C GLY A 384 15.14 19.56 3.50
N ASN A 385 14.78 19.84 4.76
CA ASN A 385 15.70 19.60 5.87
C ASN A 385 15.95 18.12 6.12
N GLY A 386 15.01 17.25 5.73
CA GLY A 386 15.18 15.83 5.96
C GLY A 386 16.09 15.14 4.96
N TYR A 387 16.52 15.85 3.92
CA TYR A 387 17.35 15.27 2.87
C TYR A 387 18.83 15.52 3.09
N ILE A 388 19.21 16.13 4.21
CA ILE A 388 20.61 16.42 4.51
C ILE A 388 21.05 15.56 5.69
N ASN A 389 22.36 15.35 5.80
CA ASN A 389 22.91 14.53 6.86
C ASN A 389 22.89 15.22 8.22
N ASP A 390 22.54 16.50 8.28
CA ASP A 390 22.47 17.20 9.56
C ASP A 390 21.33 16.68 10.43
N PHE A 391 20.36 15.98 9.85
CA PHE A 391 19.26 15.40 10.58
C PHE A 391 19.32 13.88 10.51
N PRO A 392 19.00 13.18 11.60
CA PRO A 392 19.14 11.71 11.60
C PRO A 392 18.03 10.96 10.87
N MET A 393 17.17 11.66 10.13
CA MET A 393 16.08 10.99 9.44
C MET A 393 16.61 10.06 8.35
N GLY A 394 17.60 10.53 7.59
CA GLY A 394 18.21 9.68 6.58
C GLY A 394 18.88 8.46 7.18
N ARG A 395 19.55 8.64 8.32
CA ARG A 395 20.15 7.52 9.02
C ARG A 395 19.08 6.53 9.50
N PHE A 396 17.97 7.06 10.00
CA PHE A 396 16.87 6.19 10.45
C PHE A 396 16.30 5.40 9.29
N LEU A 397 16.22 6.00 8.11
CA LEU A 397 15.71 5.29 6.95
C LEU A 397 16.70 4.23 6.47
N ARG A 398 18.00 4.58 6.41
CA ARG A 398 19.00 3.64 5.94
C ARG A 398 19.15 2.46 6.91
N ASP A 399 18.92 2.69 8.20
CA ASP A 399 19.01 1.61 9.17
C ASP A 399 17.76 0.75 9.18
N ALA A 400 16.63 1.26 8.69
CA ALA A 400 15.39 0.49 8.70
C ALA A 400 15.38 -0.59 7.63
N LYS A 401 16.12 -0.38 6.53
CA LYS A 401 16.12 -1.34 5.44
C LYS A 401 16.89 -2.62 5.80
N LEU A 402 17.73 -2.57 6.84
CA LEU A 402 18.53 -3.74 7.19
C LEU A 402 17.67 -4.90 7.66
N TYR A 403 16.69 -4.61 8.53
CA TYR A 403 15.87 -5.67 9.10
C TYR A 403 14.98 -6.36 8.07
N GLU A 404 14.87 -5.82 6.86
CA GLU A 404 14.19 -6.51 5.78
C GLU A 404 15.11 -7.45 5.00
N ILE A 405 16.42 -7.29 5.13
CA ILE A 405 17.40 -8.13 4.44
C ILE A 405 18.43 -8.63 5.43
N GLY A 406 18.16 -8.46 6.72
CA GLY A 406 19.06 -8.94 7.76
C GLY A 406 18.32 -9.83 8.73
N ALA A 407 19.06 -10.72 9.37
CA ALA A 407 18.50 -11.74 10.26
C ALA A 407 17.40 -12.52 9.54
N GLY A 408 17.74 -13.04 8.37
CA GLY A 408 16.77 -13.68 7.51
C GLY A 408 16.43 -12.82 6.31
N THR A 409 15.30 -13.12 5.67
CA THR A 409 14.86 -12.38 4.49
C THR A 409 13.35 -12.20 4.56
N SER A 410 12.88 -11.06 4.05
CA SER A 410 11.44 -10.79 4.05
C SER A 410 10.68 -11.84 3.27
N GLU A 411 11.30 -12.43 2.24
CA GLU A 411 10.64 -13.45 1.45
C GLU A 411 10.61 -14.79 2.18
N VAL A 412 11.73 -15.16 2.81
CA VAL A 412 11.81 -16.48 3.45
C VAL A 412 10.96 -16.51 4.71
N ARG A 413 10.68 -15.35 5.31
CA ARG A 413 9.82 -15.33 6.48
C ARG A 413 8.39 -15.72 6.11
N ARG A 414 7.88 -15.17 5.01
CA ARG A 414 6.55 -15.57 4.54
C ARG A 414 6.51 -17.04 4.18
N LEU A 415 7.62 -17.57 3.63
CA LEU A 415 7.68 -19.00 3.31
C LEU A 415 7.61 -19.85 4.58
N VAL A 416 8.35 -19.45 5.61
CA VAL A 416 8.32 -20.19 6.88
C VAL A 416 6.93 -20.12 7.50
N ILE A 417 6.28 -18.96 7.39
CA ILE A 417 4.92 -18.83 7.93
C ILE A 417 3.96 -19.74 7.16
N GLY A 418 4.06 -19.76 5.83
CA GLY A 418 3.17 -20.58 5.04
C GLY A 418 3.38 -22.07 5.26
N ARG A 419 4.64 -22.48 5.43
CA ARG A 419 4.92 -23.90 5.66
C ARG A 419 4.37 -24.38 6.99
N ALA A 420 4.08 -23.48 7.92
CA ALA A 420 3.46 -23.88 9.18
C ALA A 420 2.01 -24.32 8.97
N PHE A 421 1.30 -23.63 8.09
CA PHE A 421 -0.08 -24.01 7.80
C PHE A 421 -0.15 -25.26 6.92
N ASN A 422 0.85 -25.45 6.04
CA ASN A 422 0.86 -26.63 5.18
C ASN A 422 1.10 -27.90 5.98
N ALA A 423 1.76 -27.81 7.13
CA ALA A 423 2.04 -28.95 7.97
C ALA A 423 0.86 -29.34 8.87
N ASP A 424 -0.19 -28.52 8.90
CA ASP A 424 -1.35 -28.81 9.73
C ASP A 424 -2.54 -29.23 8.88
N VAL B 38 16.55 -2.61 -22.08
CA VAL B 38 16.05 -2.30 -23.42
C VAL B 38 14.76 -1.47 -23.32
N ASP B 39 14.12 -1.24 -24.47
CA ASP B 39 12.90 -0.47 -24.52
C ASP B 39 12.02 -1.01 -25.63
N ASP B 40 10.74 -0.67 -25.57
CA ASP B 40 9.75 -1.13 -26.53
C ASP B 40 9.10 0.05 -27.23
N ALA B 41 8.48 -0.23 -28.38
CA ALA B 41 7.81 0.79 -29.15
C ALA B 41 6.43 1.15 -28.60
N ILE B 42 6.06 0.61 -27.43
CA ILE B 42 4.76 0.90 -26.85
C ILE B 42 4.61 2.38 -26.52
N ASN B 43 5.71 3.05 -26.21
CA ASN B 43 5.67 4.46 -25.84
C ASN B 43 5.26 5.37 -26.99
N GLY B 44 5.15 4.83 -28.20
CA GLY B 44 4.76 5.65 -29.34
C GLY B 44 5.81 6.62 -29.81
N LEU B 45 7.09 6.35 -29.53
CA LEU B 45 8.16 7.24 -29.95
C LEU B 45 8.37 7.14 -31.46
N SER B 46 8.18 8.26 -32.16
CA SER B 46 8.34 8.28 -33.60
C SER B 46 9.82 8.40 -33.97
N GLU B 47 10.07 8.67 -35.24
CA GLU B 47 11.44 8.81 -35.75
C GLU B 47 12.11 10.03 -35.12
N GLU B 48 13.45 10.02 -35.10
CA GLU B 48 14.26 11.10 -34.53
C GLU B 48 14.09 11.19 -33.02
N GLN B 49 13.31 10.28 -32.44
CA GLN B 49 13.17 10.23 -30.99
C GLN B 49 13.74 8.94 -30.43
N ARG B 50 13.54 7.82 -31.14
CA ARG B 50 14.09 6.55 -30.69
C ARG B 50 15.60 6.48 -30.90
N GLN B 51 16.11 7.08 -31.97
CA GLN B 51 17.55 7.11 -32.20
C GLN B 51 18.25 7.95 -31.14
N LEU B 52 17.63 9.06 -30.73
CA LEU B 52 18.22 9.89 -29.69
C LEU B 52 18.32 9.14 -28.37
N ARG B 53 17.36 8.26 -28.09
CA ARG B 53 17.41 7.46 -26.87
C ARG B 53 18.64 6.56 -26.84
N GLN B 54 18.87 5.84 -27.94
CA GLN B 54 20.04 4.96 -27.99
C GLN B 54 21.34 5.77 -28.00
N THR B 55 21.34 6.93 -28.66
CA THR B 55 22.53 7.77 -28.66
C THR B 55 22.88 8.24 -27.25
N MET B 56 21.87 8.72 -26.52
CA MET B 56 22.09 9.15 -25.13
C MET B 56 22.52 7.98 -24.27
N ALA B 57 21.91 6.80 -24.48
CA ALA B 57 22.29 5.62 -23.70
C ALA B 57 23.76 5.28 -23.91
N LYS B 58 24.20 5.23 -25.17
CA LYS B 58 25.59 4.92 -25.46
C LYS B 58 26.53 5.98 -24.89
N PHE B 59 26.18 7.26 -25.06
CA PHE B 59 27.03 8.34 -24.56
C PHE B 59 27.18 8.27 -23.05
N LEU B 60 26.09 8.04 -22.34
CA LEU B 60 26.14 8.01 -20.88
C LEU B 60 26.75 6.71 -20.35
N GLN B 61 26.67 5.62 -21.10
CA GLN B 61 27.33 4.40 -20.70
C GLN B 61 28.82 4.43 -20.98
N GLU B 62 29.27 5.23 -21.95
CA GLU B 62 30.71 5.34 -22.20
C GLU B 62 31.34 6.49 -21.43
N HIS B 63 30.55 7.44 -20.95
CA HIS B 63 31.08 8.59 -20.21
C HIS B 63 30.57 8.67 -18.78
N LEU B 64 29.26 8.65 -18.56
CA LEU B 64 28.68 8.96 -17.26
C LEU B 64 28.47 7.73 -16.38
N ALA B 65 28.17 6.58 -16.98
CA ALA B 65 27.86 5.39 -16.17
C ALA B 65 29.01 4.95 -15.26
N PRO B 66 30.26 4.83 -15.71
CA PRO B 66 31.32 4.40 -14.80
C PRO B 66 31.78 5.47 -13.81
N LYS B 67 31.10 6.61 -13.74
CA LYS B 67 31.51 7.69 -12.84
C LYS B 67 30.45 8.04 -11.80
N ALA B 68 29.26 7.46 -11.87
CA ALA B 68 28.20 7.79 -10.92
C ALA B 68 28.58 7.41 -9.50
N GLN B 69 29.28 6.27 -9.35
CA GLN B 69 29.70 5.81 -8.04
C GLN B 69 30.66 6.81 -7.39
N GLU B 70 31.65 7.27 -8.14
CA GLU B 70 32.61 8.24 -7.61
C GLU B 70 31.94 9.57 -7.33
N ILE B 71 30.98 9.96 -8.16
CA ILE B 71 30.25 11.21 -7.93
C ILE B 71 29.47 11.14 -6.62
N ASP B 72 28.79 10.00 -6.39
CA ASP B 72 28.04 9.83 -5.15
C ASP B 72 28.98 9.73 -3.95
N ARG B 73 30.17 9.15 -4.14
CA ARG B 73 31.09 8.98 -3.02
C ARG B 73 31.69 10.32 -2.60
N SER B 74 32.30 11.04 -3.56
CA SER B 74 33.01 12.28 -3.25
C SER B 74 32.09 13.48 -3.16
N ASN B 75 30.79 13.32 -3.43
CA ASN B 75 29.80 14.40 -3.36
C ASN B 75 30.15 15.56 -4.30
N GLU B 76 30.98 15.31 -5.30
CA GLU B 76 31.39 16.35 -6.23
C GLU B 76 31.49 15.76 -7.63
N PHE B 77 31.52 16.64 -8.63
CA PHE B 77 31.65 16.26 -10.04
C PHE B 77 32.79 17.09 -10.62
N LYS B 78 33.99 16.52 -10.64
CA LYS B 78 35.15 17.24 -11.17
C LYS B 78 35.00 17.50 -12.67
N ASN B 79 34.45 16.53 -13.40
CA ASN B 79 34.22 16.67 -14.83
C ASN B 79 32.83 17.25 -15.12
N LEU B 80 32.55 18.41 -14.52
CA LEU B 80 31.25 19.05 -14.71
C LEU B 80 31.26 19.95 -15.94
N ARG B 81 32.28 20.80 -16.06
CA ARG B 81 32.35 21.74 -17.19
C ARG B 81 32.53 20.99 -18.50
N GLU B 82 33.37 19.95 -18.51
CA GLU B 82 33.57 19.17 -19.73
C GLU B 82 32.30 18.44 -20.12
N PHE B 83 31.59 17.88 -19.13
CA PHE B 83 30.33 17.20 -19.42
C PHE B 83 29.30 18.17 -19.98
N TRP B 84 29.24 19.38 -19.43
CA TRP B 84 28.30 20.37 -19.94
C TRP B 84 28.66 20.80 -21.36
N LYS B 85 29.96 20.96 -21.64
CA LYS B 85 30.39 21.28 -22.99
C LYS B 85 30.00 20.17 -23.96
N GLN B 86 30.19 18.92 -23.56
CA GLN B 86 29.83 17.80 -24.42
C GLN B 86 28.33 17.74 -24.67
N LEU B 87 27.54 18.00 -23.62
CA LEU B 87 26.09 18.02 -23.78
C LEU B 87 25.64 19.16 -24.69
N GLY B 88 26.30 20.32 -24.59
CA GLY B 88 25.96 21.41 -25.48
C GLY B 88 26.34 21.13 -26.92
N ASN B 89 27.46 20.45 -27.12
CA ASN B 89 27.87 20.08 -28.48
C ASN B 89 26.93 19.03 -29.06
N LEU B 90 26.44 18.10 -28.23
CA LEU B 90 25.53 17.08 -28.71
C LEU B 90 24.14 17.61 -28.98
N GLY B 91 23.81 18.82 -28.52
CA GLY B 91 22.53 19.42 -28.82
C GLY B 91 21.39 19.04 -27.90
N VAL B 92 21.69 18.53 -26.70
CA VAL B 92 20.64 18.22 -25.75
C VAL B 92 20.32 19.41 -24.85
N LEU B 93 21.32 20.24 -24.57
CA LEU B 93 21.08 21.48 -23.84
C LEU B 93 20.31 22.46 -24.72
N GLY B 94 19.31 23.11 -24.13
CA GLY B 94 18.45 23.97 -24.91
C GLY B 94 17.55 23.25 -25.88
N ILE B 95 17.12 22.03 -25.51
CA ILE B 95 16.28 21.23 -26.41
C ILE B 95 14.93 21.90 -26.64
N THR B 96 14.38 22.53 -25.61
CA THR B 96 13.10 23.21 -25.73
C THR B 96 13.23 24.60 -26.35
N ALA B 97 14.41 25.20 -26.31
CA ALA B 97 14.60 26.52 -26.85
C ALA B 97 14.40 26.51 -28.38
N PRO B 98 13.86 27.59 -28.94
CA PRO B 98 13.66 27.64 -30.38
C PRO B 98 14.99 27.70 -31.13
N VAL B 99 14.90 27.55 -32.45
CA VAL B 99 16.09 27.53 -33.29
C VAL B 99 16.46 28.94 -33.71
N GLN B 100 17.14 29.67 -32.82
CA GLN B 100 17.65 30.98 -33.15
C GLN B 100 19.12 31.11 -32.75
N TYR B 101 19.50 30.49 -31.63
CA TYR B 101 20.84 30.57 -31.09
C TYR B 101 21.53 29.21 -31.01
N GLY B 102 21.09 28.23 -31.79
CA GLY B 102 21.68 26.91 -31.76
C GLY B 102 20.87 25.86 -31.02
N GLY B 103 19.66 26.18 -30.60
CA GLY B 103 18.82 25.20 -29.93
C GLY B 103 18.31 24.15 -30.90
N SER B 104 17.70 23.10 -30.35
CA SER B 104 17.15 22.04 -31.18
C SER B 104 15.74 22.33 -31.64
N GLY B 105 14.93 23.02 -30.84
CA GLY B 105 13.59 23.37 -31.24
C GLY B 105 12.60 22.23 -31.26
N LEU B 106 12.85 21.17 -30.51
CA LEU B 106 11.94 20.03 -30.45
C LEU B 106 10.94 20.22 -29.31
N GLY B 107 10.13 19.17 -29.08
CA GLY B 107 9.11 19.22 -28.06
C GLY B 107 9.63 18.81 -26.69
N TYR B 108 8.70 18.80 -25.72
CA TYR B 108 9.06 18.43 -24.36
C TYR B 108 9.31 16.93 -24.21
N LEU B 109 8.73 16.12 -25.10
CA LEU B 109 8.90 14.67 -25.01
C LEU B 109 10.37 14.28 -25.15
N GLU B 110 11.07 14.91 -26.09
CA GLU B 110 12.51 14.65 -26.24
C GLU B 110 13.26 15.05 -24.98
N HIS B 111 12.91 16.21 -24.40
CA HIS B 111 13.54 16.62 -23.15
C HIS B 111 13.22 15.64 -22.03
N VAL B 112 11.98 15.12 -22.00
CA VAL B 112 11.60 14.16 -20.98
C VAL B 112 12.43 12.89 -21.10
N LEU B 113 12.57 12.37 -22.32
CA LEU B 113 13.33 11.13 -22.48
C LEU B 113 14.82 11.35 -22.22
N VAL B 114 15.35 12.52 -22.57
CA VAL B 114 16.77 12.80 -22.28
C VAL B 114 16.99 12.88 -20.77
N MET B 115 16.09 13.56 -20.06
CA MET B 115 16.17 13.61 -18.60
C MET B 115 16.05 12.21 -18.00
N GLU B 116 15.17 11.38 -18.56
CA GLU B 116 15.02 10.01 -18.07
C GLU B 116 16.31 9.23 -18.25
N GLU B 117 16.93 9.33 -19.42
CA GLU B 117 18.18 8.61 -19.66
C GLU B 117 19.30 9.12 -18.76
N ILE B 118 19.34 10.43 -18.52
CA ILE B 118 20.39 11.00 -17.67
C ILE B 118 20.21 10.54 -16.22
N SER B 119 18.96 10.50 -15.75
CA SER B 119 18.71 10.02 -14.40
C SER B 119 18.98 8.52 -14.30
N ARG B 120 18.74 7.78 -15.38
CA ARG B 120 19.06 6.36 -15.40
C ARG B 120 20.56 6.12 -15.33
N ALA B 121 21.35 6.99 -15.97
CA ALA B 121 22.80 6.85 -15.90
C ALA B 121 23.33 7.31 -14.54
N SER B 122 22.91 8.49 -14.09
CA SER B 122 23.35 9.02 -12.80
C SER B 122 22.24 9.93 -12.27
N GLY B 123 21.67 9.56 -11.13
CA GLY B 123 20.58 10.36 -10.58
C GLY B 123 21.02 11.73 -10.13
N ALA B 124 22.25 11.84 -9.61
CA ALA B 124 22.75 13.12 -9.12
C ALA B 124 22.87 14.14 -10.25
N VAL B 125 23.38 13.70 -11.40
CA VAL B 125 23.52 14.59 -12.55
C VAL B 125 22.15 14.90 -13.16
N GLY B 126 21.15 14.06 -12.92
CA GLY B 126 19.83 14.31 -13.47
C GLY B 126 19.19 15.57 -12.92
N LEU B 127 19.30 15.78 -11.61
CA LEU B 127 18.74 16.98 -11.00
C LEU B 127 19.44 18.23 -11.54
N SER B 128 20.76 18.18 -11.69
CA SER B 128 21.50 19.31 -12.24
C SER B 128 21.09 19.58 -13.68
N TYR B 129 20.94 18.54 -14.50
CA TYR B 129 20.52 18.74 -15.89
C TYR B 129 19.11 19.32 -15.94
N GLY B 130 18.22 18.88 -15.05
CA GLY B 130 16.87 19.43 -15.02
C GLY B 130 16.86 20.88 -14.61
N ALA B 131 17.69 21.25 -13.62
CA ALA B 131 17.75 22.64 -13.18
C ALA B 131 18.39 23.52 -14.25
N HIS B 132 19.31 22.96 -15.03
CA HIS B 132 20.00 23.75 -16.04
C HIS B 132 19.13 23.95 -17.28
N SER B 133 18.55 22.87 -17.80
CA SER B 133 17.93 22.93 -19.11
C SER B 133 16.51 23.45 -19.06
N ASN B 134 15.81 23.27 -17.95
CA ASN B 134 14.39 23.62 -17.91
C ASN B 134 14.06 24.68 -16.86
N LEU B 135 14.77 24.67 -15.75
CA LEU B 135 14.47 25.64 -14.70
C LEU B 135 14.94 27.05 -15.10
N CYS B 136 16.00 27.15 -15.89
CA CYS B 136 16.55 28.46 -16.27
C CYS B 136 16.23 28.79 -17.73
N ILE B 137 16.51 27.86 -18.64
CA ILE B 137 16.41 28.15 -20.07
C ILE B 137 14.97 28.40 -20.47
N ASN B 138 14.04 27.66 -19.88
CA ASN B 138 12.63 27.79 -20.27
C ASN B 138 12.07 29.15 -19.89
N GLN B 139 12.40 29.66 -18.70
CA GLN B 139 11.95 30.99 -18.30
C GLN B 139 12.56 32.06 -19.21
N LEU B 140 13.75 31.81 -19.74
CA LEU B 140 14.38 32.78 -20.63
C LEU B 140 13.73 32.75 -22.02
N VAL B 141 13.37 31.57 -22.50
CA VAL B 141 12.80 31.49 -23.85
C VAL B 141 11.32 31.87 -23.86
N ARG B 142 10.64 31.73 -22.71
CA ARG B 142 9.22 32.05 -22.69
C ARG B 142 8.97 33.52 -22.39
N ASN B 143 9.48 34.01 -21.26
CA ASN B 143 9.20 35.37 -20.81
C ASN B 143 10.35 36.33 -21.06
N GLY B 144 11.52 35.84 -21.48
CA GLY B 144 12.63 36.73 -21.75
C GLY B 144 12.44 37.48 -23.07
N ASN B 145 12.81 38.75 -23.07
CA ASN B 145 12.69 39.57 -24.26
C ASN B 145 13.80 39.22 -25.25
N GLU B 146 13.81 39.95 -26.38
CA GLU B 146 14.75 39.66 -27.45
C GLU B 146 16.19 39.87 -27.01
N ALA B 147 16.49 41.06 -26.48
CA ALA B 147 17.87 41.37 -26.11
C ALA B 147 18.31 40.54 -24.90
N GLN B 148 17.37 40.10 -24.08
CA GLN B 148 17.72 39.32 -22.89
C GLN B 148 18.18 37.92 -23.25
N LYS B 149 17.36 37.17 -23.99
CA LYS B 149 17.71 35.80 -24.32
C LYS B 149 18.88 35.74 -25.30
N GLU B 150 19.09 36.79 -26.09
CA GLU B 150 20.21 36.80 -27.03
C GLU B 150 21.55 36.94 -26.33
N LYS B 151 21.57 37.39 -25.08
CA LYS B 151 22.83 37.61 -24.38
C LYS B 151 23.27 36.38 -23.61
N TYR B 152 22.33 35.67 -23.00
CA TYR B 152 22.68 34.57 -22.10
C TYR B 152 22.63 33.21 -22.79
N LEU B 153 21.61 32.96 -23.61
CA LEU B 153 21.45 31.64 -24.21
C LEU B 153 22.63 31.20 -25.08
N PRO B 154 23.25 32.06 -25.90
CA PRO B 154 24.45 31.60 -26.63
C PRO B 154 25.55 31.08 -25.73
N LYS B 155 25.72 31.69 -24.55
CA LYS B 155 26.68 31.22 -23.57
C LYS B 155 26.10 30.25 -22.55
N LEU B 156 24.82 29.89 -22.69
CA LEU B 156 24.17 28.96 -21.79
C LEU B 156 23.82 27.64 -22.45
N ILE B 157 23.49 27.64 -23.75
CA ILE B 157 23.17 26.40 -24.44
C ILE B 157 24.43 25.60 -24.75
N SER B 158 25.52 26.29 -25.09
CA SER B 158 26.76 25.59 -25.44
C SER B 158 27.43 24.94 -24.24
N GLY B 159 26.94 25.19 -23.04
CA GLY B 159 27.51 24.58 -21.85
C GLY B 159 28.53 25.43 -21.12
N GLU B 160 28.63 26.72 -21.43
CA GLU B 160 29.56 27.58 -20.73
C GLU B 160 29.00 28.03 -19.39
N TYR B 161 27.84 28.68 -19.40
CA TYR B 161 27.18 29.10 -18.17
C TYR B 161 26.32 27.98 -17.62
N ILE B 162 26.09 28.02 -16.31
CA ILE B 162 25.24 27.06 -15.62
C ILE B 162 23.96 27.76 -15.19
N GLY B 163 22.82 27.13 -15.44
CA GLY B 163 21.55 27.75 -15.15
C GLY B 163 20.92 27.30 -13.85
N ALA B 164 20.93 28.18 -12.84
CA ALA B 164 20.30 27.87 -11.57
C ALA B 164 19.02 28.67 -11.40
N LEU B 165 18.20 28.24 -10.44
CA LEU B 165 16.93 28.88 -10.14
C LEU B 165 16.81 29.08 -8.63
N ALA B 166 16.19 30.19 -8.23
CA ALA B 166 16.04 30.57 -6.83
C ALA B 166 14.56 30.74 -6.52
N MET B 167 13.98 29.81 -5.83
CA MET B 167 12.66 30.10 -5.42
C MET B 167 12.62 29.91 -3.97
N SER B 168 12.86 28.69 -3.50
CA SER B 168 12.63 28.52 -2.07
C SER B 168 13.56 29.40 -1.25
N GLU B 169 13.29 29.46 0.06
CA GLU B 169 14.07 30.22 1.02
C GLU B 169 14.25 29.40 2.28
N PRO B 170 15.18 29.78 3.17
CA PRO B 170 15.34 29.00 4.42
C PRO B 170 14.09 28.94 5.27
N ASN B 171 13.24 29.96 5.21
CA ASN B 171 12.01 29.99 5.99
C ASN B 171 10.77 29.82 5.13
N ALA B 172 10.93 29.46 3.86
CA ALA B 172 9.80 29.26 2.95
C ALA B 172 10.17 28.16 1.97
N GLY B 173 9.80 26.93 2.31
CA GLY B 173 10.04 25.80 1.44
C GLY B 173 8.93 25.58 0.44
N SER B 174 7.69 25.47 0.93
CA SER B 174 6.55 25.28 0.03
C SER B 174 5.87 26.60 -0.28
N ASP B 175 5.76 27.48 0.72
CA ASP B 175 5.12 28.78 0.54
C ASP B 175 6.07 29.74 -0.19
N VAL B 176 6.21 29.51 -1.50
CA VAL B 176 7.18 30.27 -2.29
C VAL B 176 6.80 31.73 -2.43
N VAL B 177 5.50 32.06 -2.34
CA VAL B 177 5.07 33.44 -2.47
C VAL B 177 5.35 34.27 -1.22
N SER B 178 5.76 33.64 -0.12
CA SER B 178 6.08 34.34 1.11
C SER B 178 7.55 34.69 1.23
N MET B 179 8.27 34.85 0.12
CA MET B 179 9.68 35.17 0.17
C MET B 179 9.90 36.56 0.76
N LYS B 180 11.06 36.74 1.41
CA LYS B 180 11.39 38.00 2.05
C LYS B 180 12.50 38.76 1.36
N LEU B 181 12.92 38.33 0.16
CA LEU B 181 13.96 39.04 -0.57
C LEU B 181 13.45 40.38 -1.08
N LYS B 182 13.89 41.46 -0.44
CA LYS B 182 13.47 42.79 -0.84
C LYS B 182 14.32 43.31 -1.99
N ALA B 183 13.70 44.15 -2.83
CA ALA B 183 14.40 44.75 -3.97
C ALA B 183 13.91 46.19 -4.11
N GLU B 184 14.65 47.12 -3.51
CA GLU B 184 14.33 48.52 -3.61
C GLU B 184 14.79 49.09 -4.94
N LYS B 185 14.05 50.08 -5.44
CA LYS B 185 14.33 50.69 -6.73
C LYS B 185 14.99 52.04 -6.51
N LYS B 186 16.15 52.24 -7.15
CA LYS B 186 16.89 53.51 -7.10
C LYS B 186 17.29 53.85 -8.53
N GLY B 187 16.43 54.59 -9.21
CA GLY B 187 16.69 54.91 -10.61
C GLY B 187 16.58 53.67 -11.48
N ASN B 188 17.63 53.39 -12.24
CA ASN B 188 17.70 52.22 -13.10
C ASN B 188 18.42 51.05 -12.45
N HIS B 189 18.50 51.02 -11.11
CA HIS B 189 19.21 49.97 -10.40
C HIS B 189 18.32 49.41 -9.29
N TYR B 190 18.43 48.10 -9.09
CA TYR B 190 17.71 47.41 -8.03
C TYR B 190 18.70 46.85 -7.01
N ILE B 191 18.45 47.14 -5.74
CA ILE B 191 19.33 46.71 -4.66
C ILE B 191 18.63 45.59 -3.90
N LEU B 192 19.17 44.38 -3.99
CA LEU B 192 18.60 43.20 -3.35
C LEU B 192 19.37 42.91 -2.06
N ASN B 193 18.63 42.61 -1.00
CA ASN B 193 19.22 42.29 0.30
C ASN B 193 18.41 41.14 0.92
N GLY B 194 18.94 39.92 0.80
CA GLY B 194 18.27 38.76 1.36
C GLY B 194 19.09 37.49 1.26
N ASN B 195 18.44 36.35 1.41
CA ASN B 195 19.11 35.06 1.36
C ASN B 195 18.20 34.03 0.71
N LYS B 196 18.82 33.05 0.06
CA LYS B 196 18.12 31.95 -0.58
C LYS B 196 18.66 30.63 -0.04
N PHE B 197 18.00 29.54 -0.40
CA PHE B 197 18.41 28.21 0.04
C PHE B 197 17.93 27.18 -0.97
N TRP B 198 18.52 25.99 -0.88
CA TRP B 198 18.21 24.86 -1.77
C TRP B 198 18.44 25.21 -3.23
N ILE B 199 19.47 26.00 -3.52
CA ILE B 199 19.76 26.46 -4.88
C ILE B 199 20.62 25.39 -5.55
N THR B 200 20.03 24.65 -6.48
CA THR B 200 20.79 23.64 -7.23
C THR B 200 21.82 24.32 -8.12
N ASN B 201 23.03 23.78 -8.12
CA ASN B 201 24.17 24.32 -8.87
C ASN B 201 24.48 25.76 -8.49
N GLY B 202 24.48 26.06 -7.19
CA GLY B 202 24.69 27.39 -6.70
C GLY B 202 26.05 27.99 -7.07
N PRO B 203 27.14 27.43 -6.52
CA PRO B 203 28.45 28.04 -6.73
C PRO B 203 28.98 27.93 -8.15
N ASP B 204 28.38 27.09 -8.99
CA ASP B 204 28.83 26.91 -10.36
C ASP B 204 28.04 27.75 -11.37
N ALA B 205 26.87 28.25 -10.97
CA ALA B 205 26.05 29.00 -11.90
C ALA B 205 26.62 30.40 -12.13
N ASP B 206 26.75 30.77 -13.39
CA ASP B 206 27.15 32.12 -13.76
C ASP B 206 25.97 33.06 -13.97
N VAL B 207 24.80 32.52 -14.31
CA VAL B 207 23.56 33.28 -14.42
C VAL B 207 22.50 32.58 -13.58
N LEU B 208 21.81 33.35 -12.74
CA LEU B 208 20.82 32.80 -11.81
C LEU B 208 19.55 33.62 -11.90
N ILE B 209 18.42 32.94 -12.13
CA ILE B 209 17.11 33.57 -12.14
C ILE B 209 16.61 33.59 -10.69
N VAL B 210 16.68 34.75 -10.05
CA VAL B 210 16.31 34.90 -8.64
C VAL B 210 15.08 35.79 -8.56
N TYR B 211 14.03 35.30 -7.91
CA TYR B 211 12.81 36.06 -7.71
C TYR B 211 12.94 36.95 -6.49
N ALA B 212 12.63 38.23 -6.65
CA ALA B 212 12.71 39.21 -5.57
C ALA B 212 11.39 39.94 -5.43
N LYS B 213 11.02 40.23 -4.19
CA LYS B 213 9.78 40.94 -3.89
C LYS B 213 10.08 42.43 -3.89
N THR B 214 9.75 43.10 -4.99
CA THR B 214 10.02 44.53 -5.11
C THR B 214 9.02 45.39 -4.35
N ASP B 215 7.87 44.83 -3.98
CA ASP B 215 6.83 45.59 -3.27
C ASP B 215 6.29 44.71 -2.15
N LEU B 216 6.64 45.05 -0.91
CA LEU B 216 6.19 44.30 0.26
C LEU B 216 4.93 44.88 0.89
N ALA B 217 4.23 45.80 0.20
CA ALA B 217 3.05 46.43 0.75
C ALA B 217 1.82 46.23 -0.13
N ALA B 218 1.88 45.29 -1.07
CA ALA B 218 0.72 45.02 -1.92
C ALA B 218 -0.31 44.21 -1.15
N VAL B 219 -1.59 44.38 -1.51
CA VAL B 219 -2.67 43.64 -0.87
C VAL B 219 -2.56 42.17 -1.22
N PRO B 220 -2.34 41.78 -2.49
CA PRO B 220 -2.02 40.37 -2.77
C PRO B 220 -0.53 40.13 -2.61
N ALA B 221 -0.18 39.05 -1.91
CA ALA B 221 1.22 38.74 -1.68
C ALA B 221 1.93 38.33 -2.96
N SER B 222 1.19 37.79 -3.92
CA SER B 222 1.81 37.30 -5.15
C SER B 222 2.20 38.44 -6.08
N ARG B 223 1.50 39.57 -6.01
CA ARG B 223 1.75 40.68 -6.93
C ARG B 223 3.02 41.46 -6.59
N GLY B 224 3.75 41.08 -5.55
CA GLY B 224 4.92 41.84 -5.15
C GLY B 224 6.24 41.26 -5.63
N ILE B 225 6.25 39.99 -6.02
CA ILE B 225 7.47 39.31 -6.41
C ILE B 225 7.80 39.65 -7.85
N THR B 226 9.10 39.68 -8.17
CA THR B 226 9.58 39.98 -9.50
C THR B 226 10.86 39.19 -9.76
N ALA B 227 10.99 38.67 -10.97
CA ALA B 227 12.12 37.84 -11.36
C ALA B 227 13.25 38.71 -11.90
N PHE B 228 14.47 38.44 -11.45
CA PHE B 228 15.65 39.17 -11.90
C PHE B 228 16.73 38.19 -12.31
N ILE B 229 17.57 38.62 -13.26
CA ILE B 229 18.66 37.79 -13.78
C ILE B 229 19.93 38.21 -13.05
N VAL B 230 20.33 37.40 -12.06
CA VAL B 230 21.55 37.65 -11.31
C VAL B 230 22.72 36.97 -12.01
N GLU B 231 23.82 37.70 -12.14
CA GLU B 231 25.02 37.20 -12.82
C GLU B 231 26.17 37.10 -11.82
N LYS B 232 27.04 36.12 -12.05
CA LYS B 232 28.21 35.97 -11.20
C LYS B 232 29.20 37.11 -11.45
N GLY B 233 29.80 37.61 -10.37
CA GLY B 233 30.75 38.70 -10.45
C GLY B 233 30.21 40.06 -10.09
N MET B 234 28.92 40.18 -9.82
CA MET B 234 28.36 41.46 -9.41
C MET B 234 28.72 41.74 -7.95
N PRO B 235 28.98 42.99 -7.58
CA PRO B 235 29.32 43.29 -6.18
C PRO B 235 28.15 42.98 -5.25
N GLY B 236 28.46 42.35 -4.12
CA GLY B 236 27.46 42.01 -3.13
C GLY B 236 26.86 40.63 -3.28
N PHE B 237 27.37 39.80 -4.17
CA PHE B 237 26.87 38.45 -4.38
C PHE B 237 27.91 37.45 -3.95
N SER B 238 27.49 36.45 -3.17
CA SER B 238 28.39 35.42 -2.67
C SER B 238 27.58 34.15 -2.44
N THR B 239 28.31 33.05 -2.22
CA THR B 239 27.69 31.74 -2.02
C THR B 239 28.39 31.05 -0.85
N SER B 240 27.64 30.19 -0.16
CA SER B 240 28.18 29.45 0.96
C SER B 240 28.76 28.12 0.50
N LYS B 241 29.20 27.31 1.47
CA LYS B 241 29.76 26.01 1.16
C LYS B 241 28.66 25.04 0.74
N LYS B 242 29.06 23.96 0.07
CA LYS B 242 28.10 22.99 -0.41
C LYS B 242 27.46 22.23 0.74
N LEU B 243 26.20 21.83 0.54
CA LEU B 243 25.47 21.10 1.56
C LEU B 243 25.74 19.60 1.45
N ASP B 244 25.79 18.94 2.60
CA ASP B 244 26.01 17.49 2.65
C ASP B 244 24.65 16.81 2.74
N LYS B 245 24.08 16.48 1.58
CA LYS B 245 22.76 15.90 1.51
C LYS B 245 22.83 14.39 1.64
N LEU B 246 21.68 13.79 1.97
CA LEU B 246 21.59 12.33 2.07
C LEU B 246 21.76 11.69 0.69
N GLY B 247 21.02 12.19 -0.30
CA GLY B 247 21.12 11.68 -1.64
C GLY B 247 21.49 12.76 -2.63
N MET B 248 21.46 12.43 -3.93
CA MET B 248 21.85 13.36 -5.00
C MET B 248 23.25 13.90 -4.77
N ARG B 249 24.14 13.07 -4.21
CA ARG B 249 25.50 13.50 -3.92
C ARG B 249 26.25 13.76 -5.22
N GLY B 250 26.72 14.99 -5.39
CA GLY B 250 27.36 15.44 -6.60
C GLY B 250 26.74 16.68 -7.20
N SER B 251 25.45 16.93 -6.94
CA SER B 251 24.78 18.14 -7.39
C SER B 251 24.99 19.23 -6.34
N ASN B 252 25.77 20.24 -6.70
CA ASN B 252 26.11 21.30 -5.77
C ASN B 252 24.88 22.09 -5.36
N THR B 253 24.81 22.42 -4.07
CA THR B 253 23.71 23.20 -3.53
C THR B 253 24.21 23.95 -2.29
N CYS B 254 23.94 25.24 -2.25
CA CYS B 254 24.44 26.07 -1.15
C CYS B 254 23.51 27.25 -0.95
N GLU B 255 23.83 28.06 0.06
CA GLU B 255 23.05 29.24 0.37
C GLU B 255 23.53 30.44 -0.43
N LEU B 256 22.59 31.25 -0.91
CA LEU B 256 22.90 32.47 -1.63
C LEU B 256 22.81 33.67 -0.68
N ILE B 257 23.75 34.59 -0.82
CA ILE B 257 23.84 35.77 0.03
C ILE B 257 23.78 37.02 -0.84
N PHE B 258 22.91 37.95 -0.47
CA PHE B 258 22.77 39.22 -1.17
C PHE B 258 22.99 40.35 -0.17
N GLU B 259 23.90 41.26 -0.49
CA GLU B 259 24.22 42.40 0.37
C GLU B 259 24.54 43.59 -0.53
N ASP B 260 23.56 44.49 -0.68
CA ASP B 260 23.69 45.68 -1.52
C ASP B 260 24.05 45.33 -2.96
N CYS B 261 23.49 44.22 -3.47
CA CYS B 261 23.75 43.78 -4.83
C CYS B 261 23.02 44.69 -5.81
N LYS B 262 23.78 45.37 -6.67
CA LYS B 262 23.23 46.28 -7.65
C LYS B 262 22.81 45.49 -8.89
N ILE B 263 21.51 45.36 -9.10
CA ILE B 263 20.96 44.64 -10.25
C ILE B 263 20.48 45.66 -11.28
N PRO B 264 20.97 45.59 -12.52
CA PRO B 264 20.51 46.55 -13.53
C PRO B 264 19.03 46.36 -13.85
N ALA B 265 18.40 47.44 -14.30
CA ALA B 265 16.99 47.37 -14.65
C ALA B 265 16.76 46.54 -15.91
N ALA B 266 17.75 46.46 -16.78
CA ALA B 266 17.60 45.69 -18.02
C ALA B 266 17.59 44.19 -17.75
N ASN B 267 18.04 43.75 -16.58
CA ASN B 267 18.10 42.33 -16.25
C ASN B 267 16.78 41.80 -15.69
N ILE B 268 15.69 42.57 -15.79
CA ILE B 268 14.41 42.10 -15.28
C ILE B 268 13.83 41.06 -16.22
N LEU B 269 13.14 40.07 -15.65
CA LEU B 269 12.49 39.01 -16.42
C LEU B 269 10.98 39.25 -16.41
N GLY B 270 10.38 39.21 -17.58
CA GLY B 270 8.94 39.44 -17.67
C GLY B 270 8.62 40.92 -17.45
N HIS B 271 7.77 41.19 -16.48
CA HIS B 271 7.38 42.54 -16.14
C HIS B 271 7.42 42.73 -14.62
N GLU B 272 7.53 43.99 -14.20
CA GLU B 272 7.60 44.29 -12.78
C GLU B 272 6.26 43.99 -12.11
N ASN B 273 6.34 43.49 -10.87
CA ASN B 273 5.18 43.14 -10.06
C ASN B 273 4.35 42.02 -10.69
N LYS B 274 4.87 41.40 -11.75
CA LYS B 274 4.21 40.29 -12.42
C LYS B 274 5.06 39.02 -12.42
N GLY B 275 5.95 38.87 -11.44
CA GLY B 275 6.81 37.70 -11.38
C GLY B 275 6.08 36.42 -11.03
N VAL B 276 4.89 36.52 -10.44
CA VAL B 276 4.13 35.33 -10.07
C VAL B 276 3.60 34.62 -11.32
N TYR B 277 3.17 35.37 -12.33
CA TYR B 277 2.65 34.82 -13.57
C TYR B 277 3.72 34.09 -14.38
N VAL B 278 4.98 34.22 -14.00
CA VAL B 278 6.07 33.46 -14.62
C VAL B 278 6.46 32.26 -13.76
N LEU B 279 6.60 32.45 -12.46
CA LEU B 279 6.98 31.35 -11.56
C LEU B 279 5.90 30.27 -11.57
N MET B 280 4.63 30.65 -11.44
CA MET B 280 3.56 29.66 -11.38
C MET B 280 3.38 28.96 -12.73
N SER B 281 3.63 29.67 -13.83
CA SER B 281 3.51 29.08 -15.15
C SER B 281 4.72 28.23 -15.53
N GLY B 282 5.86 28.42 -14.88
CA GLY B 282 7.02 27.63 -15.19
C GLY B 282 7.21 26.45 -14.25
N LEU B 283 6.68 26.55 -13.03
CA LEU B 283 6.82 25.45 -12.08
C LEU B 283 6.09 24.20 -12.56
N ASP B 284 4.98 24.36 -13.28
CA ASP B 284 4.29 23.20 -13.85
C ASP B 284 5.15 22.48 -14.87
N LEU B 285 5.76 23.22 -15.81
CA LEU B 285 6.66 22.61 -16.78
C LEU B 285 7.88 22.01 -16.10
N ALA B 286 8.35 22.62 -15.01
CA ALA B 286 9.49 22.07 -14.29
C ALA B 286 9.14 20.74 -13.64
N ARG B 287 7.96 20.66 -13.02
CA ARG B 287 7.51 19.38 -12.45
C ARG B 287 7.26 18.35 -13.55
N LEU B 288 6.84 18.80 -14.73
CA LEU B 288 6.59 17.87 -15.83
C LEU B 288 7.89 17.28 -16.35
N VAL B 289 8.91 18.13 -16.58
CA VAL B 289 10.16 17.64 -17.13
C VAL B 289 10.93 16.82 -16.10
N LEU B 290 10.93 17.26 -14.84
CA LEU B 290 11.64 16.53 -13.81
C LEU B 290 10.98 15.19 -13.47
N ALA B 291 9.78 14.93 -14.00
CA ALA B 291 9.13 13.65 -13.78
C ALA B 291 9.88 12.50 -14.42
N GLY B 292 10.71 12.77 -15.43
CA GLY B 292 11.48 11.71 -16.06
C GLY B 292 12.57 11.17 -15.16
N GLY B 293 12.91 11.90 -14.10
CA GLY B 293 13.92 11.47 -13.15
C GLY B 293 13.63 10.12 -12.51
N PRO B 294 12.53 10.04 -11.77
CA PRO B 294 12.15 8.75 -11.18
C PRO B 294 11.96 7.65 -12.21
N LEU B 295 11.50 8.00 -13.41
CA LEU B 295 11.39 7.01 -14.48
C LEU B 295 12.73 6.34 -14.76
N GLY B 296 13.76 7.14 -15.05
CA GLY B 296 15.08 6.56 -15.30
C GLY B 296 15.67 5.90 -14.07
N LEU B 297 15.35 6.42 -12.89
CA LEU B 297 15.84 5.81 -11.66
C LEU B 297 15.35 4.37 -11.52
N MET B 298 14.03 4.18 -11.62
CA MET B 298 13.51 2.82 -11.53
C MET B 298 13.84 1.98 -12.75
N GLN B 299 14.08 2.61 -13.91
CA GLN B 299 14.57 1.87 -15.06
C GLN B 299 15.94 1.26 -14.75
N ALA B 300 16.85 2.05 -14.18
CA ALA B 300 18.15 1.52 -13.79
C ALA B 300 18.01 0.50 -12.68
N VAL B 301 17.05 0.72 -11.77
CA VAL B 301 16.78 -0.26 -10.70
C VAL B 301 16.46 -1.62 -11.31
N LEU B 302 15.54 -1.64 -12.28
CA LEU B 302 15.16 -2.90 -12.92
C LEU B 302 16.32 -3.47 -13.74
N ASP B 303 17.08 -2.61 -14.42
CA ASP B 303 18.18 -3.08 -15.25
C ASP B 303 19.29 -3.69 -14.40
N HIS B 304 19.38 -3.28 -13.13
CA HIS B 304 20.35 -3.90 -12.23
C HIS B 304 19.76 -5.11 -11.51
N THR B 305 18.45 -5.13 -11.30
CA THR B 305 17.83 -6.19 -10.51
C THR B 305 17.62 -7.45 -11.36
N ILE B 306 17.15 -7.29 -12.61
CA ILE B 306 16.78 -8.45 -13.41
C ILE B 306 17.96 -9.39 -13.65
N PRO B 307 19.13 -8.93 -14.11
CA PRO B 307 20.24 -9.89 -14.31
C PRO B 307 20.72 -10.52 -13.01
N TYR B 308 20.63 -9.79 -11.89
CA TYR B 308 21.08 -10.34 -10.61
C TYR B 308 20.18 -11.48 -10.16
N LEU B 309 18.87 -11.37 -10.42
CA LEU B 309 17.95 -12.44 -10.04
C LEU B 309 18.14 -13.69 -10.88
N HIS B 310 18.77 -13.57 -12.06
CA HIS B 310 19.07 -14.73 -12.89
C HIS B 310 20.46 -15.30 -12.65
N VAL B 311 21.43 -14.47 -12.25
CA VAL B 311 22.76 -14.97 -11.96
C VAL B 311 22.82 -15.61 -10.58
N ARG B 312 22.29 -14.93 -9.58
CA ARG B 312 22.28 -15.46 -8.22
C ARG B 312 21.34 -16.66 -8.12
N GLU B 313 21.81 -17.73 -7.48
CA GLU B 313 21.06 -18.96 -7.36
C GLU B 313 20.97 -19.38 -5.90
N ALA B 314 19.86 -20.02 -5.54
CA ALA B 314 19.64 -20.51 -4.20
C ALA B 314 18.64 -21.66 -4.24
N PHE B 315 18.79 -22.58 -3.28
CA PHE B 315 17.91 -23.75 -3.17
C PHE B 315 17.97 -24.62 -4.42
N GLY B 316 19.10 -24.63 -5.10
CA GLY B 316 19.31 -25.47 -6.26
C GLY B 316 18.89 -24.89 -7.58
N GLN B 317 18.43 -23.63 -7.61
CA GLN B 317 18.01 -23.00 -8.85
C GLN B 317 18.17 -21.50 -8.72
N LYS B 318 17.92 -20.80 -9.83
CA LYS B 318 18.02 -19.34 -9.83
C LYS B 318 16.92 -18.74 -8.96
N ILE B 319 17.27 -17.65 -8.26
CA ILE B 319 16.30 -17.00 -7.39
C ILE B 319 15.21 -16.30 -8.20
N GLY B 320 15.47 -16.04 -9.48
CA GLY B 320 14.48 -15.41 -10.34
C GLY B 320 13.33 -16.30 -10.76
N HIS B 321 13.35 -17.57 -10.40
CA HIS B 321 12.28 -18.49 -10.74
C HIS B 321 11.28 -18.69 -9.61
N PHE B 322 11.53 -18.12 -8.42
CA PHE B 322 10.60 -18.23 -7.32
C PHE B 322 9.42 -17.28 -7.54
N GLN B 323 8.26 -17.67 -7.01
CA GLN B 323 7.04 -16.93 -7.30
C GLN B 323 7.04 -15.54 -6.67
N LEU B 324 7.69 -15.38 -5.51
CA LEU B 324 7.74 -14.07 -4.87
C LEU B 324 8.59 -13.10 -5.69
N MET B 325 9.77 -13.55 -6.13
CA MET B 325 10.61 -12.70 -6.97
C MET B 325 9.92 -12.37 -8.29
N GLN B 326 9.22 -13.34 -8.87
CA GLN B 326 8.50 -13.08 -10.11
C GLN B 326 7.37 -12.07 -9.90
N GLY B 327 6.66 -12.17 -8.78
CA GLY B 327 5.62 -11.20 -8.50
C GLY B 327 6.17 -9.81 -8.28
N LYS B 328 7.30 -9.70 -7.58
CA LYS B 328 7.93 -8.40 -7.39
C LYS B 328 8.40 -7.82 -8.71
N MET B 329 9.00 -8.65 -9.57
CA MET B 329 9.42 -8.19 -10.89
C MET B 329 8.22 -7.71 -11.70
N ALA B 330 7.10 -8.44 -11.65
CA ALA B 330 5.91 -8.05 -12.38
C ALA B 330 5.39 -6.71 -11.88
N ASP B 331 5.30 -6.55 -10.56
CA ASP B 331 4.82 -5.28 -10.00
C ASP B 331 5.71 -4.12 -10.39
N MET B 332 7.03 -4.29 -10.28
CA MET B 332 7.95 -3.22 -10.63
C MET B 332 7.86 -2.87 -12.11
N TYR B 333 7.78 -3.88 -12.98
CA TYR B 333 7.68 -3.62 -14.40
C TYR B 333 6.39 -2.91 -14.76
N THR B 334 5.27 -3.36 -14.17
CA THR B 334 3.99 -2.71 -14.45
C THR B 334 4.00 -1.26 -13.98
N ARG B 335 4.54 -1.00 -12.78
CA ARG B 335 4.58 0.36 -12.28
C ARG B 335 5.47 1.25 -13.14
N LEU B 336 6.65 0.75 -13.52
CA LEU B 336 7.53 1.51 -14.38
C LEU B 336 6.87 1.85 -15.71
N MET B 337 6.27 0.84 -16.36
CA MET B 337 5.65 1.07 -17.66
C MET B 337 4.47 2.03 -17.54
N ALA B 338 3.65 1.89 -16.49
CA ALA B 338 2.52 2.79 -16.31
C ALA B 338 2.97 4.22 -16.12
N CYS B 339 3.96 4.44 -15.25
CA CYS B 339 4.45 5.80 -15.02
C CYS B 339 5.08 6.38 -16.27
N ARG B 340 5.84 5.57 -17.01
CA ARG B 340 6.50 6.06 -18.22
C ARG B 340 5.47 6.45 -19.27
N GLN B 341 4.47 5.59 -19.49
CA GLN B 341 3.41 5.91 -20.44
C GLN B 341 2.63 7.16 -20.03
N TYR B 342 2.34 7.29 -18.73
CA TYR B 342 1.63 8.48 -18.25
C TYR B 342 2.44 9.74 -18.54
N VAL B 343 3.73 9.73 -18.18
CA VAL B 343 4.57 10.91 -18.36
C VAL B 343 4.70 11.24 -19.85
N TYR B 344 4.87 10.22 -20.69
CA TYR B 344 5.03 10.45 -22.12
C TYR B 344 3.76 11.01 -22.74
N ASN B 345 2.60 10.44 -22.36
CA ASN B 345 1.33 10.92 -22.93
C ASN B 345 1.02 12.33 -22.47
N VAL B 346 1.43 12.69 -21.24
CA VAL B 346 1.21 14.04 -20.77
C VAL B 346 2.17 15.01 -21.47
N ALA B 347 3.40 14.57 -21.73
CA ALA B 347 4.35 15.41 -22.44
C ALA B 347 3.91 15.65 -23.88
N LYS B 348 3.29 14.65 -24.49
CA LYS B 348 2.80 14.82 -25.87
C LYS B 348 1.66 15.84 -25.92
N ALA B 349 0.88 15.95 -24.84
CA ALA B 349 -0.22 16.90 -24.81
C ALA B 349 0.30 18.33 -24.75
N CYS B 350 1.33 18.57 -23.95
CA CYS B 350 1.88 19.92 -23.83
C CYS B 350 2.58 20.36 -25.12
N ASP B 351 3.08 19.41 -25.91
CA ASP B 351 3.70 19.77 -27.19
C ASP B 351 2.66 20.30 -28.17
N GLU B 352 1.40 19.94 -28.00
CA GLU B 352 0.32 20.42 -28.86
C GLU B 352 -0.34 21.69 -28.32
N GLY B 353 0.13 22.21 -27.20
CA GLY B 353 -0.43 23.43 -26.64
C GLY B 353 -1.48 23.24 -25.58
N HIS B 354 -1.61 22.03 -25.01
CA HIS B 354 -2.58 21.74 -23.98
C HIS B 354 -1.84 21.48 -22.68
N CYS B 355 -1.59 22.55 -21.92
CA CYS B 355 -0.89 22.43 -20.66
C CYS B 355 -1.86 22.64 -19.49
N THR B 356 -1.69 21.81 -18.46
CA THR B 356 -2.51 21.89 -17.26
C THR B 356 -1.61 21.75 -16.04
N ALA B 357 -1.91 22.54 -15.00
CA ALA B 357 -1.11 22.51 -13.78
C ALA B 357 -1.35 21.24 -12.99
N LYS B 358 -2.56 20.67 -13.10
CA LYS B 358 -2.91 19.48 -12.34
C LYS B 358 -2.11 18.27 -12.80
N ASP B 359 -2.09 18.03 -14.11
CA ASP B 359 -1.44 16.84 -14.65
C ASP B 359 0.07 16.88 -14.50
N CYS B 360 0.69 18.06 -14.63
CA CYS B 360 2.13 18.17 -14.51
C CYS B 360 2.61 17.80 -13.11
N ALA B 361 1.84 18.19 -12.09
CA ALA B 361 2.18 17.79 -10.72
C ALA B 361 1.81 16.34 -10.47
N GLY B 362 0.69 15.88 -11.04
CA GLY B 362 0.25 14.53 -10.80
C GLY B 362 1.21 13.49 -11.35
N VAL B 363 1.76 13.74 -12.54
CA VAL B 363 2.65 12.75 -13.16
C VAL B 363 3.92 12.59 -12.33
N ILE B 364 4.50 13.70 -11.87
CA ILE B 364 5.73 13.59 -11.08
C ILE B 364 5.44 13.02 -9.70
N LEU B 365 4.29 13.35 -9.11
CA LEU B 365 3.89 12.74 -7.84
C LEU B 365 3.80 11.23 -7.97
N TYR B 366 3.07 10.76 -8.98
CA TYR B 366 2.90 9.32 -9.17
C TYR B 366 4.24 8.65 -9.47
N SER B 367 5.06 9.28 -10.32
CA SER B 367 6.35 8.71 -10.67
C SER B 367 7.24 8.55 -9.45
N ALA B 368 7.30 9.58 -8.59
CA ALA B 368 8.13 9.50 -7.41
C ALA B 368 7.59 8.47 -6.41
N GLU B 369 6.28 8.48 -6.17
CA GLU B 369 5.69 7.55 -5.22
C GLU B 369 5.84 6.11 -5.67
N CYS B 370 5.90 5.88 -6.99
CA CYS B 370 6.10 4.52 -7.48
C CYS B 370 7.58 4.14 -7.48
N ALA B 371 8.45 5.10 -7.82
CA ALA B 371 9.88 4.82 -7.89
C ALA B 371 10.45 4.54 -6.51
N THR B 372 9.89 5.17 -5.47
CA THR B 372 10.33 4.85 -4.10
C THR B 372 10.11 3.37 -3.79
N GLN B 373 8.91 2.87 -4.05
CA GLN B 373 8.61 1.47 -3.78
C GLN B 373 9.40 0.55 -4.70
N VAL B 374 9.63 0.97 -5.94
CA VAL B 374 10.40 0.14 -6.88
C VAL B 374 11.85 0.03 -6.40
N ALA B 375 12.44 1.12 -5.92
CA ALA B 375 13.78 1.06 -5.38
C ALA B 375 13.83 0.22 -4.11
N LEU B 376 12.81 0.32 -3.25
CA LEU B 376 12.76 -0.53 -2.07
C LEU B 376 12.72 -2.01 -2.45
N ASP B 377 11.90 -2.36 -3.44
CA ASP B 377 11.81 -3.76 -3.87
C ASP B 377 13.12 -4.21 -4.51
N GLY B 378 13.77 -3.32 -5.26
CA GLY B 378 15.04 -3.68 -5.87
C GLY B 378 16.13 -3.94 -4.82
N ILE B 379 16.16 -3.10 -3.78
CA ILE B 379 17.10 -3.33 -2.68
C ILE B 379 16.74 -4.63 -1.97
N GLN B 380 15.44 -4.93 -1.85
CA GLN B 380 15.03 -6.16 -1.20
C GLN B 380 15.42 -7.40 -2.01
N CYS B 381 15.31 -7.32 -3.34
CA CYS B 381 15.64 -8.46 -4.18
C CYS B 381 17.12 -8.81 -4.15
N PHE B 382 17.99 -7.84 -3.88
CA PHE B 382 19.42 -8.13 -3.82
C PHE B 382 19.81 -8.80 -2.51
N GLY B 383 18.99 -8.67 -1.47
CA GLY B 383 19.33 -9.28 -0.20
C GLY B 383 20.42 -8.52 0.53
N GLY B 384 21.39 -9.27 1.05
CA GLY B 384 22.48 -8.65 1.79
C GLY B 384 23.39 -7.81 0.91
N ASN B 385 23.57 -8.25 -0.34
CA ASN B 385 24.48 -7.54 -1.24
C ASN B 385 23.96 -6.15 -1.59
N GLY B 386 22.63 -5.94 -1.53
CA GLY B 386 22.09 -4.64 -1.84
C GLY B 386 22.23 -3.62 -0.73
N TYR B 387 22.67 -4.05 0.45
CA TYR B 387 22.79 -3.15 1.59
C TYR B 387 24.14 -2.44 1.65
N ILE B 388 25.17 -2.99 1.02
CA ILE B 388 26.48 -2.35 1.00
C ILE B 388 26.53 -1.32 -0.12
N ASN B 389 27.39 -0.31 0.06
CA ASN B 389 27.53 0.75 -0.94
C ASN B 389 28.34 0.34 -2.15
N ASP B 390 28.79 -0.92 -2.23
CA ASP B 390 29.51 -1.38 -3.41
C ASP B 390 28.60 -1.51 -4.62
N PHE B 391 27.31 -1.73 -4.40
CA PHE B 391 26.32 -1.79 -5.45
C PHE B 391 25.54 -0.49 -5.55
N PRO B 392 25.11 -0.11 -6.76
CA PRO B 392 24.38 1.15 -6.91
C PRO B 392 22.95 1.12 -6.40
N MET B 393 22.52 0.01 -5.79
CA MET B 393 21.15 -0.08 -5.29
C MET B 393 20.90 0.87 -4.14
N GLY B 394 21.93 1.15 -3.33
CA GLY B 394 21.76 2.07 -2.22
C GLY B 394 21.59 3.51 -2.67
N ARG B 395 22.20 3.88 -3.79
CA ARG B 395 22.08 5.24 -4.29
C ARG B 395 20.70 5.48 -4.90
N PHE B 396 20.10 4.44 -5.46
CA PHE B 396 18.80 4.59 -6.12
C PHE B 396 17.73 5.02 -5.14
N LEU B 397 17.77 4.48 -3.92
CA LEU B 397 16.76 4.84 -2.92
C LEU B 397 16.94 6.28 -2.45
N ARG B 398 18.19 6.69 -2.22
CA ARG B 398 18.44 8.04 -1.74
C ARG B 398 18.14 9.08 -2.82
N ASP B 399 18.37 8.73 -4.08
CA ASP B 399 18.08 9.67 -5.17
C ASP B 399 16.59 9.77 -5.43
N ALA B 400 15.86 8.66 -5.28
CA ALA B 400 14.42 8.68 -5.53
C ALA B 400 13.67 9.51 -4.51
N LYS B 401 14.22 9.69 -3.31
CA LYS B 401 13.54 10.47 -2.28
C LYS B 401 13.58 11.96 -2.55
N LEU B 402 14.50 12.43 -3.41
CA LEU B 402 14.61 13.86 -3.67
C LEU B 402 13.40 14.38 -4.44
N TYR B 403 12.92 13.60 -5.42
CA TYR B 403 11.81 14.05 -6.25
C TYR B 403 10.51 14.20 -5.47
N GLU B 404 10.46 13.78 -4.21
CA GLU B 404 9.29 13.98 -3.37
C GLU B 404 9.38 15.24 -2.53
N ILE B 405 10.58 15.80 -2.34
CA ILE B 405 10.75 16.98 -1.49
C ILE B 405 11.56 18.04 -2.21
N GLY B 406 12.22 17.68 -3.31
CA GLY B 406 13.07 18.61 -4.01
C GLY B 406 12.39 19.32 -5.16
N ALA B 407 11.20 18.87 -5.53
CA ALA B 407 10.42 19.48 -6.61
C ALA B 407 8.99 19.68 -6.11
N GLY B 408 8.86 20.22 -4.90
CA GLY B 408 7.57 20.37 -4.25
C GLY B 408 7.15 19.09 -3.56
N THR B 409 6.61 19.22 -2.35
CA THR B 409 6.20 18.04 -1.59
C THR B 409 4.93 17.44 -2.18
N SER B 410 4.70 16.17 -1.83
CA SER B 410 3.51 15.48 -2.33
C SER B 410 2.23 16.15 -1.83
N GLU B 411 2.29 16.75 -0.65
CA GLU B 411 1.13 17.45 -0.11
C GLU B 411 0.76 18.65 -0.99
N VAL B 412 1.76 19.44 -1.38
CA VAL B 412 1.50 20.60 -2.23
C VAL B 412 1.00 20.16 -3.59
N ARG B 413 1.52 19.04 -4.11
CA ARG B 413 1.05 18.53 -5.39
C ARG B 413 -0.41 18.09 -5.31
N ARG B 414 -0.77 17.37 -4.24
CA ARG B 414 -2.16 16.95 -4.08
C ARG B 414 -3.09 18.15 -3.86
N LEU B 415 -2.58 19.20 -3.22
CA LEU B 415 -3.38 20.42 -3.06
C LEU B 415 -3.60 21.11 -4.39
N VAL B 416 -2.55 21.18 -5.23
CA VAL B 416 -2.69 21.77 -6.55
C VAL B 416 -3.67 20.97 -7.39
N ILE B 417 -3.61 19.64 -7.31
CA ILE B 417 -4.57 18.81 -8.03
C ILE B 417 -5.97 19.02 -7.46
N GLY B 418 -6.08 19.11 -6.14
CA GLY B 418 -7.39 19.28 -5.52
C GLY B 418 -8.04 20.60 -5.88
N ARG B 419 -7.25 21.68 -5.90
CA ARG B 419 -7.79 22.99 -6.23
C ARG B 419 -8.24 23.07 -7.69
N ALA B 420 -7.74 22.18 -8.53
CA ALA B 420 -8.16 22.16 -9.93
C ALA B 420 -9.61 21.71 -10.10
N PHE B 421 -10.13 20.91 -9.17
CA PHE B 421 -11.53 20.48 -9.26
C PHE B 421 -12.47 21.48 -8.60
N ASN B 422 -12.00 22.18 -7.57
CA ASN B 422 -12.84 23.17 -6.90
C ASN B 422 -13.07 24.41 -7.74
N ALA B 423 -12.33 24.57 -8.84
CA ALA B 423 -12.48 25.72 -9.72
C ALA B 423 -13.54 25.51 -10.80
N ASP B 424 -14.14 24.32 -10.87
CA ASP B 424 -15.17 24.03 -11.86
C ASP B 424 -16.56 24.26 -11.28
N VAL C 38 -15.38 14.52 -17.53
CA VAL C 38 -14.98 15.02 -18.83
C VAL C 38 -13.60 14.48 -19.21
N ASP C 39 -13.56 13.73 -20.30
CA ASP C 39 -12.30 13.16 -20.76
C ASP C 39 -11.44 14.22 -21.43
N ASP C 40 -10.13 14.09 -21.26
CA ASP C 40 -9.17 15.05 -21.79
C ASP C 40 -8.52 14.50 -23.05
N ALA C 41 -8.02 15.42 -23.88
CA ALA C 41 -7.35 15.04 -25.12
C ALA C 41 -5.94 14.52 -24.89
N ILE C 42 -5.48 14.48 -23.63
CA ILE C 42 -4.14 14.00 -23.31
C ILE C 42 -3.99 12.53 -23.69
N ASN C 43 -5.09 11.80 -23.75
CA ASN C 43 -5.04 10.37 -24.08
C ASN C 43 -4.45 10.10 -25.44
N GLY C 44 -4.39 11.10 -26.32
CA GLY C 44 -3.80 10.92 -27.63
C GLY C 44 -4.65 10.08 -28.55
N LEU C 45 -5.85 10.57 -28.86
CA LEU C 45 -6.79 9.87 -29.72
C LEU C 45 -7.09 10.70 -30.95
N SER C 46 -7.47 10.03 -32.03
CA SER C 46 -7.82 10.73 -33.25
C SER C 46 -9.18 11.40 -33.12
N GLU C 47 -9.50 12.27 -34.09
CA GLU C 47 -10.78 12.95 -34.07
C GLU C 47 -11.93 11.97 -34.25
N GLU C 48 -11.76 10.98 -35.13
CA GLU C 48 -12.78 9.96 -35.30
C GLU C 48 -12.98 9.14 -34.03
N GLN C 49 -11.90 8.86 -33.31
CA GLN C 49 -12.02 8.13 -32.05
C GLN C 49 -12.77 8.95 -31.00
N ARG C 50 -12.51 10.26 -30.95
CA ARG C 50 -13.25 11.12 -30.04
C ARG C 50 -14.73 11.18 -30.41
N GLN C 51 -15.02 11.23 -31.71
CA GLN C 51 -16.41 11.24 -32.16
C GLN C 51 -17.10 9.93 -31.79
N LEU C 52 -16.41 8.80 -31.94
CA LEU C 52 -16.98 7.52 -31.56
C LEU C 52 -17.23 7.46 -30.06
N ARG C 53 -16.28 7.99 -29.26
CA ARG C 53 -16.46 8.03 -27.82
C ARG C 53 -17.68 8.87 -27.44
N GLN C 54 -17.84 10.03 -28.06
CA GLN C 54 -18.98 10.89 -27.76
C GLN C 54 -20.28 10.24 -28.19
N THR C 55 -20.28 9.55 -29.34
CA THR C 55 -21.48 8.85 -29.78
C THR C 55 -21.87 7.74 -28.82
N MET C 56 -20.88 6.98 -28.34
CA MET C 56 -21.15 5.92 -27.37
C MET C 56 -21.67 6.50 -26.06
N ALA C 57 -21.08 7.61 -25.62
CA ALA C 57 -21.54 8.24 -24.39
C ALA C 57 -22.97 8.74 -24.53
N LYS C 58 -23.32 9.27 -25.70
CA LYS C 58 -24.69 9.75 -25.93
C LYS C 58 -25.67 8.59 -26.00
N PHE C 59 -25.27 7.49 -26.66
CA PHE C 59 -26.19 6.36 -26.82
C PHE C 59 -26.42 5.63 -25.50
N LEU C 60 -25.36 5.42 -24.72
CA LEU C 60 -25.49 4.66 -23.49
C LEU C 60 -26.14 5.46 -22.37
N GLN C 61 -26.01 6.78 -22.39
CA GLN C 61 -26.64 7.61 -21.36
C GLN C 61 -28.16 7.62 -21.51
N GLU C 62 -28.66 7.44 -22.73
CA GLU C 62 -30.10 7.50 -22.95
C GLU C 62 -30.77 6.15 -22.77
N HIS C 63 -30.07 5.06 -23.10
CA HIS C 63 -30.67 3.73 -23.11
C HIS C 63 -30.19 2.83 -21.99
N LEU C 64 -28.95 2.98 -21.53
CA LEU C 64 -28.37 2.04 -20.57
C LEU C 64 -28.14 2.66 -19.20
N ALA C 65 -27.77 3.95 -19.14
CA ALA C 65 -27.45 4.57 -17.86
C ALA C 65 -28.61 4.59 -16.87
N PRO C 66 -29.84 4.98 -17.25
CA PRO C 66 -30.91 4.98 -16.22
C PRO C 66 -31.25 3.60 -15.71
N LYS C 67 -31.35 2.60 -16.58
CA LYS C 67 -31.70 1.24 -16.18
C LYS C 67 -30.52 0.43 -15.70
N ALA C 68 -29.36 1.06 -15.48
CA ALA C 68 -28.19 0.32 -15.05
C ALA C 68 -28.36 -0.24 -13.64
N GLN C 69 -29.05 0.50 -12.78
CA GLN C 69 -29.26 0.04 -11.40
C GLN C 69 -30.29 -1.08 -11.35
N GLU C 70 -31.32 -1.01 -12.20
CA GLU C 70 -32.35 -2.04 -12.18
C GLU C 70 -31.81 -3.38 -12.65
N ILE C 71 -30.87 -3.36 -13.60
CA ILE C 71 -30.25 -4.61 -14.05
C ILE C 71 -29.48 -5.26 -12.91
N ASP C 72 -28.79 -4.45 -12.10
CA ASP C 72 -28.07 -5.00 -10.96
C ASP C 72 -29.01 -5.49 -9.87
N ARG C 73 -30.14 -4.79 -9.70
CA ARG C 73 -31.08 -5.17 -8.64
C ARG C 73 -31.81 -6.46 -8.99
N SER C 74 -32.21 -6.62 -10.26
CA SER C 74 -33.00 -7.78 -10.68
C SER C 74 -32.15 -8.89 -11.28
N ASN C 75 -30.88 -8.63 -11.57
CA ASN C 75 -29.99 -9.62 -12.18
C ASN C 75 -30.58 -10.19 -13.48
N GLU C 76 -31.21 -9.32 -14.27
CA GLU C 76 -31.83 -9.74 -15.51
C GLU C 76 -31.87 -8.55 -16.46
N PHE C 77 -31.78 -8.85 -17.76
CA PHE C 77 -31.80 -7.82 -18.82
C PHE C 77 -32.85 -8.28 -19.83
N LYS C 78 -34.10 -7.82 -19.64
CA LYS C 78 -35.16 -8.20 -20.56
C LYS C 78 -34.95 -7.60 -21.95
N ASN C 79 -34.31 -6.43 -22.02
CA ASN C 79 -34.00 -5.79 -23.30
C ASN C 79 -32.62 -6.17 -23.82
N LEU C 80 -32.11 -7.34 -23.48
CA LEU C 80 -30.76 -7.73 -23.89
C LEU C 80 -30.67 -7.86 -25.41
N ARG C 81 -31.61 -8.60 -26.02
CA ARG C 81 -31.56 -8.81 -27.45
C ARG C 81 -31.86 -7.51 -28.21
N GLU C 82 -32.74 -6.66 -27.66
CA GLU C 82 -33.01 -5.38 -28.31
C GLU C 82 -31.80 -4.46 -28.22
N PHE C 83 -31.16 -4.42 -27.05
CA PHE C 83 -29.95 -3.61 -26.92
C PHE C 83 -28.83 -4.16 -27.79
N TRP C 84 -28.75 -5.49 -27.93
CA TRP C 84 -27.75 -6.09 -28.80
C TRP C 84 -28.01 -5.74 -30.26
N LYS C 85 -29.29 -5.72 -30.65
CA LYS C 85 -29.64 -5.31 -32.02
C LYS C 85 -29.29 -3.85 -32.25
N GLN C 86 -29.54 -2.99 -31.26
CA GLN C 86 -29.19 -1.58 -31.39
C GLN C 86 -27.69 -1.39 -31.50
N LEU C 87 -26.91 -2.17 -30.74
CA LEU C 87 -25.47 -2.12 -30.86
C LEU C 87 -25.01 -2.62 -32.23
N GLY C 88 -25.68 -3.65 -32.76
CA GLY C 88 -25.34 -4.13 -34.08
C GLY C 88 -25.62 -3.11 -35.16
N ASN C 89 -26.68 -2.31 -34.98
CA ASN C 89 -26.95 -1.22 -35.90
C ASN C 89 -25.85 -0.17 -35.86
N LEU C 90 -25.19 -0.01 -34.71
CA LEU C 90 -24.09 0.93 -34.58
C LEU C 90 -22.77 0.37 -35.06
N GLY C 91 -22.67 -0.95 -35.26
CA GLY C 91 -21.44 -1.57 -35.72
C GLY C 91 -20.36 -1.73 -34.68
N VAL C 92 -20.68 -1.59 -33.39
CA VAL C 92 -19.67 -1.73 -32.35
C VAL C 92 -19.44 -3.18 -31.96
N LEU C 93 -20.37 -4.09 -32.28
CA LEU C 93 -20.18 -5.50 -31.95
C LEU C 93 -19.04 -6.11 -32.76
N GLY C 94 -18.99 -5.83 -34.05
CA GLY C 94 -17.91 -6.29 -34.90
C GLY C 94 -16.92 -5.19 -35.23
N ILE C 95 -16.61 -4.38 -34.22
CA ILE C 95 -15.72 -3.24 -34.45
C ILE C 95 -14.32 -3.70 -34.83
N THR C 96 -13.94 -4.89 -34.38
CA THR C 96 -12.65 -5.49 -34.73
C THR C 96 -12.77 -6.51 -35.86
N ALA C 97 -13.96 -6.70 -36.41
CA ALA C 97 -14.19 -7.66 -37.48
C ALA C 97 -14.03 -6.99 -38.84
N PRO C 98 -13.73 -7.76 -39.89
CA PRO C 98 -13.62 -7.17 -41.22
C PRO C 98 -14.92 -6.52 -41.67
N VAL C 99 -14.80 -5.56 -42.59
CA VAL C 99 -15.96 -4.82 -43.07
C VAL C 99 -16.84 -5.71 -43.95
N GLN C 100 -16.26 -6.74 -44.56
CA GLN C 100 -17.04 -7.60 -45.45
C GLN C 100 -18.13 -8.36 -44.71
N TYR C 101 -17.96 -8.56 -43.40
CA TYR C 101 -18.98 -9.22 -42.59
C TYR C 101 -19.90 -8.22 -41.90
N GLY C 102 -19.88 -6.96 -42.31
CA GLY C 102 -20.70 -5.94 -41.68
C GLY C 102 -20.05 -5.23 -40.51
N GLY C 103 -18.78 -5.51 -40.23
CA GLY C 103 -18.10 -4.86 -39.13
C GLY C 103 -17.56 -3.49 -39.52
N SER C 104 -16.95 -2.83 -38.53
CA SER C 104 -16.38 -1.51 -38.73
C SER C 104 -14.93 -1.56 -39.19
N GLY C 105 -14.22 -2.66 -38.94
CA GLY C 105 -12.83 -2.76 -39.35
C GLY C 105 -11.88 -1.87 -38.60
N LEU C 106 -12.25 -1.43 -37.41
CA LEU C 106 -11.39 -0.56 -36.61
C LEU C 106 -10.38 -1.40 -35.83
N GLY C 107 -9.47 -0.71 -35.14
CA GLY C 107 -8.44 -1.39 -34.37
C GLY C 107 -8.87 -1.71 -32.94
N TYR C 108 -7.93 -2.29 -32.19
CA TYR C 108 -8.21 -2.65 -30.81
C TYR C 108 -8.38 -1.42 -29.91
N LEU C 109 -7.81 -0.28 -30.29
CA LEU C 109 -7.96 0.93 -29.48
C LEU C 109 -9.42 1.35 -29.41
N GLU C 110 -10.10 1.37 -30.56
CA GLU C 110 -11.52 1.72 -30.57
C GLU C 110 -12.35 0.68 -29.81
N HIS C 111 -11.93 -0.59 -29.85
CA HIS C 111 -12.63 -1.61 -29.07
C HIS C 111 -12.48 -1.34 -27.57
N VAL C 112 -11.28 -0.96 -27.13
CA VAL C 112 -11.08 -0.62 -25.73
C VAL C 112 -11.88 0.63 -25.37
N LEU C 113 -11.99 1.59 -26.29
CA LEU C 113 -12.80 2.77 -26.06
C LEU C 113 -14.26 2.40 -25.84
N VAL C 114 -14.81 1.55 -26.71
CA VAL C 114 -16.21 1.14 -26.59
C VAL C 114 -16.41 0.35 -25.31
N MET C 115 -15.45 -0.50 -24.95
CA MET C 115 -15.54 -1.26 -23.71
C MET C 115 -15.58 -0.33 -22.50
N GLU C 116 -14.71 0.67 -22.49
CA GLU C 116 -14.67 1.63 -21.38
C GLU C 116 -15.97 2.43 -21.31
N GLU C 117 -16.53 2.77 -22.48
CA GLU C 117 -17.78 3.54 -22.49
C GLU C 117 -18.95 2.71 -21.99
N ILE C 118 -19.02 1.44 -22.39
CA ILE C 118 -20.14 0.59 -21.96
C ILE C 118 -20.01 0.25 -20.48
N SER C 119 -18.79 -0.04 -20.02
CA SER C 119 -18.57 -0.30 -18.60
C SER C 119 -18.74 0.96 -17.76
N ARG C 120 -18.69 2.14 -18.38
CA ARG C 120 -18.91 3.38 -17.63
C ARG C 120 -20.34 3.50 -17.14
N ALA C 121 -21.31 3.00 -17.92
CA ALA C 121 -22.70 3.07 -17.51
C ALA C 121 -23.11 1.83 -16.70
N SER C 122 -22.84 0.64 -17.25
CA SER C 122 -23.19 -0.62 -16.60
C SER C 122 -22.03 -1.59 -16.74
N GLY C 123 -21.49 -2.05 -15.61
CA GLY C 123 -20.37 -2.95 -15.66
C GLY C 123 -20.73 -4.32 -16.20
N ALA C 124 -21.94 -4.81 -15.88
CA ALA C 124 -22.37 -6.11 -16.36
C ALA C 124 -22.52 -6.12 -17.88
N VAL C 125 -23.14 -5.07 -18.42
CA VAL C 125 -23.26 -4.96 -19.88
C VAL C 125 -21.88 -4.83 -20.51
N GLY C 126 -20.96 -4.14 -19.84
CA GLY C 126 -19.60 -4.07 -20.36
C GLY C 126 -18.93 -5.43 -20.43
N LEU C 127 -19.06 -6.22 -19.36
CA LEU C 127 -18.49 -7.56 -19.37
C LEU C 127 -19.14 -8.43 -20.45
N SER C 128 -20.46 -8.28 -20.64
CA SER C 128 -21.14 -9.04 -21.67
C SER C 128 -20.64 -8.65 -23.05
N TYR C 129 -20.47 -7.35 -23.31
CA TYR C 129 -19.96 -6.91 -24.60
C TYR C 129 -18.53 -7.38 -24.82
N GLY C 130 -17.73 -7.40 -23.75
CA GLY C 130 -16.36 -7.89 -23.89
C GLY C 130 -16.31 -9.37 -24.19
N ALA C 131 -17.19 -10.15 -23.55
CA ALA C 131 -17.23 -11.59 -23.81
C ALA C 131 -17.82 -11.89 -25.19
N HIS C 132 -18.67 -10.99 -25.71
CA HIS C 132 -19.29 -11.23 -27.02
C HIS C 132 -18.37 -10.83 -28.16
N SER C 133 -17.86 -9.59 -28.14
CA SER C 133 -17.12 -9.05 -29.28
C SER C 133 -15.70 -9.59 -29.39
N ASN C 134 -15.08 -9.99 -28.28
CA ASN C 134 -13.69 -10.41 -28.33
C ASN C 134 -13.54 -11.93 -28.24
N LEU C 135 -14.24 -12.57 -27.31
CA LEU C 135 -14.06 -14.00 -27.10
C LEU C 135 -14.61 -14.84 -28.25
N CYS C 136 -15.65 -14.37 -28.93
CA CYS C 136 -16.26 -15.14 -30.01
C CYS C 136 -16.01 -14.51 -31.37
N ILE C 137 -16.28 -13.21 -31.51
CA ILE C 137 -16.16 -12.56 -32.80
C ILE C 137 -14.70 -12.42 -33.19
N ASN C 138 -13.88 -11.84 -32.31
CA ASN C 138 -12.47 -11.66 -32.61
C ASN C 138 -11.72 -12.97 -32.73
N GLN C 139 -12.25 -14.06 -32.16
CA GLN C 139 -11.59 -15.35 -32.27
C GLN C 139 -11.77 -15.95 -33.65
N LEU C 140 -12.97 -15.81 -34.24
CA LEU C 140 -13.24 -16.39 -35.55
C LEU C 140 -12.53 -15.65 -36.67
N VAL C 141 -12.30 -14.34 -36.53
CA VAL C 141 -11.65 -13.58 -37.60
C VAL C 141 -10.15 -13.84 -37.66
N ARG C 142 -9.58 -14.45 -36.63
CA ARG C 142 -8.14 -14.66 -36.56
C ARG C 142 -7.74 -16.12 -36.74
N ASN C 143 -8.63 -17.06 -36.42
CA ASN C 143 -8.30 -18.48 -36.54
C ASN C 143 -9.41 -19.32 -37.15
N GLY C 144 -10.44 -18.71 -37.73
CA GLY C 144 -11.54 -19.44 -38.34
C GLY C 144 -11.43 -19.48 -39.85
N ASN C 145 -12.13 -20.44 -40.46
CA ASN C 145 -12.14 -20.59 -41.90
C ASN C 145 -13.14 -19.62 -42.52
N GLU C 146 -13.13 -19.56 -43.87
CA GLU C 146 -14.00 -18.64 -44.57
C GLU C 146 -15.46 -19.01 -44.38
N ALA C 147 -15.79 -20.30 -44.48
CA ALA C 147 -17.18 -20.73 -44.30
C ALA C 147 -17.65 -20.52 -42.87
N GLN C 148 -16.80 -20.86 -41.90
CA GLN C 148 -17.16 -20.67 -40.50
C GLN C 148 -17.38 -19.20 -40.17
N LYS C 149 -16.63 -18.31 -40.82
CA LYS C 149 -16.82 -16.88 -40.62
C LYS C 149 -18.10 -16.39 -41.28
N GLU C 150 -18.33 -16.80 -42.52
CA GLU C 150 -19.52 -16.36 -43.24
C GLU C 150 -20.80 -16.88 -42.58
N LYS C 151 -20.71 -18.03 -41.89
CA LYS C 151 -21.91 -18.61 -41.30
C LYS C 151 -22.30 -17.91 -40.00
N TYR C 152 -21.32 -17.50 -39.21
CA TYR C 152 -21.57 -17.02 -37.85
C TYR C 152 -21.36 -15.52 -37.67
N LEU C 153 -20.34 -14.93 -38.29
CA LEU C 153 -20.02 -13.54 -38.03
C LEU C 153 -21.14 -12.55 -38.38
N PRO C 154 -21.82 -12.65 -39.53
CA PRO C 154 -22.87 -11.66 -39.82
C PRO C 154 -23.95 -11.59 -38.75
N LYS C 155 -24.42 -12.74 -38.26
CA LYS C 155 -25.43 -12.72 -37.20
C LYS C 155 -24.86 -12.24 -35.88
N LEU C 156 -23.58 -12.53 -35.62
CA LEU C 156 -22.94 -12.05 -34.40
C LEU C 156 -22.74 -10.54 -34.44
N ILE C 157 -22.46 -9.98 -35.61
CA ILE C 157 -22.25 -8.55 -35.71
C ILE C 157 -23.58 -7.80 -35.72
N SER C 158 -24.59 -8.31 -36.43
CA SER C 158 -25.89 -7.65 -36.50
C SER C 158 -26.71 -7.82 -35.23
N GLY C 159 -26.21 -8.58 -34.26
CA GLY C 159 -26.94 -8.77 -33.02
C GLY C 159 -27.89 -9.95 -33.01
N GLU C 160 -27.94 -10.74 -34.08
CA GLU C 160 -28.85 -11.88 -34.11
C GLU C 160 -28.40 -13.00 -33.17
N TYR C 161 -27.11 -13.29 -33.16
CA TYR C 161 -26.56 -14.35 -32.32
C TYR C 161 -25.63 -13.75 -31.26
N ILE C 162 -25.62 -14.36 -30.08
CA ILE C 162 -24.74 -13.96 -28.99
C ILE C 162 -23.61 -14.97 -28.89
N GLY C 163 -22.39 -14.48 -28.65
CA GLY C 163 -21.22 -15.31 -28.60
C GLY C 163 -20.79 -15.59 -27.17
N ALA C 164 -20.11 -16.72 -26.99
CA ALA C 164 -19.61 -17.12 -25.68
C ALA C 164 -18.36 -17.96 -25.85
N LEU C 165 -17.55 -18.00 -24.79
CA LEU C 165 -16.31 -18.75 -24.76
C LEU C 165 -16.31 -19.68 -23.56
N ALA C 166 -15.79 -20.89 -23.75
CA ALA C 166 -15.78 -21.92 -22.71
C ALA C 166 -14.35 -22.40 -22.50
N MET C 167 -13.71 -21.91 -21.44
CA MET C 167 -12.37 -22.36 -21.06
C MET C 167 -12.34 -22.96 -19.66
N SER C 168 -12.99 -22.30 -18.71
CA SER C 168 -12.94 -22.72 -17.32
C SER C 168 -13.75 -23.99 -17.09
N GLU C 169 -13.39 -24.70 -16.03
CA GLU C 169 -14.06 -25.93 -15.62
C GLU C 169 -14.19 -25.92 -14.10
N PRO C 170 -15.15 -26.68 -13.56
CA PRO C 170 -15.28 -26.73 -12.09
C PRO C 170 -14.05 -27.23 -11.37
N ASN C 171 -13.25 -28.08 -12.00
CA ASN C 171 -12.05 -28.62 -11.39
C ASN C 171 -10.78 -28.00 -11.96
N ALA C 172 -10.91 -27.07 -12.91
CA ALA C 172 -9.74 -26.41 -13.51
C ALA C 172 -10.16 -24.98 -13.85
N GLY C 173 -9.86 -24.06 -12.94
CA GLY C 173 -10.16 -22.65 -13.18
C GLY C 173 -8.98 -21.89 -13.74
N SER C 174 -7.80 -22.07 -13.14
CA SER C 174 -6.60 -21.43 -13.64
C SER C 174 -5.82 -22.35 -14.58
N ASP C 175 -5.66 -23.62 -14.19
CA ASP C 175 -4.93 -24.60 -15.01
C ASP C 175 -5.84 -25.13 -16.12
N VAL C 176 -6.02 -24.30 -17.16
CA VAL C 176 -6.87 -24.68 -18.28
C VAL C 176 -6.28 -25.86 -19.05
N VAL C 177 -4.99 -26.12 -18.91
CA VAL C 177 -4.37 -27.24 -19.61
C VAL C 177 -4.86 -28.56 -19.05
N SER C 178 -5.27 -28.57 -17.77
CA SER C 178 -5.71 -29.78 -17.10
C SER C 178 -7.21 -30.04 -17.29
N MET C 179 -7.80 -29.50 -18.36
CA MET C 179 -9.21 -29.75 -18.62
C MET C 179 -9.47 -31.23 -18.89
N LYS C 180 -10.67 -31.68 -18.53
CA LYS C 180 -11.04 -33.08 -18.68
C LYS C 180 -12.15 -33.31 -19.69
N LEU C 181 -12.56 -32.29 -20.44
CA LEU C 181 -13.62 -32.45 -21.43
C LEU C 181 -13.15 -33.31 -22.59
N LYS C 182 -13.63 -34.55 -22.66
CA LYS C 182 -13.24 -35.45 -23.73
C LYS C 182 -14.03 -35.15 -24.99
N ALA C 183 -13.34 -35.25 -26.13
CA ALA C 183 -13.92 -34.90 -27.42
C ALA C 183 -13.62 -36.00 -28.45
N GLU C 184 -13.80 -37.25 -28.03
CA GLU C 184 -13.58 -38.37 -28.93
C GLU C 184 -14.49 -38.27 -30.14
N LYS C 185 -13.99 -38.74 -31.27
CA LYS C 185 -14.68 -38.57 -32.55
C LYS C 185 -14.98 -39.93 -33.17
N LYS C 186 -16.02 -39.95 -34.00
CA LYS C 186 -16.40 -41.14 -34.74
C LYS C 186 -16.84 -40.72 -36.13
N GLY C 187 -16.06 -41.06 -37.13
CA GLY C 187 -16.36 -40.64 -38.49
C GLY C 187 -16.13 -39.15 -38.65
N ASN C 188 -17.18 -38.44 -39.07
CA ASN C 188 -17.10 -37.00 -39.28
C ASN C 188 -17.80 -36.21 -38.19
N HIS C 189 -17.96 -36.79 -37.00
CA HIS C 189 -18.60 -36.11 -35.88
C HIS C 189 -17.79 -36.34 -34.61
N TYR C 190 -17.81 -35.35 -33.73
CA TYR C 190 -17.11 -35.41 -32.45
C TYR C 190 -18.12 -35.60 -31.32
N ILE C 191 -17.83 -36.54 -30.44
CA ILE C 191 -18.71 -36.84 -29.31
C ILE C 191 -18.17 -36.18 -28.05
N LEU C 192 -18.67 -34.98 -27.77
CA LEU C 192 -18.25 -34.26 -26.56
C LEU C 192 -19.05 -34.75 -25.35
N ASN C 193 -18.36 -34.90 -24.22
CA ASN C 193 -18.98 -35.37 -23.00
C ASN C 193 -18.25 -34.73 -21.82
N GLY C 194 -18.98 -33.93 -21.03
CA GLY C 194 -18.40 -33.27 -19.89
C GLY C 194 -19.07 -31.95 -19.56
N ASN C 195 -18.69 -31.33 -18.44
CA ASN C 195 -19.27 -30.08 -18.00
C ASN C 195 -18.20 -29.01 -17.89
N LYS C 196 -18.60 -27.76 -18.14
CA LYS C 196 -17.72 -26.61 -18.03
C LYS C 196 -18.45 -25.52 -17.24
N PHE C 197 -17.69 -24.80 -16.42
CA PHE C 197 -18.25 -23.80 -15.51
C PHE C 197 -17.75 -22.41 -15.89
N TRP C 198 -18.41 -21.40 -15.30
CA TRP C 198 -18.08 -19.99 -15.49
C TRP C 198 -18.21 -19.54 -16.94
N ILE C 199 -19.29 -19.90 -17.61
CA ILE C 199 -19.50 -19.56 -19.02
C ILE C 199 -20.31 -18.26 -19.07
N THR C 200 -19.67 -17.18 -19.52
CA THR C 200 -20.35 -15.90 -19.62
C THR C 200 -21.33 -15.92 -20.79
N ASN C 201 -22.49 -15.29 -20.59
CA ASN C 201 -23.53 -15.20 -21.60
C ASN C 201 -24.02 -16.58 -22.01
N GLY C 202 -23.93 -17.55 -21.10
CA GLY C 202 -24.27 -18.92 -21.39
C GLY C 202 -25.67 -19.14 -21.93
N PRO C 203 -26.70 -18.89 -21.10
CA PRO C 203 -28.07 -19.22 -21.52
C PRO C 203 -28.55 -18.44 -22.73
N ASP C 204 -27.98 -17.27 -23.01
CA ASP C 204 -28.41 -16.44 -24.12
C ASP C 204 -27.56 -16.57 -25.37
N ALA C 205 -26.41 -17.23 -25.29
CA ALA C 205 -25.55 -17.37 -26.46
C ALA C 205 -26.16 -18.32 -27.48
N ASP C 206 -26.03 -17.96 -28.75
CA ASP C 206 -26.48 -18.81 -29.86
C ASP C 206 -25.32 -19.53 -30.53
N VAL C 207 -24.14 -18.93 -30.56
CA VAL C 207 -22.93 -19.55 -31.08
C VAL C 207 -21.86 -19.50 -30.00
N LEU C 208 -21.34 -20.65 -29.61
CA LEU C 208 -20.37 -20.75 -28.54
C LEU C 208 -19.10 -21.43 -29.03
N ILE C 209 -17.97 -20.96 -28.53
CA ILE C 209 -16.66 -21.56 -28.82
C ILE C 209 -16.23 -22.31 -27.57
N VAL C 210 -16.21 -23.64 -27.66
CA VAL C 210 -15.92 -24.51 -26.52
C VAL C 210 -14.61 -25.24 -26.79
N TYR C 211 -13.63 -25.04 -25.91
CA TYR C 211 -12.37 -25.76 -26.00
C TYR C 211 -12.50 -27.13 -25.34
N ALA C 212 -12.09 -28.17 -26.06
CA ALA C 212 -12.20 -29.53 -25.57
C ALA C 212 -10.87 -30.24 -25.74
N LYS C 213 -10.68 -31.30 -24.95
CA LYS C 213 -9.45 -32.10 -24.98
C LYS C 213 -9.76 -33.43 -25.67
N THR C 214 -9.16 -33.63 -26.85
CA THR C 214 -9.40 -34.84 -27.63
C THR C 214 -8.53 -36.01 -27.19
N ASP C 215 -7.23 -35.78 -27.00
CA ASP C 215 -6.29 -36.82 -26.62
C ASP C 215 -5.80 -36.54 -25.20
N LEU C 216 -6.24 -37.37 -24.26
CA LEU C 216 -5.85 -37.22 -22.86
C LEU C 216 -4.62 -38.04 -22.48
N ALA C 217 -4.15 -38.92 -23.38
CA ALA C 217 -3.01 -39.77 -23.11
C ALA C 217 -1.72 -39.26 -23.75
N ALA C 218 -1.77 -38.07 -24.37
CA ALA C 218 -0.56 -37.52 -24.99
C ALA C 218 0.40 -37.02 -23.93
N VAL C 219 1.69 -37.18 -24.19
CA VAL C 219 2.73 -36.73 -23.27
C VAL C 219 2.71 -35.21 -23.15
N PRO C 220 2.64 -34.43 -24.26
CA PRO C 220 2.45 -32.98 -24.10
C PRO C 220 1.06 -32.65 -23.63
N ALA C 221 0.95 -32.11 -22.41
CA ALA C 221 -0.36 -31.78 -21.86
C ALA C 221 -1.02 -30.64 -22.63
N SER C 222 -0.23 -29.74 -23.20
CA SER C 222 -0.79 -28.61 -23.94
C SER C 222 -1.25 -29.04 -25.33
N ARG C 223 -0.55 -29.98 -25.95
CA ARG C 223 -0.88 -30.42 -27.32
C ARG C 223 -1.94 -31.51 -27.32
N GLY C 224 -3.07 -31.25 -26.64
CA GLY C 224 -4.17 -32.20 -26.61
C GLY C 224 -5.52 -31.52 -26.62
N ILE C 225 -5.54 -30.21 -26.79
CA ILE C 225 -6.76 -29.41 -26.74
C ILE C 225 -7.22 -29.11 -28.17
N THR C 226 -8.53 -29.07 -28.37
CA THR C 226 -9.12 -28.73 -29.66
C THR C 226 -10.35 -27.86 -29.43
N ALA C 227 -10.44 -26.76 -30.18
CA ALA C 227 -11.53 -25.82 -30.04
C ALA C 227 -12.68 -26.19 -30.99
N PHE C 228 -13.88 -26.26 -30.44
CA PHE C 228 -15.08 -26.60 -31.20
C PHE C 228 -16.09 -25.46 -31.12
N ILE C 229 -16.82 -25.25 -32.21
CA ILE C 229 -17.79 -24.15 -32.30
C ILE C 229 -19.18 -24.79 -32.23
N VAL C 230 -19.75 -24.82 -31.02
CA VAL C 230 -21.08 -25.36 -30.84
C VAL C 230 -22.12 -24.23 -30.96
N GLU C 231 -23.36 -24.62 -31.22
CA GLU C 231 -24.45 -23.66 -31.36
C GLU C 231 -25.69 -24.19 -30.66
N LYS C 232 -26.61 -23.28 -30.36
CA LYS C 232 -27.85 -23.67 -29.70
C LYS C 232 -28.72 -24.49 -30.63
N GLY C 233 -29.25 -25.59 -30.12
CA GLY C 233 -30.09 -26.49 -30.89
C GLY C 233 -29.53 -27.88 -31.07
N MET C 234 -28.25 -28.09 -30.79
CA MET C 234 -27.65 -29.42 -30.92
C MET C 234 -28.18 -30.34 -29.82
N PRO C 235 -28.57 -31.58 -30.15
CA PRO C 235 -29.05 -32.50 -29.10
C PRO C 235 -27.97 -32.83 -28.08
N GLY C 236 -28.18 -32.44 -26.83
CA GLY C 236 -27.23 -32.65 -25.76
C GLY C 236 -26.68 -31.39 -25.14
N PHE C 237 -26.85 -30.24 -25.79
CA PHE C 237 -26.37 -28.96 -25.28
C PHE C 237 -27.45 -28.36 -24.38
N SER C 238 -27.34 -28.62 -23.08
CA SER C 238 -28.29 -28.14 -22.09
C SER C 238 -27.58 -27.16 -21.16
N THR C 239 -28.13 -25.96 -21.04
CA THR C 239 -27.57 -24.93 -20.18
C THR C 239 -28.25 -24.97 -18.81
N SER C 240 -27.47 -24.64 -17.78
CA SER C 240 -27.97 -24.63 -16.41
C SER C 240 -28.56 -23.26 -16.07
N LYS C 241 -29.02 -23.14 -14.83
CA LYS C 241 -29.58 -21.88 -14.36
C LYS C 241 -28.47 -20.84 -14.17
N LYS C 242 -28.88 -19.58 -14.08
CA LYS C 242 -27.93 -18.50 -13.89
C LYS C 242 -27.33 -18.56 -12.49
N LEU C 243 -26.19 -17.90 -12.33
CA LEU C 243 -25.47 -17.90 -11.06
C LEU C 243 -25.59 -16.54 -10.39
N ASP C 244 -25.96 -16.55 -9.11
CA ASP C 244 -26.03 -15.34 -8.31
C ASP C 244 -24.65 -15.04 -7.75
N LYS C 245 -24.11 -13.87 -8.09
CA LYS C 245 -22.75 -13.51 -7.74
C LYS C 245 -22.71 -12.14 -7.07
N LEU C 246 -21.55 -11.80 -6.52
CA LEU C 246 -21.40 -10.54 -5.79
C LEU C 246 -21.62 -9.34 -6.68
N GLY C 247 -21.12 -9.38 -7.90
CA GLY C 247 -21.26 -8.25 -8.79
C GLY C 247 -21.56 -8.71 -10.20
N MET C 248 -21.50 -7.74 -11.13
CA MET C 248 -21.82 -7.99 -12.54
C MET C 248 -23.21 -8.59 -12.70
N ARG C 249 -24.15 -8.15 -11.87
CA ARG C 249 -25.50 -8.68 -11.92
C ARG C 249 -26.17 -8.28 -13.23
N GLY C 250 -26.78 -9.26 -13.90
CA GLY C 250 -27.35 -9.08 -15.21
C GLY C 250 -26.68 -9.87 -16.31
N SER C 251 -25.46 -10.35 -16.08
CA SER C 251 -24.77 -11.21 -17.03
C SER C 251 -25.10 -12.67 -16.73
N ASN C 252 -25.69 -13.34 -17.70
CA ASN C 252 -26.17 -14.72 -17.53
C ASN C 252 -24.99 -15.68 -17.58
N THR C 253 -24.57 -16.17 -16.42
CA THR C 253 -23.49 -17.14 -16.32
C THR C 253 -24.06 -18.46 -15.82
N CYS C 254 -23.78 -19.55 -16.55
CA CYS C 254 -24.32 -20.85 -16.21
C CYS C 254 -23.29 -21.92 -16.53
N GLU C 255 -23.60 -23.15 -16.11
CA GLU C 255 -22.73 -24.29 -16.36
C GLU C 255 -23.20 -25.02 -17.61
N LEU C 256 -22.28 -25.25 -18.55
CA LEU C 256 -22.61 -25.99 -19.76
C LEU C 256 -22.51 -27.50 -19.50
N ILE C 257 -23.41 -28.25 -20.12
CA ILE C 257 -23.48 -29.70 -19.93
C ILE C 257 -23.49 -30.34 -21.32
N PHE C 258 -22.49 -31.16 -21.59
CA PHE C 258 -22.40 -31.91 -22.84
C PHE C 258 -22.54 -33.40 -22.55
N GLU C 259 -23.54 -34.03 -23.16
CA GLU C 259 -23.82 -35.45 -22.94
C GLU C 259 -24.06 -36.09 -24.31
N ASP C 260 -22.99 -36.62 -24.90
CA ASP C 260 -23.05 -37.32 -26.19
C ASP C 260 -23.63 -36.41 -27.27
N CYS C 261 -23.03 -35.23 -27.41
CA CYS C 261 -23.46 -34.29 -28.44
C CYS C 261 -22.75 -34.59 -29.76
N LYS C 262 -23.43 -34.24 -30.86
CA LYS C 262 -22.93 -34.50 -32.21
C LYS C 262 -22.48 -33.16 -32.82
N ILE C 263 -21.18 -32.91 -32.77
CA ILE C 263 -20.60 -31.70 -33.36
C ILE C 263 -20.03 -32.08 -34.72
N PRO C 264 -20.46 -31.41 -35.80
CA PRO C 264 -19.90 -31.74 -37.13
C PRO C 264 -18.42 -31.40 -37.21
N ALA C 265 -17.74 -32.05 -38.15
CA ALA C 265 -16.31 -31.84 -38.36
C ALA C 265 -15.99 -30.50 -38.99
N ALA C 266 -16.98 -29.73 -39.42
CA ALA C 266 -16.72 -28.42 -40.02
C ALA C 266 -16.65 -27.31 -38.99
N ASN C 267 -17.23 -27.51 -37.81
CA ASN C 267 -17.23 -26.50 -36.74
C ASN C 267 -16.01 -26.68 -35.83
N ILE C 268 -14.82 -26.63 -36.43
CA ILE C 268 -13.57 -26.78 -35.70
C ILE C 268 -12.81 -25.46 -35.81
N LEU C 269 -12.46 -24.88 -34.66
CA LEU C 269 -11.69 -23.64 -34.61
C LEU C 269 -10.23 -23.99 -34.44
N GLY C 270 -9.38 -23.46 -35.33
CA GLY C 270 -7.98 -23.77 -35.29
C GLY C 270 -7.66 -25.09 -35.98
N HIS C 271 -6.72 -25.83 -35.39
CA HIS C 271 -6.27 -27.10 -35.92
C HIS C 271 -6.58 -28.21 -34.92
N GLU C 272 -6.79 -29.42 -35.44
CA GLU C 272 -7.08 -30.57 -34.58
C GLU C 272 -5.89 -30.92 -33.70
N ASN C 273 -6.16 -31.19 -32.43
CA ASN C 273 -5.17 -31.61 -31.44
C ASN C 273 -4.11 -30.54 -31.18
N LYS C 274 -4.31 -29.31 -31.67
CA LYS C 274 -3.39 -28.22 -31.46
C LYS C 274 -4.15 -26.94 -31.13
N GLY C 275 -5.16 -27.06 -30.27
CA GLY C 275 -5.96 -25.91 -29.89
C GLY C 275 -5.37 -25.04 -28.79
N VAL C 276 -4.20 -25.41 -28.28
CA VAL C 276 -3.56 -24.58 -27.25
C VAL C 276 -3.07 -23.28 -27.85
N TYR C 277 -2.78 -23.22 -29.10
CA TYR C 277 -2.25 -22.01 -29.63
C TYR C 277 -3.34 -20.97 -29.86
N VAL C 278 -4.54 -21.39 -30.32
CA VAL C 278 -5.63 -20.42 -30.42
C VAL C 278 -6.12 -20.04 -29.03
N LEU C 279 -6.02 -20.96 -28.06
CA LEU C 279 -6.43 -20.66 -26.70
C LEU C 279 -5.52 -19.62 -26.07
N MET C 280 -4.22 -19.71 -26.24
CA MET C 280 -3.42 -18.64 -25.68
C MET C 280 -3.40 -17.40 -26.53
N SER C 281 -3.60 -17.49 -27.83
CA SER C 281 -3.73 -16.25 -28.60
C SER C 281 -4.98 -15.48 -28.22
N GLY C 282 -6.09 -16.17 -27.95
CA GLY C 282 -7.28 -15.49 -27.49
C GLY C 282 -7.14 -14.97 -26.08
N LEU C 283 -6.41 -15.70 -25.23
CA LEU C 283 -6.20 -15.26 -23.86
C LEU C 283 -5.30 -14.03 -23.78
N ASP C 284 -4.31 -13.92 -24.69
CA ASP C 284 -3.40 -12.79 -24.64
C ASP C 284 -4.08 -11.49 -25.07
N LEU C 285 -5.06 -11.56 -25.97
CA LEU C 285 -5.73 -10.37 -26.44
C LEU C 285 -7.01 -10.06 -25.70
N ALA C 286 -7.59 -11.03 -24.98
CA ALA C 286 -8.80 -10.75 -24.22
C ALA C 286 -8.50 -9.88 -23.00
N ARG C 287 -7.27 -9.96 -22.48
CA ARG C 287 -6.89 -9.14 -21.34
C ARG C 287 -6.68 -7.68 -21.71
N LEU C 288 -6.45 -7.39 -22.99
CA LEU C 288 -6.23 -6.01 -23.41
C LEU C 288 -7.55 -5.26 -23.53
N VAL C 289 -8.53 -5.86 -24.24
CA VAL C 289 -9.81 -5.19 -24.42
C VAL C 289 -10.61 -5.17 -23.12
N LEU C 290 -10.40 -6.15 -22.25
CA LEU C 290 -11.12 -6.17 -20.98
C LEU C 290 -10.60 -5.11 -20.01
N ALA C 291 -9.42 -4.53 -20.28
CA ALA C 291 -8.89 -3.50 -19.40
C ALA C 291 -9.76 -2.24 -19.39
N GLY C 292 -10.57 -2.04 -20.42
CA GLY C 292 -11.49 -0.90 -20.43
C GLY C 292 -12.56 -0.98 -19.36
N GLY C 293 -12.86 -2.17 -18.87
CA GLY C 293 -13.82 -2.35 -17.81
C GLY C 293 -13.45 -1.60 -16.54
N PRO C 294 -12.28 -1.92 -15.97
CA PRO C 294 -11.80 -1.13 -14.83
C PRO C 294 -11.65 0.35 -15.13
N LEU C 295 -11.22 0.69 -16.35
CA LEU C 295 -11.14 2.10 -16.74
C LEU C 295 -12.51 2.76 -16.71
N GLY C 296 -13.52 2.09 -17.27
CA GLY C 296 -14.86 2.64 -17.25
C GLY C 296 -15.41 2.76 -15.84
N LEU C 297 -15.12 1.78 -14.98
CA LEU C 297 -15.59 1.85 -13.60
C LEU C 297 -14.93 3.00 -12.85
N MET C 298 -13.64 3.21 -13.06
CA MET C 298 -12.97 4.33 -12.41
C MET C 298 -13.50 5.67 -12.93
N GLN C 299 -13.75 5.75 -14.24
CA GLN C 299 -14.34 6.96 -14.80
C GLN C 299 -15.71 7.22 -14.20
N ALA C 300 -16.51 6.16 -14.02
CA ALA C 300 -17.84 6.33 -13.45
C ALA C 300 -17.77 6.77 -11.99
N VAL C 301 -16.90 6.15 -11.19
CA VAL C 301 -16.82 6.52 -9.79
C VAL C 301 -16.28 7.95 -9.65
N LEU C 302 -15.40 8.38 -10.56
CA LEU C 302 -14.93 9.76 -10.50
C LEU C 302 -16.04 10.73 -10.91
N ASP C 303 -16.78 10.42 -11.98
CA ASP C 303 -17.86 11.30 -12.41
C ASP C 303 -19.00 11.32 -11.40
N HIS C 304 -19.05 10.34 -10.51
CA HIS C 304 -20.05 10.36 -9.44
C HIS C 304 -19.53 11.05 -8.17
N THR C 305 -18.23 10.94 -7.90
CA THR C 305 -17.69 11.48 -6.66
C THR C 305 -17.39 12.98 -6.79
N ILE C 306 -16.68 13.36 -7.85
CA ILE C 306 -16.20 14.73 -8.03
C ILE C 306 -17.35 15.73 -7.94
N PRO C 307 -18.49 15.54 -8.63
CA PRO C 307 -19.60 16.48 -8.42
C PRO C 307 -20.21 16.38 -7.03
N TYR C 308 -20.24 15.17 -6.44
CA TYR C 308 -20.89 15.00 -5.15
C TYR C 308 -20.12 15.73 -4.04
N LEU C 309 -18.80 15.84 -4.18
CA LEU C 309 -18.01 16.50 -3.14
C LEU C 309 -18.26 18.00 -3.09
N HIS C 310 -18.95 18.56 -4.08
CA HIS C 310 -19.25 19.98 -4.11
C HIS C 310 -20.70 20.29 -3.74
N VAL C 311 -21.54 19.26 -3.61
CA VAL C 311 -22.94 19.44 -3.23
C VAL C 311 -23.16 18.80 -1.87
N ARG C 312 -22.11 18.76 -1.06
CA ARG C 312 -22.19 18.23 0.30
C ARG C 312 -21.46 19.17 1.23
N GLU C 313 -22.08 19.46 2.38
CA GLU C 313 -21.55 20.44 3.31
C GLU C 313 -21.15 19.77 4.61
N ALA C 314 -20.04 20.23 5.18
CA ALA C 314 -19.56 19.74 6.46
C ALA C 314 -18.67 20.81 7.08
N PHE C 315 -18.94 21.10 8.37
CA PHE C 315 -18.22 22.14 9.12
C PHE C 315 -18.37 23.51 8.47
N GLY C 316 -19.49 23.76 7.81
CA GLY C 316 -19.72 25.03 7.17
C GLY C 316 -19.08 25.21 5.82
N GLN C 317 -18.43 24.17 5.29
CA GLN C 317 -17.77 24.23 3.99
C GLN C 317 -18.05 22.96 3.22
N LYS C 318 -17.80 23.00 1.91
CA LYS C 318 -17.94 21.82 1.07
C LYS C 318 -16.86 20.80 1.44
N ILE C 319 -17.22 19.52 1.39
CA ILE C 319 -16.28 18.47 1.74
C ILE C 319 -15.15 18.36 0.73
N GLY C 320 -15.33 18.88 -0.49
CA GLY C 320 -14.29 18.85 -1.49
C GLY C 320 -13.13 19.80 -1.23
N HIS C 321 -13.26 20.70 -0.26
CA HIS C 321 -12.21 21.65 0.06
C HIS C 321 -11.24 21.14 1.13
N PHE C 322 -11.58 20.06 1.82
CA PHE C 322 -10.68 19.51 2.83
C PHE C 322 -9.47 18.88 2.16
N GLN C 323 -8.31 18.99 2.81
CA GLN C 323 -7.06 18.54 2.21
C GLN C 323 -7.03 17.02 2.04
N LEU C 324 -7.67 16.28 2.95
CA LEU C 324 -7.69 14.83 2.81
C LEU C 324 -8.54 14.40 1.62
N MET C 325 -9.70 15.05 1.43
CA MET C 325 -10.52 14.74 0.26
C MET C 325 -9.84 15.17 -1.02
N GLN C 326 -9.09 16.28 -0.99
CA GLN C 326 -8.32 16.69 -2.15
C GLN C 326 -7.22 15.67 -2.48
N GLY C 327 -6.58 15.13 -1.45
CA GLY C 327 -5.58 14.10 -1.69
C GLY C 327 -6.19 12.83 -2.25
N LYS C 328 -7.38 12.46 -1.75
CA LYS C 328 -8.09 11.31 -2.30
C LYS C 328 -8.43 11.53 -3.77
N MET C 329 -8.95 12.71 -4.11
CA MET C 329 -9.24 13.03 -5.51
C MET C 329 -7.98 12.97 -6.36
N ALA C 330 -6.87 13.50 -5.84
CA ALA C 330 -5.61 13.48 -6.58
C ALA C 330 -5.16 12.05 -6.84
N ASP C 331 -5.20 11.20 -5.82
CA ASP C 331 -4.80 9.81 -6.00
C ASP C 331 -5.68 9.10 -7.02
N MET C 332 -7.01 9.27 -6.90
CA MET C 332 -7.92 8.60 -7.83
C MET C 332 -7.70 9.07 -9.26
N TYR C 333 -7.57 10.39 -9.46
CA TYR C 333 -7.38 10.94 -10.79
C TYR C 333 -6.06 10.47 -11.39
N THR C 334 -4.98 10.52 -10.61
CA THR C 334 -3.68 10.07 -11.12
C THR C 334 -3.68 8.60 -11.46
N ARG C 335 -4.30 7.76 -10.63
CA ARG C 335 -4.35 6.33 -10.92
C ARG C 335 -5.17 6.06 -12.19
N LEU C 336 -6.33 6.71 -12.30
CA LEU C 336 -7.16 6.53 -13.50
C LEU C 336 -6.41 6.96 -14.75
N MET C 337 -5.77 8.14 -14.70
CA MET C 337 -5.06 8.64 -15.87
C MET C 337 -3.90 7.74 -16.24
N ALA C 338 -3.12 7.29 -15.25
CA ALA C 338 -1.99 6.42 -15.52
C ALA C 338 -2.44 5.11 -16.15
N CYS C 339 -3.46 4.47 -15.57
CA CYS C 339 -3.96 3.22 -16.13
C CYS C 339 -4.51 3.42 -17.53
N ARG C 340 -5.22 4.52 -17.77
CA ARG C 340 -5.82 4.76 -19.08
C ARG C 340 -4.75 4.99 -20.13
N GLN C 341 -3.72 5.79 -19.82
CA GLN C 341 -2.64 6.00 -20.76
C GLN C 341 -1.87 4.71 -21.03
N TYR C 342 -1.65 3.91 -19.98
CA TYR C 342 -0.98 2.63 -20.16
C TYR C 342 -1.77 1.73 -21.11
N VAL C 343 -3.07 1.58 -20.86
CA VAL C 343 -3.89 0.71 -21.69
C VAL C 343 -3.94 1.22 -23.12
N TYR C 344 -4.06 2.54 -23.30
CA TYR C 344 -4.15 3.09 -24.64
C TYR C 344 -2.85 2.90 -25.41
N ASN C 345 -1.71 3.14 -24.76
CA ASN C 345 -0.43 2.99 -25.45
C ASN C 345 -0.14 1.52 -25.75
N VAL C 346 -0.60 0.61 -24.90
CA VAL C 346 -0.40 -0.82 -25.18
C VAL C 346 -1.31 -1.27 -26.31
N ALA C 347 -2.54 -0.74 -26.36
CA ALA C 347 -3.46 -1.11 -27.44
C ALA C 347 -2.96 -0.57 -28.78
N LYS C 348 -2.48 0.67 -28.80
CA LYS C 348 -1.97 1.24 -30.05
C LYS C 348 -0.77 0.47 -30.58
N ALA C 349 0.03 -0.10 -29.66
CA ALA C 349 1.18 -0.89 -30.10
C ALA C 349 0.74 -2.20 -30.75
N CYS C 350 -0.39 -2.75 -30.30
CA CYS C 350 -0.86 -4.01 -30.87
C CYS C 350 -1.39 -3.84 -32.28
N ASP C 351 -1.83 -2.63 -32.64
CA ASP C 351 -2.31 -2.38 -33.99
C ASP C 351 -1.21 -2.40 -35.04
N GLU C 352 0.06 -2.35 -34.62
CA GLU C 352 1.18 -2.35 -35.55
C GLU C 352 2.01 -3.63 -35.46
N GLY C 353 1.46 -4.68 -34.84
CA GLY C 353 2.15 -5.95 -34.73
C GLY C 353 3.06 -6.09 -33.53
N HIS C 354 3.07 -5.13 -32.61
CA HIS C 354 3.92 -5.21 -31.43
C HIS C 354 3.15 -5.83 -30.26
N CYS C 355 2.60 -7.02 -30.48
CA CYS C 355 1.83 -7.68 -29.42
C CYS C 355 2.76 -8.41 -28.46
N THR C 356 2.31 -8.52 -27.22
CA THR C 356 3.07 -9.22 -26.18
C THR C 356 2.12 -9.62 -25.06
N ALA C 357 2.16 -10.89 -24.67
CA ALA C 357 1.29 -11.38 -23.60
C ALA C 357 1.66 -10.76 -22.27
N LYS C 358 2.95 -10.53 -22.04
CA LYS C 358 3.39 -9.95 -20.77
C LYS C 358 2.79 -8.56 -20.56
N ASP C 359 2.80 -7.73 -21.61
CA ASP C 359 2.27 -6.38 -21.47
C ASP C 359 0.76 -6.40 -21.24
N CYS C 360 0.04 -7.31 -21.90
CA CYS C 360 -1.40 -7.41 -21.70
C CYS C 360 -1.73 -7.85 -20.28
N ALA C 361 -1.03 -8.89 -19.80
CA ALA C 361 -1.22 -9.30 -18.41
C ALA C 361 -0.90 -8.18 -17.45
N GLY C 362 0.18 -7.43 -17.71
CA GLY C 362 0.53 -6.33 -16.84
C GLY C 362 -0.53 -5.24 -16.79
N VAL C 363 -1.04 -4.86 -17.97
CA VAL C 363 -2.02 -3.77 -18.00
C VAL C 363 -3.34 -4.22 -17.35
N ILE C 364 -3.75 -5.46 -17.58
CA ILE C 364 -5.01 -5.90 -16.97
C ILE C 364 -4.86 -6.03 -15.46
N LEU C 365 -3.71 -6.53 -14.99
CA LEU C 365 -3.48 -6.64 -13.55
C LEU C 365 -3.45 -5.26 -12.90
N TYR C 366 -2.71 -4.32 -13.51
CA TYR C 366 -2.60 -2.99 -12.95
C TYR C 366 -3.95 -2.27 -12.95
N SER C 367 -4.71 -2.40 -14.04
CA SER C 367 -6.03 -1.79 -14.10
C SER C 367 -6.96 -2.36 -13.04
N ALA C 368 -6.98 -3.68 -12.85
CA ALA C 368 -7.84 -4.26 -11.84
C ALA C 368 -7.43 -3.83 -10.45
N GLU C 369 -6.12 -3.87 -10.14
CA GLU C 369 -5.66 -3.52 -8.81
C GLU C 369 -5.90 -2.04 -8.50
N CYS C 370 -5.79 -1.17 -9.50
CA CYS C 370 -6.03 0.24 -9.26
C CYS C 370 -7.52 0.54 -9.17
N ALA C 371 -8.34 -0.15 -9.98
CA ALA C 371 -9.77 0.08 -9.95
C ALA C 371 -10.37 -0.38 -8.63
N THR C 372 -9.85 -1.48 -8.07
CA THR C 372 -10.33 -1.92 -6.76
C THR C 372 -10.10 -0.84 -5.70
N GLN C 373 -8.88 -0.28 -5.66
CA GLN C 373 -8.57 0.74 -4.66
C GLN C 373 -9.35 2.02 -4.92
N VAL C 374 -9.54 2.39 -6.18
CA VAL C 374 -10.30 3.60 -6.49
C VAL C 374 -11.76 3.45 -6.10
N ALA C 375 -12.34 2.26 -6.31
CA ALA C 375 -13.71 2.02 -5.89
C ALA C 375 -13.83 1.98 -4.38
N LEU C 376 -12.80 1.46 -3.69
CA LEU C 376 -12.81 1.49 -2.23
C LEU C 376 -12.73 2.91 -1.69
N ASP C 377 -11.93 3.76 -2.34
CA ASP C 377 -11.78 5.13 -1.87
C ASP C 377 -12.99 5.98 -2.23
N GLY C 378 -13.67 5.66 -3.34
CA GLY C 378 -14.83 6.45 -3.73
C GLY C 378 -15.99 6.34 -2.76
N ILE C 379 -16.14 5.17 -2.13
CA ILE C 379 -17.20 5.00 -1.14
C ILE C 379 -16.92 5.85 0.09
N GLN C 380 -15.65 5.95 0.48
CA GLN C 380 -15.29 6.73 1.66
C GLN C 380 -15.54 8.22 1.44
N CYS C 381 -15.45 8.68 0.19
CA CYS C 381 -15.72 10.08 -0.09
C CYS C 381 -17.19 10.42 0.11
N PHE C 382 -18.09 9.48 -0.21
CA PHE C 382 -19.52 9.71 0.01
C PHE C 382 -19.89 9.63 1.48
N GLY C 383 -19.13 8.87 2.27
CA GLY C 383 -19.44 8.70 3.68
C GLY C 383 -20.43 7.56 3.91
N GLY C 384 -21.65 7.92 4.27
CA GLY C 384 -22.70 6.93 4.49
C GLY C 384 -23.50 6.63 3.24
N ASN C 385 -23.47 7.55 2.28
CA ASN C 385 -24.25 7.40 1.05
C ASN C 385 -23.56 6.47 0.06
N GLY C 386 -22.51 5.78 0.50
CA GLY C 386 -21.81 4.85 -0.37
C GLY C 386 -21.97 3.41 0.06
N TYR C 387 -22.73 3.19 1.14
CA TYR C 387 -22.93 1.85 1.70
C TYR C 387 -24.37 1.36 1.50
N ILE C 388 -25.10 1.96 0.56
CA ILE C 388 -26.49 1.59 0.29
C ILE C 388 -26.66 1.39 -1.21
N ASN C 389 -27.63 0.56 -1.59
CA ASN C 389 -27.88 0.29 -2.99
C ASN C 389 -28.54 1.46 -3.72
N ASP C 390 -28.99 2.48 -2.98
CA ASP C 390 -29.61 3.64 -3.63
C ASP C 390 -28.61 4.43 -4.47
N PHE C 391 -27.32 4.30 -4.18
CA PHE C 391 -26.28 4.97 -4.94
C PHE C 391 -25.42 3.97 -5.68
N PRO C 392 -24.97 4.29 -6.90
CA PRO C 392 -24.20 3.32 -7.70
C PRO C 392 -22.78 3.09 -7.20
N MET C 393 -22.37 3.73 -6.11
CA MET C 393 -21.02 3.53 -5.61
C MET C 393 -20.81 2.10 -5.10
N GLY C 394 -21.86 1.46 -4.60
CA GLY C 394 -21.72 0.09 -4.14
C GLY C 394 -21.65 -0.92 -5.27
N ARG C 395 -22.26 -0.61 -6.41
CA ARG C 395 -22.25 -1.55 -7.54
C ARG C 395 -20.89 -1.58 -8.21
N PHE C 396 -20.25 -0.41 -8.35
CA PHE C 396 -18.97 -0.34 -9.06
C PHE C 396 -17.86 -1.08 -8.32
N LEU C 397 -17.96 -1.16 -6.99
CA LEU C 397 -16.94 -1.88 -6.23
C LEU C 397 -17.07 -3.38 -6.44
N ARG C 398 -18.30 -3.91 -6.39
CA ARG C 398 -18.51 -5.34 -6.55
C ARG C 398 -18.17 -5.79 -7.97
N ASP C 399 -18.34 -4.90 -8.95
CA ASP C 399 -18.00 -5.25 -10.32
C ASP C 399 -16.50 -5.21 -10.56
N ALA C 400 -15.79 -4.29 -9.88
CA ALA C 400 -14.36 -4.17 -10.09
C ALA C 400 -13.60 -5.37 -9.54
N LYS C 401 -14.19 -6.07 -8.56
CA LYS C 401 -13.50 -7.22 -7.96
C LYS C 401 -13.41 -8.39 -8.94
N LEU C 402 -14.29 -8.43 -9.95
CA LEU C 402 -14.27 -9.54 -10.89
C LEU C 402 -13.01 -9.54 -11.74
N TYR C 403 -12.51 -8.35 -12.07
CA TYR C 403 -11.34 -8.24 -12.94
C TYR C 403 -10.06 -8.75 -12.28
N GLU C 404 -10.07 -8.97 -10.97
CA GLU C 404 -8.91 -9.54 -10.27
C GLU C 404 -8.95 -11.05 -10.22
N ILE C 405 -10.09 -11.68 -10.49
CA ILE C 405 -10.23 -13.13 -10.43
C ILE C 405 -10.75 -13.66 -11.75
N GLY C 406 -11.39 -12.79 -12.54
CA GLY C 406 -11.90 -13.20 -13.82
C GLY C 406 -10.88 -13.05 -14.93
N ALA C 407 -11.03 -13.91 -15.95
CA ALA C 407 -10.13 -13.95 -17.10
C ALA C 407 -8.67 -14.12 -16.66
N GLY C 408 -8.43 -15.08 -15.77
CA GLY C 408 -7.12 -15.30 -15.23
C GLY C 408 -6.93 -14.66 -13.87
N THR C 409 -6.44 -15.43 -12.91
CA THR C 409 -6.22 -14.93 -11.56
C THR C 409 -5.08 -13.91 -11.56
N SER C 410 -5.13 -12.99 -10.59
CA SER C 410 -4.11 -11.94 -10.50
C SER C 410 -2.72 -12.53 -10.30
N GLU C 411 -2.62 -13.59 -9.48
CA GLU C 411 -1.32 -14.22 -9.27
C GLU C 411 -0.84 -14.95 -10.52
N VAL C 412 -1.78 -15.51 -11.30
CA VAL C 412 -1.42 -16.14 -12.56
C VAL C 412 -0.83 -15.11 -13.52
N ARG C 413 -1.35 -13.88 -13.47
CA ARG C 413 -0.78 -12.81 -14.29
C ARG C 413 0.65 -12.50 -13.87
N ARG C 414 0.90 -12.44 -12.56
CA ARG C 414 2.26 -12.21 -12.08
C ARG C 414 3.19 -13.34 -12.51
N LEU C 415 2.70 -14.58 -12.48
CA LEU C 415 3.52 -15.71 -12.92
C LEU C 415 3.82 -15.63 -14.41
N VAL C 416 2.82 -15.25 -15.21
CA VAL C 416 3.04 -15.12 -16.65
C VAL C 416 4.05 -14.02 -16.94
N ILE C 417 3.97 -12.90 -16.22
CA ILE C 417 4.91 -11.81 -16.44
C ILE C 417 6.32 -12.23 -16.01
N GLY C 418 6.42 -12.95 -14.89
CA GLY C 418 7.73 -13.37 -14.41
C GLY C 418 8.40 -14.37 -15.34
N ARG C 419 7.60 -15.29 -15.90
CA ARG C 419 8.15 -16.29 -16.81
C ARG C 419 8.61 -15.68 -18.13
N ALA C 420 8.20 -14.46 -18.43
CA ALA C 420 8.61 -13.78 -19.65
C ALA C 420 10.03 -13.24 -19.58
N PHE C 421 10.58 -13.06 -18.38
CA PHE C 421 11.96 -12.60 -18.24
C PHE C 421 12.95 -13.75 -18.09
N ASN C 422 12.46 -14.96 -17.83
CA ASN C 422 13.32 -16.13 -17.68
C ASN C 422 13.77 -16.71 -19.01
N ALA C 423 13.46 -16.05 -20.13
CA ALA C 423 13.84 -16.52 -21.45
C ALA C 423 14.58 -15.42 -22.22
N ASP C 424 15.30 -14.56 -21.52
CA ASP C 424 16.04 -13.48 -22.16
C ASP C 424 17.53 -13.57 -21.81
N VAL D 38 -8.26 -22.13 14.74
CA VAL D 38 -8.24 -22.23 16.20
C VAL D 38 -7.36 -21.13 16.78
N ASP D 39 -7.88 -20.42 17.78
CA ASP D 39 -7.14 -19.35 18.42
C ASP D 39 -6.20 -19.90 19.48
N ASP D 40 -5.09 -19.21 19.69
CA ASP D 40 -4.07 -19.61 20.65
C ASP D 40 -4.04 -18.64 21.82
N ALA D 41 -3.29 -19.03 22.86
CA ALA D 41 -3.18 -18.21 24.06
C ALA D 41 -2.19 -17.06 23.92
N ILE D 42 -1.67 -16.82 22.72
CA ILE D 42 -0.72 -15.73 22.51
C ILE D 42 -1.37 -14.36 22.69
N ASN D 43 -2.69 -14.29 22.58
CA ASN D 43 -3.40 -13.03 22.71
C ASN D 43 -3.28 -12.40 24.10
N GLY D 44 -2.81 -13.16 25.08
CA GLY D 44 -2.67 -12.63 26.42
C GLY D 44 -3.89 -12.79 27.30
N LEU D 45 -4.80 -13.70 26.96
CA LEU D 45 -6.01 -13.89 27.74
C LEU D 45 -5.75 -14.80 28.92
N SER D 46 -6.41 -14.50 30.03
CA SER D 46 -6.29 -15.34 31.22
C SER D 46 -7.12 -16.61 31.07
N GLU D 47 -7.09 -17.45 32.11
CA GLU D 47 -7.84 -18.70 32.08
C GLU D 47 -9.34 -18.44 31.96
N GLU D 48 -9.86 -17.49 32.73
CA GLU D 48 -11.28 -17.16 32.65
C GLU D 48 -11.64 -16.62 31.27
N GLN D 49 -10.78 -15.78 30.70
CA GLN D 49 -11.05 -15.23 29.38
C GLN D 49 -10.96 -16.30 28.29
N ARG D 50 -10.02 -17.24 28.42
CA ARG D 50 -9.95 -18.34 27.46
C ARG D 50 -11.19 -19.23 27.56
N GLN D 51 -11.65 -19.49 28.79
CA GLN D 51 -12.88 -20.27 28.95
C GLN D 51 -14.08 -19.54 28.37
N LEU D 52 -14.13 -18.22 28.53
CA LEU D 52 -15.23 -17.44 27.95
C LEU D 52 -15.18 -17.50 26.42
N ARG D 53 -13.98 -17.39 25.85
CA ARG D 53 -13.84 -17.50 24.40
C ARG D 53 -14.28 -18.87 23.90
N GLN D 54 -13.89 -19.92 24.60
CA GLN D 54 -14.30 -21.27 24.21
C GLN D 54 -15.81 -21.44 24.32
N THR D 55 -16.41 -20.89 25.37
CA THR D 55 -17.86 -20.96 25.52
C THR D 55 -18.57 -20.23 24.39
N MET D 56 -18.07 -19.04 24.03
CA MET D 56 -18.67 -18.29 22.93
C MET D 56 -18.52 -19.05 21.61
N ALA D 57 -17.36 -19.69 21.40
CA ALA D 57 -17.14 -20.45 20.18
C ALA D 57 -18.08 -21.64 20.10
N LYS D 58 -18.27 -22.35 21.20
CA LYS D 58 -19.14 -23.52 21.19
C LYS D 58 -20.62 -23.15 21.21
N PHE D 59 -20.96 -21.92 21.62
CA PHE D 59 -22.37 -21.52 21.67
C PHE D 59 -22.82 -20.89 20.37
N LEU D 60 -21.97 -20.06 19.76
CA LEU D 60 -22.37 -19.37 18.52
C LEU D 60 -22.58 -20.36 17.39
N GLN D 61 -21.79 -21.44 17.36
CA GLN D 61 -21.99 -22.48 16.36
C GLN D 61 -23.31 -23.20 16.61
N GLU D 62 -23.92 -23.66 15.51
CA GLU D 62 -25.17 -24.42 15.52
C GLU D 62 -26.35 -23.54 15.96
N HIS D 63 -26.08 -22.29 16.32
CA HIS D 63 -27.14 -21.38 16.72
C HIS D 63 -27.14 -20.11 15.90
N LEU D 64 -25.96 -19.52 15.77
CA LEU D 64 -25.80 -18.29 15.00
C LEU D 64 -25.29 -18.63 13.61
N ALA D 65 -23.98 -18.75 13.43
CA ALA D 65 -23.35 -19.13 12.16
C ALA D 65 -23.93 -20.07 11.13
N PRO D 66 -24.62 -21.11 11.58
CA PRO D 66 -25.24 -21.90 10.57
C PRO D 66 -26.39 -21.21 9.86
N LYS D 67 -26.65 -19.95 10.16
CA LYS D 67 -27.74 -19.27 9.55
C LYS D 67 -27.38 -17.87 9.15
N ALA D 68 -26.10 -17.51 9.17
CA ALA D 68 -25.64 -16.21 8.69
C ALA D 68 -25.84 -16.02 7.18
N GLN D 69 -25.88 -17.13 6.40
CA GLN D 69 -26.16 -16.97 4.98
C GLN D 69 -27.65 -16.61 4.66
N GLU D 70 -28.65 -17.09 5.43
CA GLU D 70 -30.03 -16.66 5.25
C GLU D 70 -30.22 -15.21 5.70
N ILE D 71 -29.58 -14.83 6.81
CA ILE D 71 -29.65 -13.45 7.29
C ILE D 71 -29.06 -12.50 6.26
N ASP D 72 -27.95 -12.90 5.64
CA ASP D 72 -27.32 -12.05 4.63
C ASP D 72 -28.18 -11.95 3.38
N ARG D 73 -28.78 -13.07 2.97
CA ARG D 73 -29.55 -13.09 1.74
C ARG D 73 -30.87 -12.34 1.88
N SER D 74 -31.50 -12.40 3.05
CA SER D 74 -32.83 -11.84 3.25
C SER D 74 -32.82 -10.54 4.05
N ASN D 75 -31.69 -10.17 4.65
CA ASN D 75 -31.58 -8.95 5.46
C ASN D 75 -32.61 -8.94 6.59
N GLU D 76 -32.87 -10.11 7.17
CA GLU D 76 -33.85 -10.25 8.24
C GLU D 76 -33.42 -11.35 9.18
N PHE D 77 -33.58 -11.12 10.48
CA PHE D 77 -33.29 -12.10 11.52
C PHE D 77 -34.61 -12.60 12.08
N LYS D 78 -34.92 -13.86 11.84
CA LYS D 78 -36.21 -14.41 12.26
C LYS D 78 -36.27 -14.59 13.77
N ASN D 79 -35.19 -15.09 14.37
CA ASN D 79 -35.13 -15.35 15.80
C ASN D 79 -34.16 -14.38 16.49
N LEU D 80 -34.19 -13.11 16.09
CA LEU D 80 -33.33 -12.11 16.71
C LEU D 80 -33.61 -11.98 18.21
N ARG D 81 -34.89 -11.89 18.57
CA ARG D 81 -35.24 -11.76 19.99
C ARG D 81 -34.92 -13.03 20.77
N GLU D 82 -35.10 -14.20 20.15
CA GLU D 82 -34.72 -15.44 20.82
C GLU D 82 -33.22 -15.51 21.05
N PHE D 83 -32.43 -15.11 20.06
CA PHE D 83 -30.98 -15.09 20.21
C PHE D 83 -30.56 -14.07 21.26
N TRP D 84 -31.27 -12.95 21.35
CA TRP D 84 -30.95 -11.94 22.36
C TRP D 84 -31.28 -12.45 23.76
N LYS D 85 -32.39 -13.17 23.90
CA LYS D 85 -32.72 -13.81 25.17
C LYS D 85 -31.67 -14.84 25.55
N GLN D 86 -31.18 -15.60 24.57
CA GLN D 86 -30.13 -16.57 24.85
C GLN D 86 -28.84 -15.88 25.28
N LEU D 87 -28.50 -14.76 24.64
CA LEU D 87 -27.31 -14.02 25.04
C LEU D 87 -27.47 -13.43 26.44
N GLY D 88 -28.68 -13.00 26.79
CA GLY D 88 -28.91 -12.45 28.11
C GLY D 88 -28.73 -13.47 29.21
N ASN D 89 -29.02 -14.74 28.91
CA ASN D 89 -28.83 -15.79 29.91
C ASN D 89 -27.36 -16.03 30.21
N LEU D 90 -26.49 -15.82 29.22
CA LEU D 90 -25.05 -16.01 29.42
C LEU D 90 -24.37 -14.79 30.02
N GLY D 91 -25.03 -13.64 30.03
CA GLY D 91 -24.46 -12.44 30.62
C GLY D 91 -23.54 -11.64 29.72
N VAL D 92 -23.49 -11.95 28.43
CA VAL D 92 -22.60 -11.21 27.53
C VAL D 92 -23.12 -9.81 27.25
N LEU D 93 -24.41 -9.58 27.40
CA LEU D 93 -24.96 -8.24 27.19
C LEU D 93 -24.49 -7.29 28.29
N GLY D 94 -24.33 -7.79 29.51
CA GLY D 94 -23.84 -6.99 30.62
C GLY D 94 -22.41 -7.35 30.97
N ILE D 95 -21.58 -7.58 29.96
CA ILE D 95 -20.20 -8.01 30.19
C ILE D 95 -19.44 -6.96 30.98
N THR D 96 -19.79 -5.67 30.77
CA THR D 96 -19.15 -4.60 31.51
C THR D 96 -19.97 -4.14 32.70
N ALA D 97 -21.29 -4.32 32.66
CA ALA D 97 -22.15 -3.91 33.76
C ALA D 97 -22.01 -4.85 34.96
N PRO D 98 -22.13 -4.33 36.17
CA PRO D 98 -21.97 -5.18 37.36
C PRO D 98 -23.15 -6.12 37.53
N VAL D 99 -22.98 -7.07 38.46
CA VAL D 99 -24.01 -8.06 38.72
C VAL D 99 -25.20 -7.46 39.47
N GLN D 100 -25.05 -6.25 40.00
CA GLN D 100 -26.15 -5.62 40.73
C GLN D 100 -27.36 -5.41 39.84
N TYR D 101 -27.14 -4.97 38.60
CA TYR D 101 -28.21 -4.71 37.67
C TYR D 101 -28.50 -5.87 36.73
N GLY D 102 -27.65 -6.90 36.74
CA GLY D 102 -27.85 -8.07 35.90
C GLY D 102 -26.65 -8.44 35.03
N GLY D 103 -25.58 -7.67 35.03
CA GLY D 103 -24.43 -7.96 34.22
C GLY D 103 -23.50 -8.98 34.86
N SER D 104 -22.26 -8.98 34.36
CA SER D 104 -21.24 -9.89 34.85
C SER D 104 -20.17 -9.21 35.69
N GLY D 105 -20.00 -7.89 35.57
CA GLY D 105 -19.02 -7.18 36.37
C GLY D 105 -17.59 -7.37 35.94
N LEU D 106 -17.34 -7.46 34.63
CA LEU D 106 -16.00 -7.62 34.10
C LEU D 106 -15.55 -6.33 33.43
N GLY D 107 -14.36 -6.36 32.83
CA GLY D 107 -13.78 -5.18 32.21
C GLY D 107 -14.05 -5.10 30.72
N TYR D 108 -13.48 -4.07 30.10
CA TYR D 108 -13.68 -3.86 28.68
C TYR D 108 -12.87 -4.85 27.83
N LEU D 109 -11.84 -5.47 28.43
CA LEU D 109 -11.10 -6.50 27.72
C LEU D 109 -12.01 -7.68 27.36
N GLU D 110 -12.80 -8.13 28.33
CA GLU D 110 -13.78 -9.18 28.05
C GLU D 110 -14.80 -8.74 27.02
N HIS D 111 -15.14 -7.45 26.97
CA HIS D 111 -16.09 -6.96 25.97
C HIS D 111 -15.50 -7.02 24.57
N VAL D 112 -14.28 -6.52 24.40
CA VAL D 112 -13.64 -6.55 23.08
C VAL D 112 -13.31 -8.00 22.69
N LEU D 113 -13.20 -8.89 23.68
CA LEU D 113 -13.00 -10.30 23.39
C LEU D 113 -14.29 -10.95 22.90
N VAL D 114 -15.40 -10.69 23.59
CA VAL D 114 -16.66 -11.32 23.21
C VAL D 114 -17.20 -10.71 21.92
N MET D 115 -16.80 -9.49 21.59
CA MET D 115 -17.21 -8.88 20.33
C MET D 115 -16.33 -9.32 19.16
N GLU D 116 -15.28 -10.08 19.43
CA GLU D 116 -14.51 -10.72 18.36
C GLU D 116 -15.08 -12.08 17.99
N GLU D 117 -15.52 -12.86 18.97
CA GLU D 117 -16.32 -14.05 18.67
C GLU D 117 -17.60 -13.65 17.95
N ILE D 118 -18.26 -12.60 18.44
CA ILE D 118 -19.37 -11.99 17.71
C ILE D 118 -18.83 -11.42 16.40
N SER D 119 -19.66 -11.46 15.35
CA SER D 119 -19.33 -10.98 14.01
C SER D 119 -18.29 -11.88 13.34
N ARG D 120 -17.88 -12.95 14.03
CA ARG D 120 -17.01 -13.94 13.41
C ARG D 120 -17.84 -15.02 12.72
N ALA D 121 -18.79 -15.61 13.45
CA ALA D 121 -19.70 -16.58 12.84
C ALA D 121 -20.66 -15.88 11.88
N SER D 122 -21.16 -14.72 12.28
CA SER D 122 -22.07 -13.95 11.43
C SER D 122 -21.77 -12.47 11.63
N GLY D 123 -21.15 -11.86 10.61
CA GLY D 123 -20.82 -10.45 10.69
C GLY D 123 -22.04 -9.55 10.70
N ALA D 124 -23.18 -10.06 10.23
CA ALA D 124 -24.41 -9.27 10.19
C ALA D 124 -24.87 -8.85 11.58
N VAL D 125 -25.01 -9.83 12.48
CA VAL D 125 -25.51 -9.53 13.82
C VAL D 125 -24.43 -8.92 14.69
N GLY D 126 -23.21 -8.79 14.16
CA GLY D 126 -22.12 -8.25 14.95
C GLY D 126 -22.31 -6.80 15.35
N LEU D 127 -22.96 -6.00 14.48
CA LEU D 127 -23.17 -4.60 14.80
C LEU D 127 -24.28 -4.41 15.81
N SER D 128 -25.28 -5.30 15.81
CA SER D 128 -26.40 -5.16 16.74
C SER D 128 -25.96 -5.32 18.18
N TYR D 129 -25.08 -6.28 18.47
CA TYR D 129 -24.59 -6.45 19.83
C TYR D 129 -23.81 -5.23 20.29
N GLY D 130 -22.98 -4.67 19.41
CA GLY D 130 -22.23 -3.49 19.78
C GLY D 130 -23.11 -2.28 19.99
N ALA D 131 -24.17 -2.13 19.20
CA ALA D 131 -25.08 -1.02 19.37
C ALA D 131 -25.95 -1.19 20.61
N HIS D 132 -26.22 -2.43 21.00
CA HIS D 132 -27.06 -2.70 22.17
C HIS D 132 -26.27 -2.54 23.47
N SER D 133 -25.17 -3.28 23.60
CA SER D 133 -24.43 -3.31 24.86
C SER D 133 -23.62 -2.03 25.06
N ASN D 134 -22.71 -1.74 24.13
CA ASN D 134 -21.77 -0.65 24.34
C ASN D 134 -22.43 0.71 24.20
N LEU D 135 -23.26 0.87 23.16
CA LEU D 135 -23.82 2.18 22.85
C LEU D 135 -24.97 2.59 23.76
N CYS D 136 -25.71 1.64 24.31
CA CYS D 136 -26.90 1.96 25.12
C CYS D 136 -26.74 1.54 26.57
N ILE D 137 -26.35 0.30 26.84
CA ILE D 137 -26.30 -0.19 28.22
C ILE D 137 -25.20 0.52 29.00
N ASN D 138 -23.97 0.46 28.47
CA ASN D 138 -22.84 1.06 29.17
C ASN D 138 -22.98 2.57 29.28
N GLN D 139 -23.63 3.20 28.30
CA GLN D 139 -23.84 4.65 28.35
C GLN D 139 -24.72 5.02 29.54
N LEU D 140 -25.70 4.18 29.85
CA LEU D 140 -26.56 4.42 31.02
C LEU D 140 -25.85 4.02 32.31
N VAL D 141 -25.01 2.98 32.23
CA VAL D 141 -24.29 2.53 33.42
C VAL D 141 -23.30 3.57 33.90
N ARG D 142 -22.55 4.19 32.98
CA ARG D 142 -21.47 5.10 33.32
C ARG D 142 -21.92 6.53 33.55
N ASN D 143 -22.89 7.03 32.77
CA ASN D 143 -23.35 8.41 32.88
C ASN D 143 -24.83 8.49 33.22
N GLY D 144 -25.31 7.62 34.10
CA GLY D 144 -26.71 7.62 34.48
C GLY D 144 -26.94 7.76 35.97
N ASN D 145 -28.12 8.24 36.34
CA ASN D 145 -28.49 8.37 37.74
C ASN D 145 -29.14 7.08 38.24
N GLU D 146 -29.37 7.03 39.56
CA GLU D 146 -29.91 5.81 40.17
C GLU D 146 -31.32 5.52 39.68
N ALA D 147 -32.10 6.55 39.38
CA ALA D 147 -33.47 6.36 38.93
C ALA D 147 -33.50 5.73 37.54
N GLN D 148 -32.71 6.27 36.61
CA GLN D 148 -32.70 5.75 35.25
C GLN D 148 -31.96 4.42 35.16
N LYS D 149 -31.10 4.11 36.13
CA LYS D 149 -30.31 2.89 36.14
C LYS D 149 -31.12 1.66 36.57
N GLU D 150 -32.42 1.79 36.81
CA GLU D 150 -33.26 0.67 37.23
C GLU D 150 -34.49 0.46 36.38
N LYS D 151 -34.80 1.35 35.44
CA LYS D 151 -36.00 1.20 34.63
C LYS D 151 -35.71 0.54 33.29
N TYR D 152 -34.60 0.89 32.65
CA TYR D 152 -34.26 0.40 31.33
C TYR D 152 -33.19 -0.68 31.36
N LEU D 153 -32.17 -0.52 32.18
CA LEU D 153 -31.05 -1.46 32.19
C LEU D 153 -31.44 -2.86 32.64
N PRO D 154 -32.28 -3.06 33.68
CA PRO D 154 -32.72 -4.42 34.01
C PRO D 154 -33.45 -5.09 32.85
N LYS D 155 -33.97 -4.29 31.93
CA LYS D 155 -34.64 -4.81 30.74
C LYS D 155 -33.66 -5.03 29.58
N LEU D 156 -32.65 -4.16 29.47
CA LEU D 156 -31.70 -4.27 28.37
C LEU D 156 -30.68 -5.38 28.62
N ILE D 157 -30.17 -5.49 29.85
CA ILE D 157 -29.14 -6.48 30.14
C ILE D 157 -29.71 -7.89 30.05
N SER D 158 -30.95 -8.07 30.50
CA SER D 158 -31.59 -9.38 30.48
C SER D 158 -32.10 -9.77 29.09
N GLY D 159 -31.84 -8.96 28.08
CA GLY D 159 -32.27 -9.25 26.73
C GLY D 159 -33.74 -9.01 26.45
N GLU D 160 -34.49 -8.50 27.43
CA GLU D 160 -35.92 -8.27 27.22
C GLU D 160 -36.16 -7.07 26.31
N TYR D 161 -35.33 -6.04 26.40
CA TYR D 161 -35.42 -4.87 25.55
C TYR D 161 -34.15 -4.75 24.72
N ILE D 162 -34.26 -4.02 23.62
CA ILE D 162 -33.15 -3.78 22.71
C ILE D 162 -32.77 -2.30 22.79
N GLY D 163 -31.47 -2.04 22.93
CA GLY D 163 -30.99 -0.68 23.07
C GLY D 163 -30.25 -0.17 21.84
N ALA D 164 -30.21 1.15 21.68
CA ALA D 164 -29.55 1.76 20.53
C ALA D 164 -29.18 3.20 20.87
N LEU D 165 -28.22 3.72 20.12
CA LEU D 165 -27.77 5.10 20.26
C LEU D 165 -28.10 5.88 18.99
N ALA D 166 -28.45 7.15 19.15
CA ALA D 166 -28.87 8.00 18.05
C ALA D 166 -28.18 9.36 18.16
N MET D 167 -27.14 9.60 17.33
CA MET D 167 -26.50 10.89 17.25
C MET D 167 -26.42 11.41 15.85
N SER D 168 -26.34 10.55 14.84
CA SER D 168 -26.13 11.00 13.47
C SER D 168 -27.43 11.53 12.87
N GLU D 169 -27.28 12.33 11.81
CA GLU D 169 -28.41 12.90 11.10
C GLU D 169 -27.96 13.16 9.66
N PRO D 170 -28.90 13.33 8.73
CA PRO D 170 -28.50 13.54 7.32
C PRO D 170 -27.60 14.75 7.11
N ASN D 171 -27.81 15.83 7.84
CA ASN D 171 -27.00 17.03 7.69
C ASN D 171 -25.73 17.01 8.55
N ALA D 172 -25.59 16.03 9.45
CA ALA D 172 -24.43 15.91 10.33
C ALA D 172 -24.10 14.43 10.51
N GLY D 173 -23.17 13.94 9.69
CA GLY D 173 -22.70 12.57 9.82
C GLY D 173 -21.23 12.53 10.20
N SER D 174 -20.55 13.67 10.05
CA SER D 174 -19.15 13.79 10.44
C SER D 174 -18.99 14.95 11.42
N ASP D 175 -19.77 16.00 11.23
CA ASP D 175 -19.78 17.14 12.12
C ASP D 175 -20.89 17.00 13.15
N VAL D 176 -20.67 16.14 14.15
CA VAL D 176 -21.72 15.78 15.10
C VAL D 176 -22.18 16.98 15.93
N VAL D 177 -21.36 18.03 16.05
CA VAL D 177 -21.74 19.18 16.87
C VAL D 177 -22.63 20.16 16.11
N SER D 178 -22.95 19.88 14.86
CA SER D 178 -23.77 20.76 14.03
C SER D 178 -25.18 20.22 13.82
N MET D 179 -25.77 19.60 14.83
CA MET D 179 -27.11 19.04 14.70
C MET D 179 -28.14 20.14 14.46
N LYS D 180 -29.32 19.72 13.99
CA LYS D 180 -30.43 20.63 13.76
C LYS D 180 -31.68 20.27 14.55
N LEU D 181 -31.71 19.12 15.21
CA LEU D 181 -32.86 18.72 16.01
C LEU D 181 -33.01 19.63 17.22
N LYS D 182 -34.03 20.49 17.20
CA LYS D 182 -34.25 21.42 18.30
C LYS D 182 -35.06 20.76 19.41
N ALA D 183 -34.81 21.20 20.64
CA ALA D 183 -35.51 20.69 21.83
C ALA D 183 -35.99 21.88 22.64
N GLU D 184 -37.29 22.16 22.57
CA GLU D 184 -37.90 23.27 23.28
C GLU D 184 -38.48 22.77 24.61
N LYS D 185 -38.34 23.60 25.64
CA LYS D 185 -38.80 23.27 26.99
C LYS D 185 -40.12 23.97 27.27
N LYS D 186 -41.11 23.21 27.73
CA LYS D 186 -42.42 23.74 28.10
C LYS D 186 -42.82 23.25 29.48
N GLY D 187 -41.87 23.22 30.41
CA GLY D 187 -42.14 22.78 31.76
C GLY D 187 -41.30 21.59 32.18
N ASN D 188 -41.95 20.46 32.44
CA ASN D 188 -41.26 19.23 32.84
C ASN D 188 -41.18 18.22 31.70
N HIS D 189 -41.41 18.66 30.46
CA HIS D 189 -41.37 17.79 29.30
C HIS D 189 -40.72 18.52 28.14
N TYR D 190 -39.84 17.83 27.42
CA TYR D 190 -39.13 18.38 26.27
C TYR D 190 -39.72 17.80 24.99
N ILE D 191 -40.03 18.66 24.03
CA ILE D 191 -40.62 18.26 22.77
C ILE D 191 -39.50 18.24 21.72
N LEU D 192 -39.18 17.04 21.22
CA LEU D 192 -38.16 16.91 20.21
C LEU D 192 -38.74 17.09 18.81
N ASN D 193 -38.05 17.87 17.99
CA ASN D 193 -38.48 18.12 16.62
C ASN D 193 -37.26 18.06 15.71
N GLY D 194 -37.34 17.27 14.65
CA GLY D 194 -36.24 17.12 13.72
C GLY D 194 -36.22 15.77 13.04
N ASN D 195 -35.04 15.35 12.57
CA ASN D 195 -34.89 14.09 11.88
C ASN D 195 -33.47 13.58 12.05
N LYS D 196 -33.33 12.26 12.16
CA LYS D 196 -32.03 11.62 12.29
C LYS D 196 -31.93 10.46 11.30
N PHE D 197 -30.71 10.09 10.96
CA PHE D 197 -30.48 9.06 9.96
C PHE D 197 -29.39 8.12 10.44
N TRP D 198 -29.38 6.92 9.85
CA TRP D 198 -28.36 5.90 10.15
C TRP D 198 -28.35 5.51 11.62
N ILE D 199 -29.50 5.14 12.16
CA ILE D 199 -29.60 4.69 13.55
C ILE D 199 -29.60 3.16 13.55
N THR D 200 -28.55 2.57 14.12
CA THR D 200 -28.45 1.12 14.17
C THR D 200 -29.53 0.55 15.08
N ASN D 201 -30.09 -0.59 14.69
CA ASN D 201 -31.18 -1.25 15.40
C ASN D 201 -32.41 -0.36 15.54
N GLY D 202 -32.70 0.46 14.53
CA GLY D 202 -33.82 1.38 14.60
C GLY D 202 -35.18 0.75 14.76
N PRO D 203 -35.62 -0.08 13.80
CA PRO D 203 -37.00 -0.60 13.86
C PRO D 203 -37.26 -1.57 15.00
N ASP D 204 -36.24 -2.01 15.73
CA ASP D 204 -36.45 -3.01 16.77
C ASP D 204 -35.96 -2.62 18.15
N ALA D 205 -35.31 -1.47 18.33
CA ALA D 205 -34.85 -1.07 19.65
C ALA D 205 -36.02 -0.56 20.48
N ASP D 206 -36.05 -0.97 21.75
CA ASP D 206 -37.06 -0.51 22.68
C ASP D 206 -36.61 0.70 23.50
N VAL D 207 -35.30 0.90 23.65
CA VAL D 207 -34.74 2.05 24.35
C VAL D 207 -33.70 2.69 23.43
N LEU D 208 -33.90 3.97 23.12
CA LEU D 208 -33.02 4.70 22.21
C LEU D 208 -32.50 5.95 22.91
N ILE D 209 -31.18 6.14 22.87
CA ILE D 209 -30.54 7.33 23.42
C ILE D 209 -30.39 8.33 22.28
N VAL D 210 -31.25 9.35 22.27
CA VAL D 210 -31.27 10.36 21.21
C VAL D 210 -30.65 11.64 21.75
N TYR D 211 -29.71 12.20 21.00
CA TYR D 211 -29.07 13.47 21.34
C TYR D 211 -29.77 14.60 20.61
N ALA D 212 -30.08 15.67 21.33
CA ALA D 212 -30.78 16.81 20.75
C ALA D 212 -30.19 18.10 21.31
N LYS D 213 -30.33 19.17 20.53
CA LYS D 213 -29.83 20.48 20.90
C LYS D 213 -30.93 21.28 21.59
N THR D 214 -30.75 21.57 22.87
CA THR D 214 -31.72 22.37 23.60
C THR D 214 -31.48 23.86 23.46
N ASP D 215 -30.27 24.28 23.10
CA ASP D 215 -29.92 25.69 22.94
C ASP D 215 -29.23 25.84 21.58
N LEU D 216 -30.00 26.23 20.56
CA LEU D 216 -29.48 26.41 19.22
C LEU D 216 -28.92 27.82 18.98
N ALA D 217 -28.87 28.66 20.01
CA ALA D 217 -28.38 30.02 19.87
C ALA D 217 -27.06 30.24 20.60
N ALA D 218 -26.53 29.23 21.29
CA ALA D 218 -25.26 29.37 21.97
C ALA D 218 -24.11 29.40 20.96
N VAL D 219 -23.10 30.21 21.26
CA VAL D 219 -21.93 30.34 20.41
C VAL D 219 -21.14 29.03 20.38
N PRO D 220 -20.82 28.41 21.53
CA PRO D 220 -20.17 27.09 21.47
C PRO D 220 -21.17 26.02 21.06
N ALA D 221 -20.86 25.31 19.97
CA ALA D 221 -21.76 24.27 19.49
C ALA D 221 -21.82 23.10 20.45
N SER D 222 -20.75 22.86 21.21
CA SER D 222 -20.72 21.74 22.14
C SER D 222 -21.53 22.00 23.40
N ARG D 223 -21.84 23.26 23.69
CA ARG D 223 -22.58 23.60 24.89
C ARG D 223 -24.09 23.50 24.72
N GLY D 224 -24.58 23.29 23.51
CA GLY D 224 -26.00 23.19 23.28
C GLY D 224 -26.57 21.79 23.18
N ILE D 225 -25.71 20.78 23.17
CA ILE D 225 -26.14 19.39 22.98
C ILE D 225 -26.57 18.81 24.32
N THR D 226 -27.65 18.03 24.31
CA THR D 226 -28.20 17.40 25.49
C THR D 226 -28.71 16.01 25.13
N ALA D 227 -28.41 15.03 25.96
CA ALA D 227 -28.82 13.65 25.72
C ALA D 227 -30.19 13.39 26.31
N PHE D 228 -30.93 12.47 25.69
CA PHE D 228 -32.26 12.09 26.12
C PHE D 228 -32.45 10.60 25.96
N ILE D 229 -33.39 10.05 26.73
CA ILE D 229 -33.73 8.63 26.68
C ILE D 229 -35.10 8.49 26.05
N VAL D 230 -35.20 7.69 24.98
CA VAL D 230 -36.44 7.48 24.26
C VAL D 230 -36.85 6.02 24.39
N GLU D 231 -38.13 5.80 24.61
CA GLU D 231 -38.70 4.46 24.73
C GLU D 231 -39.73 4.25 23.62
N LYS D 232 -39.81 3.01 23.14
CA LYS D 232 -40.76 2.67 22.09
C LYS D 232 -42.20 2.88 22.57
N GLY D 233 -43.01 3.48 21.71
CA GLY D 233 -44.39 3.75 22.05
C GLY D 233 -44.70 5.17 22.47
N MET D 234 -43.71 6.05 22.46
CA MET D 234 -43.96 7.45 22.82
C MET D 234 -44.67 8.17 21.67
N PRO D 235 -45.54 9.13 21.99
CA PRO D 235 -46.23 9.86 20.93
C PRO D 235 -45.28 10.75 20.15
N GLY D 236 -45.50 10.83 18.84
CA GLY D 236 -44.66 11.64 17.98
C GLY D 236 -43.46 10.88 17.44
N PHE D 237 -43.02 9.86 18.16
CA PHE D 237 -41.90 9.05 17.72
C PHE D 237 -42.35 7.99 16.73
N SER D 238 -41.57 7.80 15.67
CA SER D 238 -41.90 6.81 14.65
C SER D 238 -40.63 6.42 13.92
N THR D 239 -40.66 5.22 13.32
CA THR D 239 -39.54 4.69 12.57
C THR D 239 -39.90 4.60 11.10
N SER D 240 -38.94 4.91 10.23
CA SER D 240 -39.16 4.88 8.79
C SER D 240 -38.83 3.51 8.23
N LYS D 241 -38.78 3.42 6.91
CA LYS D 241 -38.49 2.15 6.24
C LYS D 241 -37.03 1.75 6.47
N LYS D 242 -36.81 0.46 6.65
CA LYS D 242 -35.46 -0.04 6.86
C LYS D 242 -34.62 0.11 5.59
N LEU D 243 -33.36 0.47 5.77
CA LEU D 243 -32.47 0.70 4.63
C LEU D 243 -31.88 -0.61 4.14
N ASP D 244 -31.74 -0.72 2.81
CA ASP D 244 -31.11 -1.88 2.18
C ASP D 244 -29.64 -1.53 1.96
N LYS D 245 -28.83 -1.78 2.97
CA LYS D 245 -27.42 -1.44 2.92
C LYS D 245 -26.67 -2.38 1.98
N LEU D 246 -25.49 -1.92 1.54
CA LEU D 246 -24.64 -2.74 0.68
C LEU D 246 -24.14 -3.97 1.41
N GLY D 247 -23.66 -3.79 2.64
CA GLY D 247 -23.18 -4.89 3.45
C GLY D 247 -23.80 -4.85 4.82
N MET D 248 -23.38 -5.79 5.66
CA MET D 248 -23.87 -5.91 7.04
C MET D 248 -25.39 -6.08 7.09
N ARG D 249 -25.98 -6.65 6.05
CA ARG D 249 -27.42 -6.84 6.01
C ARG D 249 -27.86 -7.83 7.07
N GLY D 250 -28.80 -7.40 7.91
CA GLY D 250 -29.22 -8.17 9.06
C GLY D 250 -29.29 -7.30 10.30
N SER D 251 -28.40 -6.31 10.38
CA SER D 251 -28.45 -5.29 11.41
C SER D 251 -29.39 -4.19 10.95
N ASN D 252 -30.56 -4.10 11.58
CA ASN D 252 -31.59 -3.17 11.14
C ASN D 252 -31.12 -1.73 11.28
N THR D 253 -31.42 -0.92 10.27
CA THR D 253 -31.12 0.50 10.27
C THR D 253 -32.21 1.23 9.49
N CYS D 254 -32.72 2.31 10.06
CA CYS D 254 -33.79 3.06 9.43
C CYS D 254 -33.63 4.54 9.79
N GLU D 255 -34.67 5.33 9.53
CA GLU D 255 -34.68 6.76 9.78
C GLU D 255 -35.67 7.08 10.91
N LEU D 256 -35.25 7.95 11.82
CA LEU D 256 -36.09 8.36 12.93
C LEU D 256 -36.77 9.68 12.60
N ILE D 257 -38.07 9.76 12.90
CA ILE D 257 -38.88 10.93 12.61
C ILE D 257 -39.50 11.40 13.92
N PHE D 258 -39.27 12.66 14.27
CA PHE D 258 -39.81 13.26 15.49
C PHE D 258 -40.76 14.38 15.11
N GLU D 259 -42.03 14.24 15.47
CA GLU D 259 -43.05 15.24 15.19
C GLU D 259 -43.84 15.47 16.48
N ASP D 260 -43.48 16.53 17.21
CA ASP D 260 -44.14 16.89 18.47
C ASP D 260 -44.07 15.75 19.47
N CYS D 261 -42.84 15.37 19.82
CA CYS D 261 -42.63 14.31 20.80
C CYS D 261 -42.92 14.82 22.20
N LYS D 262 -42.86 13.90 23.17
CA LYS D 262 -43.15 14.23 24.56
C LYS D 262 -42.31 13.32 25.45
N ILE D 263 -41.21 13.84 25.95
CA ILE D 263 -40.29 13.10 26.82
C ILE D 263 -40.22 13.82 28.16
N PRO D 264 -40.41 13.12 29.27
CA PRO D 264 -40.34 13.78 30.58
C PRO D 264 -38.92 14.29 30.86
N ALA D 265 -38.83 15.26 31.77
CA ALA D 265 -37.53 15.81 32.13
C ALA D 265 -36.67 14.82 32.90
N ALA D 266 -37.28 13.82 33.54
CA ALA D 266 -36.52 12.83 34.29
C ALA D 266 -35.74 11.88 33.39
N ASN D 267 -36.06 11.82 32.09
CA ASN D 267 -35.37 10.95 31.16
C ASN D 267 -34.12 11.58 30.55
N ILE D 268 -33.74 12.77 31.01
CA ILE D 268 -32.54 13.41 30.48
C ILE D 268 -31.30 12.65 30.97
N LEU D 269 -30.44 12.30 30.04
CA LEU D 269 -29.19 11.60 30.34
C LEU D 269 -28.09 12.63 30.53
N GLY D 270 -27.40 12.56 31.66
CA GLY D 270 -26.37 13.55 31.94
C GLY D 270 -26.98 14.81 32.51
N HIS D 271 -26.63 15.96 31.92
CA HIS D 271 -27.15 17.25 32.34
C HIS D 271 -27.54 18.07 31.13
N GLU D 272 -28.44 19.03 31.35
CA GLU D 272 -28.88 19.89 30.27
C GLU D 272 -27.78 20.85 29.86
N ASN D 273 -27.65 21.05 28.54
CA ASN D 273 -26.65 21.93 27.94
C ASN D 273 -25.22 21.52 28.30
N LYS D 274 -25.03 20.25 28.69
CA LYS D 274 -23.70 19.75 29.02
C LYS D 274 -23.45 18.37 28.43
N GLY D 275 -24.11 18.03 27.31
CA GLY D 275 -23.92 16.73 26.68
C GLY D 275 -22.64 16.59 25.89
N VAL D 276 -21.74 17.57 25.97
CA VAL D 276 -20.49 17.49 25.20
C VAL D 276 -19.62 16.35 25.70
N TYR D 277 -19.38 16.29 27.01
CA TYR D 277 -18.58 15.20 27.55
C TYR D 277 -19.35 13.89 27.56
N VAL D 278 -20.68 13.95 27.62
CA VAL D 278 -21.49 12.74 27.58
C VAL D 278 -21.42 12.11 26.20
N LEU D 279 -21.51 12.93 25.15
CA LEU D 279 -21.45 12.42 23.79
C LEU D 279 -20.08 11.82 23.49
N MET D 280 -19.03 12.63 23.60
CA MET D 280 -17.69 12.16 23.28
C MET D 280 -17.02 11.43 24.43
N SER D 281 -17.74 10.52 25.09
CA SER D 281 -17.16 9.58 26.04
C SER D 281 -17.55 8.17 25.64
N GLY D 282 -18.79 8.02 25.14
CA GLY D 282 -19.21 6.73 24.63
C GLY D 282 -18.72 6.49 23.21
N LEU D 283 -18.45 7.57 22.47
CA LEU D 283 -17.89 7.43 21.13
C LEU D 283 -16.48 6.86 21.15
N ASP D 284 -15.76 7.03 22.26
CA ASP D 284 -14.43 6.46 22.44
C ASP D 284 -14.46 4.99 22.82
N LEU D 285 -15.28 4.61 23.80
CA LEU D 285 -15.48 3.20 24.09
C LEU D 285 -16.12 2.46 22.93
N ALA D 286 -16.89 3.15 22.09
CA ALA D 286 -17.41 2.54 20.87
C ALA D 286 -16.26 2.14 19.95
N ARG D 287 -15.36 3.08 19.66
CA ARG D 287 -14.21 2.78 18.82
C ARG D 287 -13.33 1.71 19.45
N LEU D 288 -13.26 1.70 20.78
CA LEU D 288 -12.45 0.68 21.46
C LEU D 288 -13.08 -0.70 21.35
N VAL D 289 -14.40 -0.80 21.57
CA VAL D 289 -15.04 -2.10 21.60
C VAL D 289 -15.36 -2.59 20.20
N LEU D 290 -15.84 -1.70 19.32
CA LEU D 290 -16.17 -2.11 17.96
C LEU D 290 -14.95 -2.48 17.14
N ALA D 291 -13.75 -2.28 17.68
CA ALA D 291 -12.54 -2.70 16.97
C ALA D 291 -12.47 -4.23 16.87
N GLY D 292 -13.14 -4.94 17.77
CA GLY D 292 -13.17 -6.39 17.69
C GLY D 292 -14.02 -6.91 16.54
N GLY D 293 -14.82 -6.04 15.93
CA GLY D 293 -15.65 -6.40 14.80
C GLY D 293 -14.85 -6.91 13.63
N PRO D 294 -13.99 -6.05 13.05
CA PRO D 294 -13.14 -6.51 11.94
C PRO D 294 -12.18 -7.62 12.34
N LEU D 295 -11.82 -7.72 13.62
CA LEU D 295 -11.01 -8.84 14.07
C LEU D 295 -11.73 -10.16 13.84
N GLY D 296 -13.03 -10.22 14.17
CA GLY D 296 -13.79 -11.42 13.91
C GLY D 296 -13.93 -11.71 12.42
N LEU D 297 -14.04 -10.66 11.61
CA LEU D 297 -14.12 -10.85 10.17
C LEU D 297 -12.83 -11.45 9.62
N MET D 298 -11.68 -10.95 10.08
CA MET D 298 -10.41 -11.50 9.65
C MET D 298 -10.24 -12.93 10.13
N GLN D 299 -10.65 -13.21 11.36
CA GLN D 299 -10.60 -14.58 11.86
C GLN D 299 -11.47 -15.50 11.03
N ALA D 300 -12.64 -15.02 10.61
CA ALA D 300 -13.55 -15.85 9.80
C ALA D 300 -12.97 -16.10 8.42
N VAL D 301 -12.43 -15.06 7.77
CA VAL D 301 -11.87 -15.26 6.44
C VAL D 301 -10.63 -16.13 6.49
N LEU D 302 -9.91 -16.13 7.63
CA LEU D 302 -8.77 -17.03 7.76
C LEU D 302 -9.23 -18.47 8.00
N ASP D 303 -10.22 -18.66 8.87
CA ASP D 303 -10.77 -20.00 9.10
C ASP D 303 -11.45 -20.57 7.86
N HIS D 304 -11.85 -19.71 6.92
CA HIS D 304 -12.42 -20.17 5.66
C HIS D 304 -11.37 -20.31 4.56
N THR D 305 -10.24 -19.60 4.67
CA THR D 305 -9.24 -19.61 3.60
C THR D 305 -8.23 -20.73 3.79
N ILE D 306 -7.78 -20.93 5.03
CA ILE D 306 -6.72 -21.93 5.28
C ILE D 306 -7.15 -23.34 4.90
N PRO D 307 -8.33 -23.84 5.32
CA PRO D 307 -8.71 -25.20 4.90
C PRO D 307 -8.99 -25.30 3.41
N TYR D 308 -9.49 -24.23 2.79
CA TYR D 308 -9.80 -24.28 1.36
C TYR D 308 -8.53 -24.40 0.53
N LEU D 309 -7.45 -23.73 0.95
CA LEU D 309 -6.19 -23.80 0.21
C LEU D 309 -5.51 -25.16 0.36
N HIS D 310 -5.94 -25.98 1.32
CA HIS D 310 -5.36 -27.30 1.54
C HIS D 310 -6.23 -28.41 0.98
N VAL D 311 -7.32 -28.07 0.29
CA VAL D 311 -8.20 -29.07 -0.31
C VAL D 311 -8.30 -28.80 -1.80
N ARG D 312 -8.05 -27.56 -2.21
CA ARG D 312 -8.08 -27.21 -3.61
C ARG D 312 -6.72 -27.48 -4.25
N GLU D 313 -6.72 -28.14 -5.40
CA GLU D 313 -5.50 -28.51 -6.10
C GLU D 313 -5.46 -27.87 -7.48
N ALA D 314 -4.27 -27.42 -7.87
CA ALA D 314 -4.06 -26.82 -9.18
C ALA D 314 -2.65 -27.10 -9.65
N PHE D 315 -2.52 -27.43 -10.93
CA PHE D 315 -1.23 -27.78 -11.54
C PHE D 315 -0.60 -28.98 -10.85
N GLY D 316 -1.44 -29.93 -10.42
CA GLY D 316 -0.97 -31.13 -9.77
C GLY D 316 -0.59 -30.98 -8.31
N GLN D 317 -0.70 -29.78 -7.74
CA GLN D 317 -0.36 -29.54 -6.35
C GLN D 317 -1.46 -28.71 -5.69
N LYS D 318 -1.51 -28.79 -4.36
CA LYS D 318 -2.45 -27.96 -3.61
C LYS D 318 -2.07 -26.50 -3.73
N ILE D 319 -3.08 -25.63 -3.86
CA ILE D 319 -2.83 -24.20 -4.03
C ILE D 319 -2.17 -23.59 -2.81
N GLY D 320 -2.32 -24.21 -1.64
CA GLY D 320 -1.70 -23.70 -0.43
C GLY D 320 -0.19 -23.84 -0.39
N HIS D 321 0.39 -24.61 -1.31
CA HIS D 321 1.83 -24.82 -1.33
C HIS D 321 2.58 -23.82 -2.21
N PHE D 322 1.87 -23.06 -3.04
CA PHE D 322 2.53 -22.07 -3.88
C PHE D 322 3.00 -20.89 -3.04
N GLN D 323 4.12 -20.29 -3.46
CA GLN D 323 4.74 -19.25 -2.65
C GLN D 323 3.88 -17.99 -2.58
N LEU D 324 3.10 -17.73 -3.64
CA LEU D 324 2.23 -16.55 -3.62
C LEU D 324 1.09 -16.71 -2.61
N MET D 325 0.43 -17.86 -2.59
CA MET D 325 -0.61 -18.11 -1.60
C MET D 325 -0.02 -18.16 -0.19
N GLN D 326 1.21 -18.69 -0.06
CA GLN D 326 1.87 -18.68 1.24
C GLN D 326 2.14 -17.25 1.71
N GLY D 327 2.57 -16.38 0.80
CA GLY D 327 2.79 -14.99 1.17
C GLY D 327 1.50 -14.28 1.54
N LYS D 328 0.42 -14.58 0.80
CA LYS D 328 -0.88 -14.02 1.15
C LYS D 328 -1.33 -14.46 2.54
N MET D 329 -1.20 -15.75 2.84
CA MET D 329 -1.57 -16.24 4.16
C MET D 329 -0.69 -15.63 5.24
N ALA D 330 0.60 -15.45 4.96
CA ALA D 330 1.50 -14.83 5.92
C ALA D 330 1.09 -13.40 6.21
N ASP D 331 0.80 -12.63 5.16
CA ASP D 331 0.37 -11.25 5.34
C ASP D 331 -0.93 -11.16 6.12
N MET D 332 -1.90 -12.01 5.78
CA MET D 332 -3.18 -11.98 6.50
C MET D 332 -3.00 -12.33 7.97
N TYR D 333 -2.21 -13.38 8.25
CA TYR D 333 -2.00 -13.80 9.63
C TYR D 333 -1.27 -12.71 10.42
N THR D 334 -0.25 -12.11 9.83
CA THR D 334 0.50 -11.05 10.52
C THR D 334 -0.39 -9.85 10.78
N ARG D 335 -1.22 -9.46 9.81
CA ARG D 335 -2.10 -8.31 10.01
C ARG D 335 -3.14 -8.60 11.10
N LEU D 336 -3.71 -9.81 11.09
CA LEU D 336 -4.67 -10.18 12.13
C LEU D 336 -4.03 -10.18 13.51
N MET D 337 -2.83 -10.76 13.63
CA MET D 337 -2.16 -10.82 14.92
C MET D 337 -1.73 -9.44 15.40
N ALA D 338 -1.38 -8.55 14.46
CA ALA D 338 -1.01 -7.20 14.85
C ALA D 338 -2.22 -6.40 15.32
N CYS D 339 -3.34 -6.52 14.61
CA CYS D 339 -4.54 -5.78 15.00
C CYS D 339 -5.16 -6.34 16.27
N ARG D 340 -4.96 -7.64 16.52
CA ARG D 340 -5.60 -8.27 17.68
C ARG D 340 -4.91 -7.90 18.98
N GLN D 341 -3.56 -7.90 18.99
CA GLN D 341 -2.84 -7.57 20.21
C GLN D 341 -2.98 -6.10 20.57
N TYR D 342 -3.08 -5.22 19.57
CA TYR D 342 -3.20 -3.78 19.83
C TYR D 342 -4.49 -3.48 20.59
N VAL D 343 -5.62 -3.96 20.08
CA VAL D 343 -6.91 -3.69 20.71
C VAL D 343 -6.96 -4.30 22.11
N TYR D 344 -6.42 -5.52 22.25
CA TYR D 344 -6.43 -6.18 23.55
C TYR D 344 -5.58 -5.42 24.57
N ASN D 345 -4.41 -4.94 24.16
CA ASN D 345 -3.56 -4.19 25.08
C ASN D 345 -4.17 -2.85 25.43
N VAL D 346 -4.83 -2.18 24.48
CA VAL D 346 -5.50 -0.92 24.79
C VAL D 346 -6.65 -1.15 25.74
N ALA D 347 -7.37 -2.27 25.58
CA ALA D 347 -8.45 -2.60 26.50
C ALA D 347 -7.91 -2.91 27.89
N LYS D 348 -6.78 -3.63 27.96
CA LYS D 348 -6.14 -3.88 29.25
C LYS D 348 -5.72 -2.59 29.93
N ALA D 349 -5.21 -1.62 29.16
CA ALA D 349 -4.86 -0.32 29.73
C ALA D 349 -6.09 0.45 30.17
N CYS D 350 -7.21 0.26 29.45
CA CYS D 350 -8.43 0.99 29.80
C CYS D 350 -9.06 0.45 31.08
N ASP D 351 -8.87 -0.84 31.36
CA ASP D 351 -9.45 -1.47 32.54
C ASP D 351 -8.76 -1.07 33.83
N GLU D 352 -7.75 -0.19 33.81
CA GLU D 352 -7.07 0.23 35.02
C GLU D 352 -7.15 1.72 35.30
N GLY D 353 -7.70 2.53 34.39
CA GLY D 353 -7.82 3.96 34.63
C GLY D 353 -7.23 4.80 33.53
N HIS D 354 -6.34 4.23 32.73
CA HIS D 354 -5.68 4.94 31.64
C HIS D 354 -6.50 4.77 30.37
N CYS D 355 -7.21 5.83 29.97
CA CYS D 355 -8.02 5.83 28.77
C CYS D 355 -7.59 6.97 27.86
N THR D 356 -7.69 6.74 26.55
CA THR D 356 -7.32 7.73 25.55
C THR D 356 -8.15 7.52 24.30
N ALA D 357 -8.82 8.58 23.84
CA ALA D 357 -9.64 8.47 22.64
C ALA D 357 -8.79 8.27 21.39
N LYS D 358 -7.57 8.82 21.40
CA LYS D 358 -6.67 8.68 20.25
C LYS D 358 -6.38 7.22 19.97
N ASP D 359 -6.00 6.46 21.00
CA ASP D 359 -5.70 5.05 20.80
C ASP D 359 -6.94 4.25 20.45
N CYS D 360 -8.09 4.62 21.03
CA CYS D 360 -9.33 3.91 20.72
C CYS D 360 -9.74 4.10 19.27
N ALA D 361 -9.48 5.29 18.72
CA ALA D 361 -9.76 5.51 17.30
C ALA D 361 -8.71 4.83 16.43
N GLY D 362 -7.44 4.84 16.86
CA GLY D 362 -6.39 4.25 16.06
C GLY D 362 -6.53 2.75 15.91
N VAL D 363 -6.88 2.06 17.01
CA VAL D 363 -7.01 0.61 16.93
C VAL D 363 -8.10 0.21 15.95
N ILE D 364 -9.25 0.88 16.00
CA ILE D 364 -10.34 0.50 15.10
C ILE D 364 -10.08 0.92 13.67
N LEU D 365 -9.44 2.07 13.44
CA LEU D 365 -9.13 2.44 12.05
C LEU D 365 -8.11 1.49 11.44
N TYR D 366 -7.08 1.11 12.21
CA TYR D 366 -6.10 0.15 11.71
C TYR D 366 -6.72 -1.21 11.48
N SER D 367 -7.60 -1.63 12.40
CA SER D 367 -8.27 -2.93 12.24
C SER D 367 -9.11 -2.95 10.98
N ALA D 368 -9.87 -1.87 10.72
CA ALA D 368 -10.70 -1.82 9.52
C ALA D 368 -9.85 -1.78 8.25
N GLU D 369 -8.79 -0.96 8.25
CA GLU D 369 -7.95 -0.86 7.08
C GLU D 369 -7.23 -2.17 6.77
N CYS D 370 -6.89 -2.95 7.81
CA CYS D 370 -6.27 -4.24 7.57
C CYS D 370 -7.31 -5.28 7.16
N ALA D 371 -8.51 -5.23 7.76
CA ALA D 371 -9.53 -6.21 7.46
C ALA D 371 -10.04 -6.09 6.04
N THR D 372 -10.11 -4.87 5.51
CA THR D 372 -10.50 -4.71 4.11
C THR D 372 -9.55 -5.44 3.18
N GLN D 373 -8.24 -5.22 3.36
CA GLN D 373 -7.25 -5.87 2.51
C GLN D 373 -7.22 -7.38 2.73
N VAL D 374 -7.45 -7.82 3.98
CA VAL D 374 -7.45 -9.26 4.26
C VAL D 374 -8.65 -9.92 3.59
N ALA D 375 -9.81 -9.26 3.59
CA ALA D 375 -10.97 -9.81 2.90
C ALA D 375 -10.74 -9.82 1.38
N LEU D 376 -10.09 -8.78 0.86
CA LEU D 376 -9.75 -8.78 -0.56
C LEU D 376 -8.83 -9.95 -0.91
N ASP D 377 -7.82 -10.20 -0.08
CA ASP D 377 -6.92 -11.33 -0.33
C ASP D 377 -7.63 -12.66 -0.19
N GLY D 378 -8.54 -12.78 0.78
CA GLY D 378 -9.29 -14.01 0.95
C GLY D 378 -10.21 -14.30 -0.23
N ILE D 379 -10.81 -13.26 -0.81
CA ILE D 379 -11.58 -13.45 -2.03
C ILE D 379 -10.64 -13.80 -3.19
N GLN D 380 -9.44 -13.23 -3.19
CA GLN D 380 -8.48 -13.54 -4.24
C GLN D 380 -8.00 -14.98 -4.17
N CYS D 381 -7.91 -15.54 -2.96
CA CYS D 381 -7.44 -16.92 -2.80
C CYS D 381 -8.45 -17.94 -3.29
N PHE D 382 -9.74 -17.59 -3.34
CA PHE D 382 -10.76 -18.52 -3.80
C PHE D 382 -10.97 -18.49 -5.31
N GLY D 383 -10.59 -17.41 -5.98
CA GLY D 383 -10.76 -17.35 -7.43
C GLY D 383 -12.22 -17.15 -7.79
N GLY D 384 -12.75 -18.07 -8.58
CA GLY D 384 -14.13 -17.95 -9.03
C GLY D 384 -15.14 -18.17 -7.91
N ASN D 385 -14.84 -19.10 -7.01
CA ASN D 385 -15.77 -19.42 -5.93
C ASN D 385 -15.93 -18.27 -4.95
N GLY D 386 -14.95 -17.38 -4.85
CA GLY D 386 -15.06 -16.24 -3.96
C GLY D 386 -15.93 -15.11 -4.46
N TYR D 387 -16.51 -15.26 -5.66
CA TYR D 387 -17.33 -14.22 -6.25
C TYR D 387 -18.83 -14.49 -6.13
N ILE D 388 -19.24 -15.76 -6.22
CA ILE D 388 -20.65 -16.08 -6.09
C ILE D 388 -21.11 -15.91 -4.65
N ASN D 389 -22.43 -15.83 -4.47
CA ASN D 389 -23.03 -15.68 -3.15
C ASN D 389 -23.13 -16.99 -2.38
N ASP D 390 -22.75 -18.11 -3.00
CA ASP D 390 -22.75 -19.39 -2.30
C ASP D 390 -21.62 -19.49 -1.28
N PHE D 391 -20.68 -18.55 -1.29
CA PHE D 391 -19.58 -18.50 -0.34
C PHE D 391 -19.59 -17.17 0.41
N PRO D 392 -19.16 -17.16 1.67
CA PRO D 392 -19.22 -15.91 2.45
C PRO D 392 -18.11 -14.93 2.14
N MET D 393 -17.40 -15.15 1.03
CA MET D 393 -16.28 -14.29 0.67
C MET D 393 -16.75 -12.86 0.40
N GLY D 394 -17.73 -12.71 -0.49
CA GLY D 394 -18.24 -11.37 -0.77
C GLY D 394 -18.96 -10.75 0.41
N ARG D 395 -19.62 -11.57 1.23
CA ARG D 395 -20.29 -11.07 2.42
C ARG D 395 -19.30 -10.42 3.38
N PHE D 396 -18.19 -11.11 3.66
CA PHE D 396 -17.19 -10.58 4.56
C PHE D 396 -16.51 -9.33 4.00
N LEU D 397 -16.43 -9.22 2.68
CA LEU D 397 -15.90 -8.01 2.06
C LEU D 397 -16.87 -6.85 2.25
N ARG D 398 -18.15 -7.07 1.97
CA ARG D 398 -19.15 -6.03 2.15
C ARG D 398 -19.28 -5.64 3.62
N ASP D 399 -19.07 -6.60 4.53
CA ASP D 399 -19.18 -6.31 5.95
C ASP D 399 -17.97 -5.51 6.44
N ALA D 400 -16.79 -5.76 5.86
CA ALA D 400 -15.58 -5.08 6.31
C ALA D 400 -15.60 -3.60 5.96
N LYS D 401 -16.32 -3.22 4.90
CA LYS D 401 -16.32 -1.82 4.47
C LYS D 401 -17.09 -0.91 5.41
N LEU D 402 -17.87 -1.48 6.34
CA LEU D 402 -18.66 -0.65 7.26
C LEU D 402 -17.77 0.11 8.23
N TYR D 403 -16.83 -0.59 8.86
CA TYR D 403 -16.01 0.01 9.90
C TYR D 403 -15.10 1.13 9.39
N GLU D 404 -14.94 1.26 8.07
CA GLU D 404 -14.14 2.35 7.52
C GLU D 404 -14.95 3.63 7.37
N ILE D 405 -16.23 3.53 7.05
CA ILE D 405 -17.10 4.69 6.87
C ILE D 405 -18.08 4.83 8.03
N GLY D 406 -18.58 3.72 8.56
CA GLY D 406 -19.50 3.78 9.67
C GLY D 406 -18.80 3.88 11.01
N ALA D 407 -19.57 4.32 12.01
CA ALA D 407 -19.07 4.49 13.37
C ALA D 407 -17.86 5.43 13.40
N GLY D 408 -17.87 6.44 12.54
CA GLY D 408 -16.77 7.37 12.45
C GLY D 408 -15.81 7.03 11.33
N THR D 409 -15.70 7.91 10.33
CA THR D 409 -14.82 7.66 9.21
C THR D 409 -13.35 7.76 9.65
N SER D 410 -12.46 7.28 8.79
CA SER D 410 -11.04 7.31 9.09
C SER D 410 -10.51 8.75 9.13
N GLU D 411 -11.09 9.65 8.34
CA GLU D 411 -10.65 11.03 8.33
C GLU D 411 -10.91 11.70 9.68
N VAL D 412 -12.08 11.43 10.27
CA VAL D 412 -12.40 12.00 11.58
C VAL D 412 -11.40 11.52 12.63
N ARG D 413 -11.07 10.23 12.60
CA ARG D 413 -10.13 9.68 13.58
C ARG D 413 -8.73 10.25 13.37
N ARG D 414 -8.30 10.40 12.11
CA ARG D 414 -7.00 11.01 11.84
C ARG D 414 -6.97 12.45 12.33
N LEU D 415 -8.05 13.20 12.13
CA LEU D 415 -8.11 14.58 12.61
C LEU D 415 -8.08 14.63 14.12
N VAL D 416 -8.75 13.69 14.79
CA VAL D 416 -8.74 13.64 16.25
C VAL D 416 -7.32 13.37 16.76
N ILE D 417 -6.62 12.41 16.13
CA ILE D 417 -5.26 12.10 16.54
C ILE D 417 -4.35 13.29 16.30
N GLY D 418 -4.55 13.98 15.18
CA GLY D 418 -3.76 15.18 14.89
C GLY D 418 -3.97 16.29 15.89
N ARG D 419 -5.23 16.52 16.27
CA ARG D 419 -5.52 17.53 17.28
C ARG D 419 -4.98 17.14 18.65
N ALA D 420 -4.97 15.83 18.96
CA ALA D 420 -4.38 15.38 20.21
C ALA D 420 -2.87 15.52 20.21
N PHE D 421 -2.23 15.37 19.05
CA PHE D 421 -0.78 15.56 18.93
C PHE D 421 -0.37 17.02 18.92
N ASN D 422 -1.21 17.90 18.36
CA ASN D 422 -0.89 19.32 18.32
C ASN D 422 -1.18 20.03 19.63
N ALA D 423 -2.00 19.43 20.50
CA ALA D 423 -2.31 20.06 21.78
C ALA D 423 -1.10 20.04 22.70
N ASP D 424 -0.33 18.95 22.68
CA ASP D 424 0.85 18.84 23.53
C ASP D 424 1.98 19.73 23.02
#